data_1WU9
# 
_entry.id   1WU9 
# 
_audit_conform.dict_name       mmcif_pdbx.dic 
_audit_conform.dict_version    5.388 
_audit_conform.dict_location   http://mmcif.pdb.org/dictionaries/ascii/mmcif_pdbx.dic 
# 
loop_
_database_2.database_id 
_database_2.database_code 
_database_2.pdbx_database_accession 
_database_2.pdbx_DOI 
PDB   1WU9         pdb_00001wu9 10.2210/pdb1wu9/pdb 
RCSB  RCSB024005   ?            ?                   
WWPDB D_1000024005 ?            ?                   
# 
loop_
_pdbx_audit_revision_history.ordinal 
_pdbx_audit_revision_history.data_content_type 
_pdbx_audit_revision_history.major_revision 
_pdbx_audit_revision_history.minor_revision 
_pdbx_audit_revision_history.revision_date 
1 'Structure model' 1 0 2005-02-01 
2 'Structure model' 1 1 2008-04-30 
3 'Structure model' 1 2 2011-07-13 
4 'Structure model' 1 3 2017-10-11 
5 'Structure model' 1 4 2024-03-13 
# 
_pdbx_audit_revision_details.ordinal             1 
_pdbx_audit_revision_details.revision_ordinal    1 
_pdbx_audit_revision_details.data_content_type   'Structure model' 
_pdbx_audit_revision_details.provider            repository 
_pdbx_audit_revision_details.type                'Initial release' 
_pdbx_audit_revision_details.description         ? 
_pdbx_audit_revision_details.details             ? 
# 
loop_
_pdbx_audit_revision_group.ordinal 
_pdbx_audit_revision_group.revision_ordinal 
_pdbx_audit_revision_group.data_content_type 
_pdbx_audit_revision_group.group 
1 2 'Structure model' 'Version format compliance' 
2 3 'Structure model' 'Version format compliance' 
3 4 'Structure model' 'Refinement description'    
4 5 'Structure model' 'Data collection'           
5 5 'Structure model' 'Database references'       
# 
loop_
_pdbx_audit_revision_category.ordinal 
_pdbx_audit_revision_category.revision_ordinal 
_pdbx_audit_revision_category.data_content_type 
_pdbx_audit_revision_category.category 
1 4 'Structure model' software           
2 5 'Structure model' chem_comp_atom     
3 5 'Structure model' chem_comp_bond     
4 5 'Structure model' database_2         
5 5 'Structure model' struct_ref_seq_dif 
# 
loop_
_pdbx_audit_revision_item.ordinal 
_pdbx_audit_revision_item.revision_ordinal 
_pdbx_audit_revision_item.data_content_type 
_pdbx_audit_revision_item.item 
1 4 'Structure model' '_software.classification'            
2 4 'Structure model' '_software.name'                      
3 5 'Structure model' '_database_2.pdbx_DOI'                
4 5 'Structure model' '_database_2.pdbx_database_accession' 
5 5 'Structure model' '_struct_ref_seq_dif.details'         
# 
_pdbx_database_status.status_code                     REL 
_pdbx_database_status.entry_id                        1WU9 
_pdbx_database_status.recvd_initial_deposition_date   2004-12-02 
_pdbx_database_status.deposit_site                    PDBJ 
_pdbx_database_status.process_site                    PDBJ 
_pdbx_database_status.status_code_sf                  REL 
_pdbx_database_status.status_code_mr                  ? 
_pdbx_database_status.SG_entry                        ? 
_pdbx_database_status.pdb_format_compatible           Y 
_pdbx_database_status.status_code_cs                  ? 
_pdbx_database_status.methods_development_category    ? 
_pdbx_database_status.status_code_nmr_data            ? 
# 
loop_
_audit_author.name 
_audit_author.pdbx_ordinal 
'Honnappa, S.'    1 
'John, C.M.'      2 
'Kostrewa, D.'    3 
'Winkler, F.K.'   4 
'Steinmetz, M.O.' 5 
# 
_citation.id                        primary 
_citation.title                     'Structural insights into the EB1-APC interaction' 
_citation.journal_abbrev            'Embo J.' 
_citation.journal_volume            24 
_citation.page_first                261 
_citation.page_last                 269 
_citation.year                      2005 
_citation.journal_id_ASTM           EMJODG 
_citation.country                   UK 
_citation.journal_id_ISSN           0261-4189 
_citation.journal_id_CSD            0897 
_citation.book_publisher            ? 
_citation.pdbx_database_id_PubMed   15616574 
_citation.pdbx_database_id_DOI      10.1038/sj.emboj.7600529 
# 
loop_
_citation_author.citation_id 
_citation_author.name 
_citation_author.ordinal 
_citation_author.identifier_ORCID 
primary 'Honnappa, S.'    1 ? 
primary 'John, C.M.'      2 ? 
primary 'Kostrewa, D.'    3 ? 
primary 'Winkler, F.K.'   4 ? 
primary 'Steinmetz, M.O.' 5 ? 
# 
loop_
_entity.id 
_entity.type 
_entity.src_method 
_entity.pdbx_description 
_entity.formula_weight 
_entity.pdbx_number_of_molecules 
_entity.pdbx_ec 
_entity.pdbx_mutation 
_entity.pdbx_fragment 
_entity.details 
1 polymer man 'Microtubule-associated protein RP/EB family member 1' 9212.031 2   ? ? 'C-terminal domain' ? 
2 water   nat water                                                  18.015   119 ? ? ?                   ? 
# 
_entity_name_com.entity_id   1 
_entity_name_com.name        'APC-binding protein EB1' 
# 
_entity_poly.entity_id                      1 
_entity_poly.type                           'polypeptide(L)' 
_entity_poly.nstd_linkage                   no 
_entity_poly.nstd_monomer                   no 
_entity_poly.pdbx_seq_one_letter_code       GSDEAAELMQQVNVLKLTVEDLEKERDFYFGKLRNIELICQENEGENDPVLQRIVDILYATDEGFVIPDEGGPQEEQEEY 
_entity_poly.pdbx_seq_one_letter_code_can   GSDEAAELMQQVNVLKLTVEDLEKERDFYFGKLRNIELICQENEGENDPVLQRIVDILYATDEGFVIPDEGGPQEEQEEY 
_entity_poly.pdbx_strand_id                 A,B 
_entity_poly.pdbx_target_identifier         ? 
# 
_pdbx_entity_nonpoly.entity_id   2 
_pdbx_entity_nonpoly.name        water 
_pdbx_entity_nonpoly.comp_id     HOH 
# 
loop_
_entity_poly_seq.entity_id 
_entity_poly_seq.num 
_entity_poly_seq.mon_id 
_entity_poly_seq.hetero 
1 1  GLY n 
1 2  SER n 
1 3  ASP n 
1 4  GLU n 
1 5  ALA n 
1 6  ALA n 
1 7  GLU n 
1 8  LEU n 
1 9  MET n 
1 10 GLN n 
1 11 GLN n 
1 12 VAL n 
1 13 ASN n 
1 14 VAL n 
1 15 LEU n 
1 16 LYS n 
1 17 LEU n 
1 18 THR n 
1 19 VAL n 
1 20 GLU n 
1 21 ASP n 
1 22 LEU n 
1 23 GLU n 
1 24 LYS n 
1 25 GLU n 
1 26 ARG n 
1 27 ASP n 
1 28 PHE n 
1 29 TYR n 
1 30 PHE n 
1 31 GLY n 
1 32 LYS n 
1 33 LEU n 
1 34 ARG n 
1 35 ASN n 
1 36 ILE n 
1 37 GLU n 
1 38 LEU n 
1 39 ILE n 
1 40 CYS n 
1 41 GLN n 
1 42 GLU n 
1 43 ASN n 
1 44 GLU n 
1 45 GLY n 
1 46 GLU n 
1 47 ASN n 
1 48 ASP n 
1 49 PRO n 
1 50 VAL n 
1 51 LEU n 
1 52 GLN n 
1 53 ARG n 
1 54 ILE n 
1 55 VAL n 
1 56 ASP n 
1 57 ILE n 
1 58 LEU n 
1 59 TYR n 
1 60 ALA n 
1 61 THR n 
1 62 ASP n 
1 63 GLU n 
1 64 GLY n 
1 65 PHE n 
1 66 VAL n 
1 67 ILE n 
1 68 PRO n 
1 69 ASP n 
1 70 GLU n 
1 71 GLY n 
1 72 GLY n 
1 73 PRO n 
1 74 GLN n 
1 75 GLU n 
1 76 GLU n 
1 77 GLN n 
1 78 GLU n 
1 79 GLU n 
1 80 TYR n 
# 
_entity_src_gen.entity_id                          1 
_entity_src_gen.pdbx_src_id                        1 
_entity_src_gen.pdbx_alt_source_flag               sample 
_entity_src_gen.pdbx_seq_type                      ? 
_entity_src_gen.pdbx_beg_seq_num                   ? 
_entity_src_gen.pdbx_end_seq_num                   ? 
_entity_src_gen.gene_src_common_name               human 
_entity_src_gen.gene_src_genus                     Homo 
_entity_src_gen.pdbx_gene_src_gene                 EB1 
_entity_src_gen.gene_src_species                   ? 
_entity_src_gen.gene_src_strain                    ? 
_entity_src_gen.gene_src_tissue                    ? 
_entity_src_gen.gene_src_tissue_fraction           ? 
_entity_src_gen.gene_src_details                   ? 
_entity_src_gen.pdbx_gene_src_fragment             ? 
_entity_src_gen.pdbx_gene_src_scientific_name      'Homo sapiens' 
_entity_src_gen.pdbx_gene_src_ncbi_taxonomy_id     9606 
_entity_src_gen.pdbx_gene_src_variant              ? 
_entity_src_gen.pdbx_gene_src_cell_line            ? 
_entity_src_gen.pdbx_gene_src_atcc                 ? 
_entity_src_gen.pdbx_gene_src_organ                ? 
_entity_src_gen.pdbx_gene_src_organelle            ? 
_entity_src_gen.pdbx_gene_src_cell                 ? 
_entity_src_gen.pdbx_gene_src_cellular_location    ? 
_entity_src_gen.host_org_common_name               ? 
_entity_src_gen.pdbx_host_org_scientific_name      'Escherichia coli BL21(DE3)' 
_entity_src_gen.pdbx_host_org_ncbi_taxonomy_id     469008 
_entity_src_gen.host_org_genus                     Escherichia 
_entity_src_gen.pdbx_host_org_gene                 ? 
_entity_src_gen.pdbx_host_org_organ                ? 
_entity_src_gen.host_org_species                   'Escherichia coli' 
_entity_src_gen.pdbx_host_org_tissue               ? 
_entity_src_gen.pdbx_host_org_tissue_fraction      ? 
_entity_src_gen.pdbx_host_org_strain               'BL21(DE3)' 
_entity_src_gen.pdbx_host_org_variant              ? 
_entity_src_gen.pdbx_host_org_cell_line            ? 
_entity_src_gen.pdbx_host_org_atcc                 ? 
_entity_src_gen.pdbx_host_org_culture_collection   ? 
_entity_src_gen.pdbx_host_org_cell                 ? 
_entity_src_gen.pdbx_host_org_organelle            ? 
_entity_src_gen.pdbx_host_org_cellular_location    ? 
_entity_src_gen.pdbx_host_org_vector_type          Plasmid 
_entity_src_gen.pdbx_host_org_vector               ? 
_entity_src_gen.host_org_details                   ? 
_entity_src_gen.expression_system_id               ? 
_entity_src_gen.plasmid_name                       pET-15b 
_entity_src_gen.plasmid_details                    ? 
_entity_src_gen.pdbx_description                   ? 
# 
loop_
_chem_comp.id 
_chem_comp.type 
_chem_comp.mon_nstd_flag 
_chem_comp.name 
_chem_comp.pdbx_synonyms 
_chem_comp.formula 
_chem_comp.formula_weight 
ALA 'L-peptide linking' y ALANINE         ? 'C3 H7 N O2'     89.093  
ARG 'L-peptide linking' y ARGININE        ? 'C6 H15 N4 O2 1' 175.209 
ASN 'L-peptide linking' y ASPARAGINE      ? 'C4 H8 N2 O3'    132.118 
ASP 'L-peptide linking' y 'ASPARTIC ACID' ? 'C4 H7 N O4'     133.103 
CYS 'L-peptide linking' y CYSTEINE        ? 'C3 H7 N O2 S'   121.158 
GLN 'L-peptide linking' y GLUTAMINE       ? 'C5 H10 N2 O3'   146.144 
GLU 'L-peptide linking' y 'GLUTAMIC ACID' ? 'C5 H9 N O4'     147.129 
GLY 'peptide linking'   y GLYCINE         ? 'C2 H5 N O2'     75.067  
HOH non-polymer         . WATER           ? 'H2 O'           18.015  
ILE 'L-peptide linking' y ISOLEUCINE      ? 'C6 H13 N O2'    131.173 
LEU 'L-peptide linking' y LEUCINE         ? 'C6 H13 N O2'    131.173 
LYS 'L-peptide linking' y LYSINE          ? 'C6 H15 N2 O2 1' 147.195 
MET 'L-peptide linking' y METHIONINE      ? 'C5 H11 N O2 S'  149.211 
PHE 'L-peptide linking' y PHENYLALANINE   ? 'C9 H11 N O2'    165.189 
PRO 'L-peptide linking' y PROLINE         ? 'C5 H9 N O2'     115.130 
SER 'L-peptide linking' y SERINE          ? 'C3 H7 N O3'     105.093 
THR 'L-peptide linking' y THREONINE       ? 'C4 H9 N O3'     119.119 
TYR 'L-peptide linking' y TYROSINE        ? 'C9 H11 N O3'    181.189 
VAL 'L-peptide linking' y VALINE          ? 'C5 H11 N O2'    117.146 
# 
loop_
_pdbx_poly_seq_scheme.asym_id 
_pdbx_poly_seq_scheme.entity_id 
_pdbx_poly_seq_scheme.seq_id 
_pdbx_poly_seq_scheme.mon_id 
_pdbx_poly_seq_scheme.ndb_seq_num 
_pdbx_poly_seq_scheme.pdb_seq_num 
_pdbx_poly_seq_scheme.auth_seq_num 
_pdbx_poly_seq_scheme.pdb_mon_id 
_pdbx_poly_seq_scheme.auth_mon_id 
_pdbx_poly_seq_scheme.pdb_strand_id 
_pdbx_poly_seq_scheme.pdb_ins_code 
_pdbx_poly_seq_scheme.hetero 
A 1 1  GLY 1  189 ?   ?   ?   A . n 
A 1 2  SER 2  190 ?   ?   ?   A . n 
A 1 3  ASP 3  191 191 ASP ASP A . n 
A 1 4  GLU 4  192 192 GLU GLU A . n 
A 1 5  ALA 5  193 193 ALA ALA A . n 
A 1 6  ALA 6  194 194 ALA ALA A . n 
A 1 7  GLU 7  195 195 GLU GLU A . n 
A 1 8  LEU 8  196 196 LEU LEU A . n 
A 1 9  MET 9  197 197 MET MET A . n 
A 1 10 GLN 10 198 198 GLN GLN A . n 
A 1 11 GLN 11 199 199 GLN GLN A . n 
A 1 12 VAL 12 200 200 VAL VAL A . n 
A 1 13 ASN 13 201 201 ASN ASN A . n 
A 1 14 VAL 14 202 202 VAL VAL A . n 
A 1 15 LEU 15 203 203 LEU LEU A . n 
A 1 16 LYS 16 204 204 LYS LYS A . n 
A 1 17 LEU 17 205 205 LEU LEU A . n 
A 1 18 THR 18 206 206 THR THR A . n 
A 1 19 VAL 19 207 207 VAL VAL A . n 
A 1 20 GLU 20 208 208 GLU GLU A . n 
A 1 21 ASP 21 209 209 ASP ASP A . n 
A 1 22 LEU 22 210 210 LEU LEU A . n 
A 1 23 GLU 23 211 211 GLU GLU A . n 
A 1 24 LYS 24 212 212 LYS LYS A . n 
A 1 25 GLU 25 213 213 GLU GLU A . n 
A 1 26 ARG 26 214 214 ARG ARG A . n 
A 1 27 ASP 27 215 215 ASP ASP A . n 
A 1 28 PHE 28 216 216 PHE PHE A . n 
A 1 29 TYR 29 217 217 TYR TYR A . n 
A 1 30 PHE 30 218 218 PHE PHE A . n 
A 1 31 GLY 31 219 219 GLY GLY A . n 
A 1 32 LYS 32 220 220 LYS LYS A . n 
A 1 33 LEU 33 221 221 LEU LEU A . n 
A 1 34 ARG 34 222 222 ARG ARG A . n 
A 1 35 ASN 35 223 223 ASN ASN A . n 
A 1 36 ILE 36 224 224 ILE ILE A . n 
A 1 37 GLU 37 225 225 GLU GLU A . n 
A 1 38 LEU 38 226 226 LEU LEU A . n 
A 1 39 ILE 39 227 227 ILE ILE A . n 
A 1 40 CYS 40 228 228 CYS CYS A . n 
A 1 41 GLN 41 229 229 GLN GLN A . n 
A 1 42 GLU 42 230 230 GLU GLU A . n 
A 1 43 ASN 43 231 231 ASN ASN A . n 
A 1 44 GLU 44 232 232 GLU GLU A . n 
A 1 45 GLY 45 233 233 GLY GLY A . n 
A 1 46 GLU 46 234 234 GLU GLU A . n 
A 1 47 ASN 47 235 235 ASN ASN A . n 
A 1 48 ASP 48 236 236 ASP ASP A . n 
A 1 49 PRO 49 237 237 PRO PRO A . n 
A 1 50 VAL 50 238 238 VAL VAL A . n 
A 1 51 LEU 51 239 239 LEU LEU A . n 
A 1 52 GLN 52 240 240 GLN GLN A . n 
A 1 53 ARG 53 241 241 ARG ARG A . n 
A 1 54 ILE 54 242 242 ILE ILE A . n 
A 1 55 VAL 55 243 243 VAL VAL A . n 
A 1 56 ASP 56 244 244 ASP ASP A . n 
A 1 57 ILE 57 245 245 ILE ILE A . n 
A 1 58 LEU 58 246 246 LEU LEU A . n 
A 1 59 TYR 59 247 247 TYR TYR A . n 
A 1 60 ALA 60 248 248 ALA ALA A . n 
A 1 61 THR 61 249 249 THR THR A . n 
A 1 62 ASP 62 250 ?   ?   ?   A . n 
A 1 63 GLU 63 251 ?   ?   ?   A . n 
A 1 64 GLY 64 252 ?   ?   ?   A . n 
A 1 65 PHE 65 253 ?   ?   ?   A . n 
A 1 66 VAL 66 254 ?   ?   ?   A . n 
A 1 67 ILE 67 255 ?   ?   ?   A . n 
A 1 68 PRO 68 256 ?   ?   ?   A . n 
A 1 69 ASP 69 257 ?   ?   ?   A . n 
A 1 70 GLU 70 258 ?   ?   ?   A . n 
A 1 71 GLY 71 259 ?   ?   ?   A . n 
A 1 72 GLY 72 260 ?   ?   ?   A . n 
A 1 73 PRO 73 261 ?   ?   ?   A . n 
A 1 74 GLN 74 262 ?   ?   ?   A . n 
A 1 75 GLU 75 263 ?   ?   ?   A . n 
A 1 76 GLU 76 264 ?   ?   ?   A . n 
A 1 77 GLN 77 265 ?   ?   ?   A . n 
A 1 78 GLU 78 266 ?   ?   ?   A . n 
A 1 79 GLU 79 267 ?   ?   ?   A . n 
A 1 80 TYR 80 268 ?   ?   ?   A . n 
B 1 1  GLY 1  189 ?   ?   ?   B . n 
B 1 2  SER 2  190 ?   ?   ?   B . n 
B 1 3  ASP 3  191 191 ASP ASP B . n 
B 1 4  GLU 4  192 192 GLU GLU B . n 
B 1 5  ALA 5  193 193 ALA ALA B . n 
B 1 6  ALA 6  194 194 ALA ALA B . n 
B 1 7  GLU 7  195 195 GLU GLU B . n 
B 1 8  LEU 8  196 196 LEU LEU B . n 
B 1 9  MET 9  197 197 MET MET B . n 
B 1 10 GLN 10 198 198 GLN GLN B . n 
B 1 11 GLN 11 199 199 GLN GLN B . n 
B 1 12 VAL 12 200 200 VAL VAL B . n 
B 1 13 ASN 13 201 201 ASN ASN B . n 
B 1 14 VAL 14 202 202 VAL VAL B . n 
B 1 15 LEU 15 203 203 LEU LEU B . n 
B 1 16 LYS 16 204 204 LYS LYS B . n 
B 1 17 LEU 17 205 205 LEU LEU B . n 
B 1 18 THR 18 206 206 THR THR B . n 
B 1 19 VAL 19 207 207 VAL VAL B . n 
B 1 20 GLU 20 208 208 GLU GLU B . n 
B 1 21 ASP 21 209 209 ASP ASP B . n 
B 1 22 LEU 22 210 210 LEU LEU B . n 
B 1 23 GLU 23 211 211 GLU GLU B . n 
B 1 24 LYS 24 212 212 LYS LYS B . n 
B 1 25 GLU 25 213 213 GLU GLU B . n 
B 1 26 ARG 26 214 214 ARG ARG B . n 
B 1 27 ASP 27 215 215 ASP ASP B . n 
B 1 28 PHE 28 216 216 PHE PHE B . n 
B 1 29 TYR 29 217 217 TYR TYR B . n 
B 1 30 PHE 30 218 218 PHE PHE B . n 
B 1 31 GLY 31 219 219 GLY GLY B . n 
B 1 32 LYS 32 220 220 LYS LYS B . n 
B 1 33 LEU 33 221 221 LEU LEU B . n 
B 1 34 ARG 34 222 222 ARG ARG B . n 
B 1 35 ASN 35 223 223 ASN ASN B . n 
B 1 36 ILE 36 224 224 ILE ILE B . n 
B 1 37 GLU 37 225 225 GLU GLU B . n 
B 1 38 LEU 38 226 226 LEU LEU B . n 
B 1 39 ILE 39 227 227 ILE ILE B . n 
B 1 40 CYS 40 228 228 CYS CYS B . n 
B 1 41 GLN 41 229 229 GLN GLN B . n 
B 1 42 GLU 42 230 230 GLU GLU B . n 
B 1 43 ASN 43 231 231 ASN ASN B . n 
B 1 44 GLU 44 232 232 GLU GLU B . n 
B 1 45 GLY 45 233 233 GLY GLY B . n 
B 1 46 GLU 46 234 234 GLU GLU B . n 
B 1 47 ASN 47 235 235 ASN ASN B . n 
B 1 48 ASP 48 236 236 ASP ASP B . n 
B 1 49 PRO 49 237 237 PRO PRO B . n 
B 1 50 VAL 50 238 238 VAL VAL B . n 
B 1 51 LEU 51 239 239 LEU LEU B . n 
B 1 52 GLN 52 240 240 GLN GLN B . n 
B 1 53 ARG 53 241 241 ARG ARG B . n 
B 1 54 ILE 54 242 242 ILE ILE B . n 
B 1 55 VAL 55 243 243 VAL VAL B . n 
B 1 56 ASP 56 244 244 ASP ASP B . n 
B 1 57 ILE 57 245 245 ILE ILE B . n 
B 1 58 LEU 58 246 246 LEU LEU B . n 
B 1 59 TYR 59 247 247 TYR TYR B . n 
B 1 60 ALA 60 248 248 ALA ALA B . n 
B 1 61 THR 61 249 249 THR THR B . n 
B 1 62 ASP 62 250 250 ASP ASP B . n 
B 1 63 GLU 63 251 251 GLU GLU B . n 
B 1 64 GLY 64 252 252 GLY GLY B . n 
B 1 65 PHE 65 253 253 PHE PHE B . n 
B 1 66 VAL 66 254 254 VAL VAL B . n 
B 1 67 ILE 67 255 255 ILE ILE B . n 
B 1 68 PRO 68 256 256 PRO PRO B . n 
B 1 69 ASP 69 257 257 ASP ASP B . n 
B 1 70 GLU 70 258 ?   ?   ?   B . n 
B 1 71 GLY 71 259 ?   ?   ?   B . n 
B 1 72 GLY 72 260 ?   ?   ?   B . n 
B 1 73 PRO 73 261 ?   ?   ?   B . n 
B 1 74 GLN 74 262 ?   ?   ?   B . n 
B 1 75 GLU 75 263 ?   ?   ?   B . n 
B 1 76 GLU 76 264 ?   ?   ?   B . n 
B 1 77 GLN 77 265 ?   ?   ?   B . n 
B 1 78 GLU 78 266 ?   ?   ?   B . n 
B 1 79 GLU 79 267 ?   ?   ?   B . n 
B 1 80 TYR 80 268 ?   ?   ?   B . n 
# 
loop_
_pdbx_nonpoly_scheme.asym_id 
_pdbx_nonpoly_scheme.entity_id 
_pdbx_nonpoly_scheme.mon_id 
_pdbx_nonpoly_scheme.ndb_seq_num 
_pdbx_nonpoly_scheme.pdb_seq_num 
_pdbx_nonpoly_scheme.auth_seq_num 
_pdbx_nonpoly_scheme.pdb_mon_id 
_pdbx_nonpoly_scheme.auth_mon_id 
_pdbx_nonpoly_scheme.pdb_strand_id 
_pdbx_nonpoly_scheme.pdb_ins_code 
C 2 HOH 1  1   1   HOH HOH A . 
C 2 HOH 2  3   3   HOH HOH A . 
C 2 HOH 3  4   4   HOH HOH A . 
C 2 HOH 4  11  11  HOH HOH A . 
C 2 HOH 5  13  13  HOH HOH A . 
C 2 HOH 6  14  14  HOH HOH A . 
C 2 HOH 7  15  15  HOH HOH A . 
C 2 HOH 8  16  16  HOH HOH A . 
C 2 HOH 9  18  18  HOH HOH A . 
C 2 HOH 10 19  19  HOH HOH A . 
C 2 HOH 11 21  21  HOH HOH A . 
C 2 HOH 12 24  24  HOH HOH A . 
C 2 HOH 13 25  25  HOH HOH A . 
C 2 HOH 14 26  26  HOH HOH A . 
C 2 HOH 15 27  27  HOH HOH A . 
C 2 HOH 16 30  30  HOH HOH A . 
C 2 HOH 17 31  31  HOH HOH A . 
C 2 HOH 18 38  38  HOH HOH A . 
C 2 HOH 19 40  40  HOH HOH A . 
C 2 HOH 20 42  42  HOH HOH A . 
C 2 HOH 21 45  45  HOH HOH A . 
C 2 HOH 22 47  47  HOH HOH A . 
C 2 HOH 23 48  48  HOH HOH A . 
C 2 HOH 24 50  50  HOH HOH A . 
C 2 HOH 25 53  53  HOH HOH A . 
C 2 HOH 26 54  54  HOH HOH A . 
C 2 HOH 27 57  57  HOH HOH A . 
C 2 HOH 28 59  59  HOH HOH A . 
C 2 HOH 29 61  61  HOH HOH A . 
C 2 HOH 30 63  63  HOH HOH A . 
C 2 HOH 31 65  65  HOH HOH A . 
C 2 HOH 32 66  66  HOH HOH A . 
C 2 HOH 33 67  67  HOH HOH A . 
C 2 HOH 34 68  68  HOH HOH A . 
C 2 HOH 35 69  69  HOH HOH A . 
C 2 HOH 36 71  71  HOH HOH A . 
C 2 HOH 37 72  72  HOH HOH A . 
C 2 HOH 38 75  75  HOH HOH A . 
C 2 HOH 39 76  76  HOH HOH A . 
C 2 HOH 40 77  77  HOH HOH A . 
C 2 HOH 41 78  78  HOH HOH A . 
C 2 HOH 42 80  80  HOH HOH A . 
C 2 HOH 43 81  81  HOH HOH A . 
C 2 HOH 44 86  86  HOH HOH A . 
C 2 HOH 45 88  88  HOH HOH A . 
C 2 HOH 46 89  89  HOH HOH A . 
C 2 HOH 47 94  94  HOH HOH A . 
C 2 HOH 48 97  97  HOH HOH A . 
C 2 HOH 49 98  98  HOH HOH A . 
C 2 HOH 50 99  99  HOH HOH A . 
C 2 HOH 51 100 100 HOH HOH A . 
C 2 HOH 52 104 104 HOH HOH A . 
C 2 HOH 53 105 105 HOH HOH A . 
C 2 HOH 54 110 110 HOH HOH A . 
C 2 HOH 55 111 111 HOH HOH A . 
C 2 HOH 56 112 112 HOH HOH A . 
C 2 HOH 57 115 115 HOH HOH A . 
C 2 HOH 58 116 116 HOH HOH A . 
C 2 HOH 59 118 118 HOH HOH A . 
D 2 HOH 1  2   2   HOH HOH B . 
D 2 HOH 2  5   5   HOH HOH B . 
D 2 HOH 3  6   6   HOH HOH B . 
D 2 HOH 4  7   7   HOH HOH B . 
D 2 HOH 5  8   8   HOH HOH B . 
D 2 HOH 6  9   9   HOH HOH B . 
D 2 HOH 7  10  10  HOH HOH B . 
D 2 HOH 8  12  12  HOH HOH B . 
D 2 HOH 9  17  17  HOH HOH B . 
D 2 HOH 10 20  20  HOH HOH B . 
D 2 HOH 11 22  22  HOH HOH B . 
D 2 HOH 12 23  23  HOH HOH B . 
D 2 HOH 13 28  28  HOH HOH B . 
D 2 HOH 14 29  29  HOH HOH B . 
D 2 HOH 15 32  32  HOH HOH B . 
D 2 HOH 16 33  33  HOH HOH B . 
D 2 HOH 17 34  34  HOH HOH B . 
D 2 HOH 18 35  35  HOH HOH B . 
D 2 HOH 19 36  36  HOH HOH B . 
D 2 HOH 20 37  37  HOH HOH B . 
D 2 HOH 21 39  39  HOH HOH B . 
D 2 HOH 22 41  41  HOH HOH B . 
D 2 HOH 23 43  43  HOH HOH B . 
D 2 HOH 24 44  44  HOH HOH B . 
D 2 HOH 25 46  46  HOH HOH B . 
D 2 HOH 26 49  49  HOH HOH B . 
D 2 HOH 27 51  51  HOH HOH B . 
D 2 HOH 28 52  52  HOH HOH B . 
D 2 HOH 29 55  55  HOH HOH B . 
D 2 HOH 30 56  56  HOH HOH B . 
D 2 HOH 31 58  58  HOH HOH B . 
D 2 HOH 32 60  60  HOH HOH B . 
D 2 HOH 33 62  62  HOH HOH B . 
D 2 HOH 34 64  64  HOH HOH B . 
D 2 HOH 35 70  70  HOH HOH B . 
D 2 HOH 36 73  73  HOH HOH B . 
D 2 HOH 37 74  74  HOH HOH B . 
D 2 HOH 38 79  79  HOH HOH B . 
D 2 HOH 39 82  82  HOH HOH B . 
D 2 HOH 40 83  83  HOH HOH B . 
D 2 HOH 41 84  84  HOH HOH B . 
D 2 HOH 42 85  85  HOH HOH B . 
D 2 HOH 43 87  87  HOH HOH B . 
D 2 HOH 44 90  90  HOH HOH B . 
D 2 HOH 45 91  91  HOH HOH B . 
D 2 HOH 46 92  92  HOH HOH B . 
D 2 HOH 47 93  93  HOH HOH B . 
D 2 HOH 48 95  95  HOH HOH B . 
D 2 HOH 49 96  96  HOH HOH B . 
D 2 HOH 50 101 101 HOH HOH B . 
D 2 HOH 51 102 102 HOH HOH B . 
D 2 HOH 52 103 103 HOH HOH B . 
D 2 HOH 53 106 106 HOH HOH B . 
D 2 HOH 54 107 107 HOH HOH B . 
D 2 HOH 55 108 108 HOH HOH B . 
D 2 HOH 56 109 109 HOH HOH B . 
D 2 HOH 57 113 113 HOH HOH B . 
D 2 HOH 58 114 114 HOH HOH B . 
D 2 HOH 59 117 117 HOH HOH B . 
D 2 HOH 60 119 119 HOH HOH B . 
# 
loop_
_software.name 
_software.classification 
_software.version 
_software.citation_id 
_software.pdbx_ordinal 
REFMAC refinement        5.1.9999 ? 1 
MAR345 'data collection' .        ? 2 
XDS    'data scaling'    .        ? 3 
SHARP  phasing           .        ? 4 
# 
_cell.entry_id           1WU9 
_cell.length_a           32.0 
_cell.length_b           37.3 
_cell.length_c           56.5 
_cell.angle_alpha        90.0 
_cell.angle_beta         105.4 
_cell.angle_gamma        90.0 
_cell.Z_PDB              4 
_cell.pdbx_unique_axis   ? 
# 
_symmetry.entry_id                         1WU9 
_symmetry.space_group_name_H-M             'P 1 21 1' 
_symmetry.pdbx_full_space_group_name_H-M   ? 
_symmetry.cell_setting                     ? 
_symmetry.Int_Tables_number                4 
_symmetry.space_group_name_Hall            ? 
# 
_exptl.entry_id          1WU9 
_exptl.method            'X-RAY DIFFRACTION' 
_exptl.crystals_number   1 
# 
_exptl_crystal.id                    1 
_exptl_crystal.density_meas          ? 
_exptl_crystal.density_Matthews      1.76 
_exptl_crystal.density_percent_sol   30 
_exptl_crystal.description           ? 
_exptl_crystal.F_000                 ? 
_exptl_crystal.preparation           ? 
# 
_exptl_crystal_grow.crystal_id      1 
_exptl_crystal_grow.method          'VAPOR DIFFUSION, SITTING DROP' 
_exptl_crystal_grow.temp            298 
_exptl_crystal_grow.temp_details    ? 
_exptl_crystal_grow.pH              4.5 
_exptl_crystal_grow.pdbx_details    
'sodium citrate, PEG 3350, gamma-butyrolactone, pH 4.5, VAPOR DIFFUSION, SITTING DROP, temperature 298K' 
_exptl_crystal_grow.pdbx_pH_range   . 
# 
_diffrn.id                     1 
_diffrn.ambient_temp           100 
_diffrn.ambient_temp_details   ? 
_diffrn.crystal_id             1 
# 
_diffrn_detector.diffrn_id              1 
_diffrn_detector.detector               'IMAGE PLATE' 
_diffrn_detector.type                   'MAR scanner 345 mm plate' 
_diffrn_detector.pdbx_collection_date   2004-04-12 
_diffrn_detector.details                'Osmic mirrors' 
# 
_diffrn_radiation.diffrn_id                        1 
_diffrn_radiation.wavelength_id                    1 
_diffrn_radiation.pdbx_monochromatic_or_laue_m_l   M 
_diffrn_radiation.monochromator                    'Osmic mirrors' 
_diffrn_radiation.pdbx_diffrn_protocol             'SINGLE WAVELENGTH' 
_diffrn_radiation.pdbx_scattering_type             x-ray 
# 
_diffrn_radiation_wavelength.id           1 
_diffrn_radiation_wavelength.wavelength   1.5418 
_diffrn_radiation_wavelength.wt           1.0 
# 
_diffrn_source.diffrn_id                   1 
_diffrn_source.source                      'ROTATING ANODE' 
_diffrn_source.type                        'ENRAF-NONIUS FR591' 
_diffrn_source.pdbx_synchrotron_site       ? 
_diffrn_source.pdbx_synchrotron_beamline   ? 
_diffrn_source.pdbx_wavelength             ? 
_diffrn_source.pdbx_wavelength_list        1.5418 
# 
_reflns.entry_id                     1WU9 
_reflns.observed_criterion_sigma_F   0 
_reflns.observed_criterion_sigma_I   -3 
_reflns.d_resolution_high            1.54 
_reflns.d_resolution_low             55.0 
_reflns.number_all                   18705 
_reflns.number_obs                   18705 
_reflns.percent_possible_obs         97.4 
_reflns.pdbx_Rmerge_I_obs            ? 
_reflns.pdbx_Rsym_value              0.04 
_reflns.pdbx_netI_over_sigmaI        14.8 
_reflns.B_iso_Wilson_estimate        24.0 
_reflns.pdbx_redundancy              2.9 
_reflns.R_free_details               ? 
_reflns.limit_h_max                  ? 
_reflns.limit_h_min                  ? 
_reflns.limit_k_max                  ? 
_reflns.limit_k_min                  ? 
_reflns.limit_l_max                  ? 
_reflns.limit_l_min                  ? 
_reflns.observed_criterion_F_max     ? 
_reflns.observed_criterion_F_min     ? 
_reflns.pdbx_chi_squared             ? 
_reflns.pdbx_scaling_rejects         ? 
_reflns.pdbx_diffrn_id               1 
_reflns.pdbx_ordinal                 1 
# 
_reflns_shell.d_res_high             1.54 
_reflns_shell.d_res_low              1.60 
_reflns_shell.percent_possible_all   90.1 
_reflns_shell.Rmerge_I_obs           ? 
_reflns_shell.pdbx_Rsym_value        0.188 
_reflns_shell.meanI_over_sigI_obs    5.4 
_reflns_shell.pdbx_redundancy        2.4 
_reflns_shell.percent_possible_obs   ? 
_reflns_shell.number_unique_all      1850 
_reflns_shell.number_measured_all    ? 
_reflns_shell.number_measured_obs    ? 
_reflns_shell.number_unique_obs      ? 
_reflns_shell.pdbx_chi_squared       ? 
_reflns_shell.pdbx_diffrn_id         ? 
_reflns_shell.pdbx_ordinal           1 
# 
_refine.entry_id                                 1WU9 
_refine.ls_number_reflns_obs                     17745 
_refine.ls_number_reflns_all                     17745 
_refine.pdbx_ls_sigma_I                          0 
_refine.pdbx_ls_sigma_F                          0 
_refine.pdbx_data_cutoff_high_absF               ? 
_refine.pdbx_data_cutoff_low_absF                ? 
_refine.pdbx_data_cutoff_high_rms_absF           ? 
_refine.ls_d_res_low                             54.23 
_refine.ls_d_res_high                            1.54 
_refine.ls_percent_reflns_obs                    97.6 
_refine.ls_R_factor_obs                          0.183 
_refine.ls_R_factor_all                          0.183 
_refine.ls_R_factor_R_work                       0.181 
_refine.ls_R_factor_R_free                       0.22 
_refine.ls_R_factor_R_free_error                 ? 
_refine.ls_R_factor_R_free_error_details         ? 
_refine.ls_percent_reflns_R_free                 5.1 
_refine.ls_number_reflns_R_free                  959 
_refine.ls_number_parameters                     ? 
_refine.ls_number_restraints                     ? 
_refine.occupancy_min                            ? 
_refine.occupancy_max                            ? 
_refine.correlation_coeff_Fo_to_Fc               0.968 
_refine.correlation_coeff_Fo_to_Fc_free          0.954 
_refine.B_iso_mean                               21.0 
_refine.aniso_B[1][1]                            1.60 
_refine.aniso_B[2][2]                            -0.24 
_refine.aniso_B[3][3]                            -1.60 
_refine.aniso_B[1][2]                            0.00 
_refine.aniso_B[1][3]                            -0.45 
_refine.aniso_B[2][3]                            0.00 
_refine.solvent_model_details                    MASK 
_refine.solvent_model_param_ksol                 ? 
_refine.solvent_model_param_bsol                 ? 
_refine.pdbx_solvent_vdw_probe_radii             1.20 
_refine.pdbx_solvent_ion_probe_radii             0.80 
_refine.pdbx_solvent_shrinkage_radii             0.80 
_refine.pdbx_ls_cross_valid_method               THROUGHOUT 
_refine.details                                  'HYDROGENS HAVE BEEN ADDED IN THE RIDING POSITIONS' 
_refine.pdbx_starting_model                      ? 
_refine.pdbx_method_to_determine_struct          SIRAS 
_refine.pdbx_isotropic_thermal_model             Isotropic 
_refine.pdbx_stereochemistry_target_values       'Engh & Huber' 
_refine.pdbx_stereochem_target_val_spec_case     ? 
_refine.pdbx_R_Free_selection_details            RANDOM 
_refine.pdbx_overall_ESU_R                       0.085 
_refine.pdbx_overall_ESU_R_Free                  0.088 
_refine.overall_SU_ML                            0.072 
_refine.overall_SU_B                             2.675 
_refine.ls_redundancy_reflns_obs                 ? 
_refine.B_iso_min                                ? 
_refine.B_iso_max                                ? 
_refine.overall_SU_R_Cruickshank_DPI             ? 
_refine.overall_SU_R_free                        ? 
_refine.ls_wR_factor_R_free                      ? 
_refine.ls_wR_factor_R_work                      ? 
_refine.overall_FOM_free_R_set                   ? 
_refine.overall_FOM_work_R_set                   ? 
_refine.pdbx_refine_id                           'X-RAY DIFFRACTION' 
_refine.pdbx_diffrn_id                           1 
_refine.pdbx_TLS_residual_ADP_flag               ? 
_refine.pdbx_overall_phase_error                 ? 
_refine.pdbx_overall_SU_R_free_Cruickshank_DPI   ? 
_refine.pdbx_overall_SU_R_Blow_DPI               ? 
_refine.pdbx_overall_SU_R_free_Blow_DPI          ? 
# 
_refine_analyze.entry_id                        1WU9 
_refine_analyze.Luzzati_coordinate_error_obs    ? 
_refine_analyze.Luzzati_sigma_a_obs             ? 
_refine_analyze.Luzzati_d_res_low_obs           ? 
_refine_analyze.Luzzati_coordinate_error_free   ? 
_refine_analyze.Luzzati_sigma_a_free            0.07 
_refine_analyze.Luzzati_d_res_low_free          ? 
_refine_analyze.number_disordered_residues      ? 
_refine_analyze.occupancy_sum_non_hydrogen      ? 
_refine_analyze.occupancy_sum_hydrogen          ? 
_refine_analyze.pdbx_Luzzati_d_res_high_obs     ? 
_refine_analyze.pdbx_refine_id                  'X-RAY DIFFRACTION' 
# 
_refine_hist.pdbx_refine_id                   'X-RAY DIFFRACTION' 
_refine_hist.cycle_id                         LAST 
_refine_hist.pdbx_number_atoms_protein        1030 
_refine_hist.pdbx_number_atoms_nucleic_acid   0 
_refine_hist.pdbx_number_atoms_ligand         0 
_refine_hist.number_atoms_solvent             119 
_refine_hist.number_atoms_total               1149 
_refine_hist.d_res_high                       1.54 
_refine_hist.d_res_low                        54.23 
# 
loop_
_refine_ls_restr.type 
_refine_ls_restr.dev_ideal 
_refine_ls_restr.dev_ideal_target 
_refine_ls_restr.weight 
_refine_ls_restr.number 
_refine_ls_restr.pdbx_refine_id 
_refine_ls_restr.pdbx_restraint_function 
r_bond_refined_d         0.011  0.022  ? 1040 'X-RAY DIFFRACTION' ? 
r_bond_other_d           0.001  0.020  ? 951  'X-RAY DIFFRACTION' ? 
r_angle_refined_deg      1.177  1.978  ? 1404 'X-RAY DIFFRACTION' ? 
r_angle_other_deg        0.743  3.000  ? 2221 'X-RAY DIFFRACTION' ? 
r_dihedral_angle_1_deg   4.098  5.000  ? 124  'X-RAY DIFFRACTION' ? 
r_dihedral_angle_2_deg   29.553 26.613 ? 62   'X-RAY DIFFRACTION' ? 
r_dihedral_angle_3_deg   12.891 15.000 ? 198  'X-RAY DIFFRACTION' ? 
r_dihedral_angle_4_deg   8.410  15.000 ? 6    'X-RAY DIFFRACTION' ? 
r_chiral_restr           0.063  0.200  ? 161  'X-RAY DIFFRACTION' ? 
r_gen_planes_refined     0.005  0.020  ? 1156 'X-RAY DIFFRACTION' ? 
r_gen_planes_other       0.001  0.020  ? 186  'X-RAY DIFFRACTION' ? 
r_nbd_refined            0.227  0.200  ? 247  'X-RAY DIFFRACTION' ? 
r_nbd_other              0.158  0.200  ? 963  'X-RAY DIFFRACTION' ? 
r_nbtor_other            0.084  0.200  ? 621  'X-RAY DIFFRACTION' ? 
r_xyhbond_nbd_refined    0.170  0.200  ? 57   'X-RAY DIFFRACTION' ? 
r_symmetry_vdw_refined   0.205  0.200  ? 23   'X-RAY DIFFRACTION' ? 
r_symmetry_vdw_other     0.202  0.200  ? 76   'X-RAY DIFFRACTION' ? 
r_symmetry_hbond_refined 0.161  0.200  ? 11   'X-RAY DIFFRACTION' ? 
r_mcbond_it              2.625  2.000  ? 831  'X-RAY DIFFRACTION' ? 
r_mcbond_other           0.643  2.000  ? 258  'X-RAY DIFFRACTION' ? 
r_mcangle_it             2.836  3.000  ? 1014 'X-RAY DIFFRACTION' ? 
r_scbond_it              5.634  4.500  ? 460  'X-RAY DIFFRACTION' ? 
r_scangle_it             7.641  6.000  ? 390  'X-RAY DIFFRACTION' ? 
# 
_refine_ls_shell.pdbx_total_number_of_bins_used   20 
_refine_ls_shell.d_res_high                       1.540 
_refine_ls_shell.d_res_low                        1.580 
_refine_ls_shell.number_reflns_R_work             1155 
_refine_ls_shell.R_factor_R_work                  0.268 
_refine_ls_shell.percent_reflns_obs               ? 
_refine_ls_shell.R_factor_R_free                  0.343 
_refine_ls_shell.R_factor_R_free_error            ? 
_refine_ls_shell.percent_reflns_R_free            ? 
_refine_ls_shell.number_reflns_R_free             57 
_refine_ls_shell.number_reflns_obs                ? 
_refine_ls_shell.redundancy_reflns_obs            ? 
_refine_ls_shell.number_reflns_all                ? 
_refine_ls_shell.pdbx_refine_id                   'X-RAY DIFFRACTION' 
_refine_ls_shell.R_factor_all                     ? 
# 
_struct.entry_id                  1WU9 
_struct.title                     'Crystal structure of the C-terminal domain of the end-binding protein 1 (EB1)' 
_struct.pdbx_model_details        ? 
_struct.pdbx_CASP_flag            ? 
_struct.pdbx_model_type_details   ? 
# 
_struct_keywords.entry_id        1WU9 
_struct_keywords.pdbx_keywords   'STRUCTURAL PROTEIN' 
_struct_keywords.text            'EB1-like structural motif, APC/dynactin binding domain, Coiled coil, STRUCTURAL PROTEIN' 
# 
loop_
_struct_asym.id 
_struct_asym.pdbx_blank_PDB_chainid_flag 
_struct_asym.pdbx_modified 
_struct_asym.entity_id 
_struct_asym.details 
A N N 1 ? 
B N N 1 ? 
C N N 2 ? 
D N N 2 ? 
# 
_struct_ref.id                         1 
_struct_ref.db_name                    UNP 
_struct_ref.db_code                    MARE1_HUMAN 
_struct_ref.pdbx_db_accession          Q15691 
_struct_ref.entity_id                  1 
_struct_ref.pdbx_seq_one_letter_code   DEAAELMQQVNVLKLTVEDLEKERDFYFGKLRNIELICQENEGENDPVLQRIVDILYATDEGFVIPDEGGPQEEQEEY 
_struct_ref.pdbx_align_begin           190 
_struct_ref.pdbx_db_isoform            ? 
# 
loop_
_struct_ref_seq.align_id 
_struct_ref_seq.ref_id 
_struct_ref_seq.pdbx_PDB_id_code 
_struct_ref_seq.pdbx_strand_id 
_struct_ref_seq.seq_align_beg 
_struct_ref_seq.pdbx_seq_align_beg_ins_code 
_struct_ref_seq.seq_align_end 
_struct_ref_seq.pdbx_seq_align_end_ins_code 
_struct_ref_seq.pdbx_db_accession 
_struct_ref_seq.db_align_beg 
_struct_ref_seq.pdbx_db_align_beg_ins_code 
_struct_ref_seq.db_align_end 
_struct_ref_seq.pdbx_db_align_end_ins_code 
_struct_ref_seq.pdbx_auth_seq_align_beg 
_struct_ref_seq.pdbx_auth_seq_align_end 
1 1 1WU9 A 3 ? 80 ? Q15691 190 ? 267 ? 191 268 
2 1 1WU9 B 3 ? 80 ? Q15691 190 ? 267 ? 191 268 
# 
loop_
_struct_ref_seq_dif.align_id 
_struct_ref_seq_dif.pdbx_pdb_id_code 
_struct_ref_seq_dif.mon_id 
_struct_ref_seq_dif.pdbx_pdb_strand_id 
_struct_ref_seq_dif.seq_num 
_struct_ref_seq_dif.pdbx_pdb_ins_code 
_struct_ref_seq_dif.pdbx_seq_db_name 
_struct_ref_seq_dif.pdbx_seq_db_accession_code 
_struct_ref_seq_dif.db_mon_id 
_struct_ref_seq_dif.pdbx_seq_db_seq_num 
_struct_ref_seq_dif.details 
_struct_ref_seq_dif.pdbx_auth_seq_num 
_struct_ref_seq_dif.pdbx_ordinal 
1 1WU9 GLY A 1 ? UNP Q15691 ? ? 'cloning artifact' 189 1 
1 1WU9 SER A 2 ? UNP Q15691 ? ? 'cloning artifact' 190 2 
2 1WU9 GLY B 1 ? UNP Q15691 ? ? 'cloning artifact' 189 3 
2 1WU9 SER B 2 ? UNP Q15691 ? ? 'cloning artifact' 190 4 
# 
_pdbx_struct_assembly.id                   1 
_pdbx_struct_assembly.details              author_and_software_defined_assembly 
_pdbx_struct_assembly.method_details       PISA 
_pdbx_struct_assembly.oligomeric_details   dimeric 
_pdbx_struct_assembly.oligomeric_count     2 
# 
loop_
_pdbx_struct_assembly_prop.biol_id 
_pdbx_struct_assembly_prop.type 
_pdbx_struct_assembly_prop.value 
_pdbx_struct_assembly_prop.details 
1 'ABSA (A^2)' 3000 ? 
1 MORE         -33  ? 
1 'SSA (A^2)'  8620 ? 
# 
_pdbx_struct_assembly_gen.assembly_id       1 
_pdbx_struct_assembly_gen.oper_expression   1 
_pdbx_struct_assembly_gen.asym_id_list      A,B,C,D 
# 
_pdbx_struct_oper_list.id                   1 
_pdbx_struct_oper_list.type                 'identity operation' 
_pdbx_struct_oper_list.name                 1_555 
_pdbx_struct_oper_list.symmetry_operation   x,y,z 
_pdbx_struct_oper_list.matrix[1][1]         1.0000000000 
_pdbx_struct_oper_list.matrix[1][2]         0.0000000000 
_pdbx_struct_oper_list.matrix[1][3]         0.0000000000 
_pdbx_struct_oper_list.vector[1]            0.0000000000 
_pdbx_struct_oper_list.matrix[2][1]         0.0000000000 
_pdbx_struct_oper_list.matrix[2][2]         1.0000000000 
_pdbx_struct_oper_list.matrix[2][3]         0.0000000000 
_pdbx_struct_oper_list.vector[2]            0.0000000000 
_pdbx_struct_oper_list.matrix[3][1]         0.0000000000 
_pdbx_struct_oper_list.matrix[3][2]         0.0000000000 
_pdbx_struct_oper_list.matrix[3][3]         1.0000000000 
_pdbx_struct_oper_list.vector[3]            0.0000000000 
# 
_struct_biol.id                    1 
_struct_biol.details               'The biological unit is the dimer in the asymmetric unit.' 
_struct_biol.pdbx_parent_biol_id   ? 
# 
loop_
_struct_conf.conf_type_id 
_struct_conf.id 
_struct_conf.pdbx_PDB_helix_id 
_struct_conf.beg_label_comp_id 
_struct_conf.beg_label_asym_id 
_struct_conf.beg_label_seq_id 
_struct_conf.pdbx_beg_PDB_ins_code 
_struct_conf.end_label_comp_id 
_struct_conf.end_label_asym_id 
_struct_conf.end_label_seq_id 
_struct_conf.pdbx_end_PDB_ins_code 
_struct_conf.beg_auth_comp_id 
_struct_conf.beg_auth_asym_id 
_struct_conf.beg_auth_seq_id 
_struct_conf.end_auth_comp_id 
_struct_conf.end_auth_asym_id 
_struct_conf.end_auth_seq_id 
_struct_conf.pdbx_PDB_helix_class 
_struct_conf.details 
_struct_conf.pdbx_PDB_helix_length 
HELX_P HELX_P1 1 ASP A 3  ? ASN A 43 ? ASP A 191 ASN A 231 1 ? 41 
HELX_P HELX_P2 2 ASP A 48 ? ALA A 60 ? ASP A 236 ALA A 248 1 ? 13 
HELX_P HELX_P3 3 ASP B 3  ? ASN B 43 ? ASP B 191 ASN B 231 1 ? 41 
HELX_P HELX_P4 4 ASP B 48 ? TYR B 59 ? ASP B 236 TYR B 247 1 ? 12 
HELX_P HELX_P5 5 ALA B 60 ? VAL B 66 ? ALA B 248 VAL B 254 5 ? 7  
# 
_struct_conf_type.id          HELX_P 
_struct_conf_type.criteria    ? 
_struct_conf_type.reference   ? 
# 
loop_
_pdbx_unobs_or_zero_occ_residues.id 
_pdbx_unobs_or_zero_occ_residues.PDB_model_num 
_pdbx_unobs_or_zero_occ_residues.polymer_flag 
_pdbx_unobs_or_zero_occ_residues.occupancy_flag 
_pdbx_unobs_or_zero_occ_residues.auth_asym_id 
_pdbx_unobs_or_zero_occ_residues.auth_comp_id 
_pdbx_unobs_or_zero_occ_residues.auth_seq_id 
_pdbx_unobs_or_zero_occ_residues.PDB_ins_code 
_pdbx_unobs_or_zero_occ_residues.label_asym_id 
_pdbx_unobs_or_zero_occ_residues.label_comp_id 
_pdbx_unobs_or_zero_occ_residues.label_seq_id 
1  1 Y 1 A GLY 189 ? A GLY 1  
2  1 Y 1 A SER 190 ? A SER 2  
3  1 Y 1 A ASP 250 ? A ASP 62 
4  1 Y 1 A GLU 251 ? A GLU 63 
5  1 Y 1 A GLY 252 ? A GLY 64 
6  1 Y 1 A PHE 253 ? A PHE 65 
7  1 Y 1 A VAL 254 ? A VAL 66 
8  1 Y 1 A ILE 255 ? A ILE 67 
9  1 Y 1 A PRO 256 ? A PRO 68 
10 1 Y 1 A ASP 257 ? A ASP 69 
11 1 Y 1 A GLU 258 ? A GLU 70 
12 1 Y 1 A GLY 259 ? A GLY 71 
13 1 Y 1 A GLY 260 ? A GLY 72 
14 1 Y 1 A PRO 261 ? A PRO 73 
15 1 Y 1 A GLN 262 ? A GLN 74 
16 1 Y 1 A GLU 263 ? A GLU 75 
17 1 Y 1 A GLU 264 ? A GLU 76 
18 1 Y 1 A GLN 265 ? A GLN 77 
19 1 Y 1 A GLU 266 ? A GLU 78 
20 1 Y 1 A GLU 267 ? A GLU 79 
21 1 Y 1 A TYR 268 ? A TYR 80 
22 1 Y 1 B GLY 189 ? B GLY 1  
23 1 Y 1 B SER 190 ? B SER 2  
24 1 Y 1 B GLU 258 ? B GLU 70 
25 1 Y 1 B GLY 259 ? B GLY 71 
26 1 Y 1 B GLY 260 ? B GLY 72 
27 1 Y 1 B PRO 261 ? B PRO 73 
28 1 Y 1 B GLN 262 ? B GLN 74 
29 1 Y 1 B GLU 263 ? B GLU 75 
30 1 Y 1 B GLU 264 ? B GLU 76 
31 1 Y 1 B GLN 265 ? B GLN 77 
32 1 Y 1 B GLU 266 ? B GLU 78 
33 1 Y 1 B GLU 267 ? B GLU 79 
34 1 Y 1 B TYR 268 ? B TYR 80 
# 
loop_
_chem_comp_atom.comp_id 
_chem_comp_atom.atom_id 
_chem_comp_atom.type_symbol 
_chem_comp_atom.pdbx_aromatic_flag 
_chem_comp_atom.pdbx_stereo_config 
_chem_comp_atom.pdbx_ordinal 
ALA N    N N N 1   
ALA CA   C N S 2   
ALA C    C N N 3   
ALA O    O N N 4   
ALA CB   C N N 5   
ALA OXT  O N N 6   
ALA H    H N N 7   
ALA H2   H N N 8   
ALA HA   H N N 9   
ALA HB1  H N N 10  
ALA HB2  H N N 11  
ALA HB3  H N N 12  
ALA HXT  H N N 13  
ARG N    N N N 14  
ARG CA   C N S 15  
ARG C    C N N 16  
ARG O    O N N 17  
ARG CB   C N N 18  
ARG CG   C N N 19  
ARG CD   C N N 20  
ARG NE   N N N 21  
ARG CZ   C N N 22  
ARG NH1  N N N 23  
ARG NH2  N N N 24  
ARG OXT  O N N 25  
ARG H    H N N 26  
ARG H2   H N N 27  
ARG HA   H N N 28  
ARG HB2  H N N 29  
ARG HB3  H N N 30  
ARG HG2  H N N 31  
ARG HG3  H N N 32  
ARG HD2  H N N 33  
ARG HD3  H N N 34  
ARG HE   H N N 35  
ARG HH11 H N N 36  
ARG HH12 H N N 37  
ARG HH21 H N N 38  
ARG HH22 H N N 39  
ARG HXT  H N N 40  
ASN N    N N N 41  
ASN CA   C N S 42  
ASN C    C N N 43  
ASN O    O N N 44  
ASN CB   C N N 45  
ASN CG   C N N 46  
ASN OD1  O N N 47  
ASN ND2  N N N 48  
ASN OXT  O N N 49  
ASN H    H N N 50  
ASN H2   H N N 51  
ASN HA   H N N 52  
ASN HB2  H N N 53  
ASN HB3  H N N 54  
ASN HD21 H N N 55  
ASN HD22 H N N 56  
ASN HXT  H N N 57  
ASP N    N N N 58  
ASP CA   C N S 59  
ASP C    C N N 60  
ASP O    O N N 61  
ASP CB   C N N 62  
ASP CG   C N N 63  
ASP OD1  O N N 64  
ASP OD2  O N N 65  
ASP OXT  O N N 66  
ASP H    H N N 67  
ASP H2   H N N 68  
ASP HA   H N N 69  
ASP HB2  H N N 70  
ASP HB3  H N N 71  
ASP HD2  H N N 72  
ASP HXT  H N N 73  
CYS N    N N N 74  
CYS CA   C N R 75  
CYS C    C N N 76  
CYS O    O N N 77  
CYS CB   C N N 78  
CYS SG   S N N 79  
CYS OXT  O N N 80  
CYS H    H N N 81  
CYS H2   H N N 82  
CYS HA   H N N 83  
CYS HB2  H N N 84  
CYS HB3  H N N 85  
CYS HG   H N N 86  
CYS HXT  H N N 87  
GLN N    N N N 88  
GLN CA   C N S 89  
GLN C    C N N 90  
GLN O    O N N 91  
GLN CB   C N N 92  
GLN CG   C N N 93  
GLN CD   C N N 94  
GLN OE1  O N N 95  
GLN NE2  N N N 96  
GLN OXT  O N N 97  
GLN H    H N N 98  
GLN H2   H N N 99  
GLN HA   H N N 100 
GLN HB2  H N N 101 
GLN HB3  H N N 102 
GLN HG2  H N N 103 
GLN HG3  H N N 104 
GLN HE21 H N N 105 
GLN HE22 H N N 106 
GLN HXT  H N N 107 
GLU N    N N N 108 
GLU CA   C N S 109 
GLU C    C N N 110 
GLU O    O N N 111 
GLU CB   C N N 112 
GLU CG   C N N 113 
GLU CD   C N N 114 
GLU OE1  O N N 115 
GLU OE2  O N N 116 
GLU OXT  O N N 117 
GLU H    H N N 118 
GLU H2   H N N 119 
GLU HA   H N N 120 
GLU HB2  H N N 121 
GLU HB3  H N N 122 
GLU HG2  H N N 123 
GLU HG3  H N N 124 
GLU HE2  H N N 125 
GLU HXT  H N N 126 
GLY N    N N N 127 
GLY CA   C N N 128 
GLY C    C N N 129 
GLY O    O N N 130 
GLY OXT  O N N 131 
GLY H    H N N 132 
GLY H2   H N N 133 
GLY HA2  H N N 134 
GLY HA3  H N N 135 
GLY HXT  H N N 136 
HOH O    O N N 137 
HOH H1   H N N 138 
HOH H2   H N N 139 
ILE N    N N N 140 
ILE CA   C N S 141 
ILE C    C N N 142 
ILE O    O N N 143 
ILE CB   C N S 144 
ILE CG1  C N N 145 
ILE CG2  C N N 146 
ILE CD1  C N N 147 
ILE OXT  O N N 148 
ILE H    H N N 149 
ILE H2   H N N 150 
ILE HA   H N N 151 
ILE HB   H N N 152 
ILE HG12 H N N 153 
ILE HG13 H N N 154 
ILE HG21 H N N 155 
ILE HG22 H N N 156 
ILE HG23 H N N 157 
ILE HD11 H N N 158 
ILE HD12 H N N 159 
ILE HD13 H N N 160 
ILE HXT  H N N 161 
LEU N    N N N 162 
LEU CA   C N S 163 
LEU C    C N N 164 
LEU O    O N N 165 
LEU CB   C N N 166 
LEU CG   C N N 167 
LEU CD1  C N N 168 
LEU CD2  C N N 169 
LEU OXT  O N N 170 
LEU H    H N N 171 
LEU H2   H N N 172 
LEU HA   H N N 173 
LEU HB2  H N N 174 
LEU HB3  H N N 175 
LEU HG   H N N 176 
LEU HD11 H N N 177 
LEU HD12 H N N 178 
LEU HD13 H N N 179 
LEU HD21 H N N 180 
LEU HD22 H N N 181 
LEU HD23 H N N 182 
LEU HXT  H N N 183 
LYS N    N N N 184 
LYS CA   C N S 185 
LYS C    C N N 186 
LYS O    O N N 187 
LYS CB   C N N 188 
LYS CG   C N N 189 
LYS CD   C N N 190 
LYS CE   C N N 191 
LYS NZ   N N N 192 
LYS OXT  O N N 193 
LYS H    H N N 194 
LYS H2   H N N 195 
LYS HA   H N N 196 
LYS HB2  H N N 197 
LYS HB3  H N N 198 
LYS HG2  H N N 199 
LYS HG3  H N N 200 
LYS HD2  H N N 201 
LYS HD3  H N N 202 
LYS HE2  H N N 203 
LYS HE3  H N N 204 
LYS HZ1  H N N 205 
LYS HZ2  H N N 206 
LYS HZ3  H N N 207 
LYS HXT  H N N 208 
MET N    N N N 209 
MET CA   C N S 210 
MET C    C N N 211 
MET O    O N N 212 
MET CB   C N N 213 
MET CG   C N N 214 
MET SD   S N N 215 
MET CE   C N N 216 
MET OXT  O N N 217 
MET H    H N N 218 
MET H2   H N N 219 
MET HA   H N N 220 
MET HB2  H N N 221 
MET HB3  H N N 222 
MET HG2  H N N 223 
MET HG3  H N N 224 
MET HE1  H N N 225 
MET HE2  H N N 226 
MET HE3  H N N 227 
MET HXT  H N N 228 
PHE N    N N N 229 
PHE CA   C N S 230 
PHE C    C N N 231 
PHE O    O N N 232 
PHE CB   C N N 233 
PHE CG   C Y N 234 
PHE CD1  C Y N 235 
PHE CD2  C Y N 236 
PHE CE1  C Y N 237 
PHE CE2  C Y N 238 
PHE CZ   C Y N 239 
PHE OXT  O N N 240 
PHE H    H N N 241 
PHE H2   H N N 242 
PHE HA   H N N 243 
PHE HB2  H N N 244 
PHE HB3  H N N 245 
PHE HD1  H N N 246 
PHE HD2  H N N 247 
PHE HE1  H N N 248 
PHE HE2  H N N 249 
PHE HZ   H N N 250 
PHE HXT  H N N 251 
PRO N    N N N 252 
PRO CA   C N S 253 
PRO C    C N N 254 
PRO O    O N N 255 
PRO CB   C N N 256 
PRO CG   C N N 257 
PRO CD   C N N 258 
PRO OXT  O N N 259 
PRO H    H N N 260 
PRO HA   H N N 261 
PRO HB2  H N N 262 
PRO HB3  H N N 263 
PRO HG2  H N N 264 
PRO HG3  H N N 265 
PRO HD2  H N N 266 
PRO HD3  H N N 267 
PRO HXT  H N N 268 
SER N    N N N 269 
SER CA   C N S 270 
SER C    C N N 271 
SER O    O N N 272 
SER CB   C N N 273 
SER OG   O N N 274 
SER OXT  O N N 275 
SER H    H N N 276 
SER H2   H N N 277 
SER HA   H N N 278 
SER HB2  H N N 279 
SER HB3  H N N 280 
SER HG   H N N 281 
SER HXT  H N N 282 
THR N    N N N 283 
THR CA   C N S 284 
THR C    C N N 285 
THR O    O N N 286 
THR CB   C N R 287 
THR OG1  O N N 288 
THR CG2  C N N 289 
THR OXT  O N N 290 
THR H    H N N 291 
THR H2   H N N 292 
THR HA   H N N 293 
THR HB   H N N 294 
THR HG1  H N N 295 
THR HG21 H N N 296 
THR HG22 H N N 297 
THR HG23 H N N 298 
THR HXT  H N N 299 
TYR N    N N N 300 
TYR CA   C N S 301 
TYR C    C N N 302 
TYR O    O N N 303 
TYR CB   C N N 304 
TYR CG   C Y N 305 
TYR CD1  C Y N 306 
TYR CD2  C Y N 307 
TYR CE1  C Y N 308 
TYR CE2  C Y N 309 
TYR CZ   C Y N 310 
TYR OH   O N N 311 
TYR OXT  O N N 312 
TYR H    H N N 313 
TYR H2   H N N 314 
TYR HA   H N N 315 
TYR HB2  H N N 316 
TYR HB3  H N N 317 
TYR HD1  H N N 318 
TYR HD2  H N N 319 
TYR HE1  H N N 320 
TYR HE2  H N N 321 
TYR HH   H N N 322 
TYR HXT  H N N 323 
VAL N    N N N 324 
VAL CA   C N S 325 
VAL C    C N N 326 
VAL O    O N N 327 
VAL CB   C N N 328 
VAL CG1  C N N 329 
VAL CG2  C N N 330 
VAL OXT  O N N 331 
VAL H    H N N 332 
VAL H2   H N N 333 
VAL HA   H N N 334 
VAL HB   H N N 335 
VAL HG11 H N N 336 
VAL HG12 H N N 337 
VAL HG13 H N N 338 
VAL HG21 H N N 339 
VAL HG22 H N N 340 
VAL HG23 H N N 341 
VAL HXT  H N N 342 
# 
loop_
_chem_comp_bond.comp_id 
_chem_comp_bond.atom_id_1 
_chem_comp_bond.atom_id_2 
_chem_comp_bond.value_order 
_chem_comp_bond.pdbx_aromatic_flag 
_chem_comp_bond.pdbx_stereo_config 
_chem_comp_bond.pdbx_ordinal 
ALA N   CA   sing N N 1   
ALA N   H    sing N N 2   
ALA N   H2   sing N N 3   
ALA CA  C    sing N N 4   
ALA CA  CB   sing N N 5   
ALA CA  HA   sing N N 6   
ALA C   O    doub N N 7   
ALA C   OXT  sing N N 8   
ALA CB  HB1  sing N N 9   
ALA CB  HB2  sing N N 10  
ALA CB  HB3  sing N N 11  
ALA OXT HXT  sing N N 12  
ARG N   CA   sing N N 13  
ARG N   H    sing N N 14  
ARG N   H2   sing N N 15  
ARG CA  C    sing N N 16  
ARG CA  CB   sing N N 17  
ARG CA  HA   sing N N 18  
ARG C   O    doub N N 19  
ARG C   OXT  sing N N 20  
ARG CB  CG   sing N N 21  
ARG CB  HB2  sing N N 22  
ARG CB  HB3  sing N N 23  
ARG CG  CD   sing N N 24  
ARG CG  HG2  sing N N 25  
ARG CG  HG3  sing N N 26  
ARG CD  NE   sing N N 27  
ARG CD  HD2  sing N N 28  
ARG CD  HD3  sing N N 29  
ARG NE  CZ   sing N N 30  
ARG NE  HE   sing N N 31  
ARG CZ  NH1  sing N N 32  
ARG CZ  NH2  doub N N 33  
ARG NH1 HH11 sing N N 34  
ARG NH1 HH12 sing N N 35  
ARG NH2 HH21 sing N N 36  
ARG NH2 HH22 sing N N 37  
ARG OXT HXT  sing N N 38  
ASN N   CA   sing N N 39  
ASN N   H    sing N N 40  
ASN N   H2   sing N N 41  
ASN CA  C    sing N N 42  
ASN CA  CB   sing N N 43  
ASN CA  HA   sing N N 44  
ASN C   O    doub N N 45  
ASN C   OXT  sing N N 46  
ASN CB  CG   sing N N 47  
ASN CB  HB2  sing N N 48  
ASN CB  HB3  sing N N 49  
ASN CG  OD1  doub N N 50  
ASN CG  ND2  sing N N 51  
ASN ND2 HD21 sing N N 52  
ASN ND2 HD22 sing N N 53  
ASN OXT HXT  sing N N 54  
ASP N   CA   sing N N 55  
ASP N   H    sing N N 56  
ASP N   H2   sing N N 57  
ASP CA  C    sing N N 58  
ASP CA  CB   sing N N 59  
ASP CA  HA   sing N N 60  
ASP C   O    doub N N 61  
ASP C   OXT  sing N N 62  
ASP CB  CG   sing N N 63  
ASP CB  HB2  sing N N 64  
ASP CB  HB3  sing N N 65  
ASP CG  OD1  doub N N 66  
ASP CG  OD2  sing N N 67  
ASP OD2 HD2  sing N N 68  
ASP OXT HXT  sing N N 69  
CYS N   CA   sing N N 70  
CYS N   H    sing N N 71  
CYS N   H2   sing N N 72  
CYS CA  C    sing N N 73  
CYS CA  CB   sing N N 74  
CYS CA  HA   sing N N 75  
CYS C   O    doub N N 76  
CYS C   OXT  sing N N 77  
CYS CB  SG   sing N N 78  
CYS CB  HB2  sing N N 79  
CYS CB  HB3  sing N N 80  
CYS SG  HG   sing N N 81  
CYS OXT HXT  sing N N 82  
GLN N   CA   sing N N 83  
GLN N   H    sing N N 84  
GLN N   H2   sing N N 85  
GLN CA  C    sing N N 86  
GLN CA  CB   sing N N 87  
GLN CA  HA   sing N N 88  
GLN C   O    doub N N 89  
GLN C   OXT  sing N N 90  
GLN CB  CG   sing N N 91  
GLN CB  HB2  sing N N 92  
GLN CB  HB3  sing N N 93  
GLN CG  CD   sing N N 94  
GLN CG  HG2  sing N N 95  
GLN CG  HG3  sing N N 96  
GLN CD  OE1  doub N N 97  
GLN CD  NE2  sing N N 98  
GLN NE2 HE21 sing N N 99  
GLN NE2 HE22 sing N N 100 
GLN OXT HXT  sing N N 101 
GLU N   CA   sing N N 102 
GLU N   H    sing N N 103 
GLU N   H2   sing N N 104 
GLU CA  C    sing N N 105 
GLU CA  CB   sing N N 106 
GLU CA  HA   sing N N 107 
GLU C   O    doub N N 108 
GLU C   OXT  sing N N 109 
GLU CB  CG   sing N N 110 
GLU CB  HB2  sing N N 111 
GLU CB  HB3  sing N N 112 
GLU CG  CD   sing N N 113 
GLU CG  HG2  sing N N 114 
GLU CG  HG3  sing N N 115 
GLU CD  OE1  doub N N 116 
GLU CD  OE2  sing N N 117 
GLU OE2 HE2  sing N N 118 
GLU OXT HXT  sing N N 119 
GLY N   CA   sing N N 120 
GLY N   H    sing N N 121 
GLY N   H2   sing N N 122 
GLY CA  C    sing N N 123 
GLY CA  HA2  sing N N 124 
GLY CA  HA3  sing N N 125 
GLY C   O    doub N N 126 
GLY C   OXT  sing N N 127 
GLY OXT HXT  sing N N 128 
HOH O   H1   sing N N 129 
HOH O   H2   sing N N 130 
ILE N   CA   sing N N 131 
ILE N   H    sing N N 132 
ILE N   H2   sing N N 133 
ILE CA  C    sing N N 134 
ILE CA  CB   sing N N 135 
ILE CA  HA   sing N N 136 
ILE C   O    doub N N 137 
ILE C   OXT  sing N N 138 
ILE CB  CG1  sing N N 139 
ILE CB  CG2  sing N N 140 
ILE CB  HB   sing N N 141 
ILE CG1 CD1  sing N N 142 
ILE CG1 HG12 sing N N 143 
ILE CG1 HG13 sing N N 144 
ILE CG2 HG21 sing N N 145 
ILE CG2 HG22 sing N N 146 
ILE CG2 HG23 sing N N 147 
ILE CD1 HD11 sing N N 148 
ILE CD1 HD12 sing N N 149 
ILE CD1 HD13 sing N N 150 
ILE OXT HXT  sing N N 151 
LEU N   CA   sing N N 152 
LEU N   H    sing N N 153 
LEU N   H2   sing N N 154 
LEU CA  C    sing N N 155 
LEU CA  CB   sing N N 156 
LEU CA  HA   sing N N 157 
LEU C   O    doub N N 158 
LEU C   OXT  sing N N 159 
LEU CB  CG   sing N N 160 
LEU CB  HB2  sing N N 161 
LEU CB  HB3  sing N N 162 
LEU CG  CD1  sing N N 163 
LEU CG  CD2  sing N N 164 
LEU CG  HG   sing N N 165 
LEU CD1 HD11 sing N N 166 
LEU CD1 HD12 sing N N 167 
LEU CD1 HD13 sing N N 168 
LEU CD2 HD21 sing N N 169 
LEU CD2 HD22 sing N N 170 
LEU CD2 HD23 sing N N 171 
LEU OXT HXT  sing N N 172 
LYS N   CA   sing N N 173 
LYS N   H    sing N N 174 
LYS N   H2   sing N N 175 
LYS CA  C    sing N N 176 
LYS CA  CB   sing N N 177 
LYS CA  HA   sing N N 178 
LYS C   O    doub N N 179 
LYS C   OXT  sing N N 180 
LYS CB  CG   sing N N 181 
LYS CB  HB2  sing N N 182 
LYS CB  HB3  sing N N 183 
LYS CG  CD   sing N N 184 
LYS CG  HG2  sing N N 185 
LYS CG  HG3  sing N N 186 
LYS CD  CE   sing N N 187 
LYS CD  HD2  sing N N 188 
LYS CD  HD3  sing N N 189 
LYS CE  NZ   sing N N 190 
LYS CE  HE2  sing N N 191 
LYS CE  HE3  sing N N 192 
LYS NZ  HZ1  sing N N 193 
LYS NZ  HZ2  sing N N 194 
LYS NZ  HZ3  sing N N 195 
LYS OXT HXT  sing N N 196 
MET N   CA   sing N N 197 
MET N   H    sing N N 198 
MET N   H2   sing N N 199 
MET CA  C    sing N N 200 
MET CA  CB   sing N N 201 
MET CA  HA   sing N N 202 
MET C   O    doub N N 203 
MET C   OXT  sing N N 204 
MET CB  CG   sing N N 205 
MET CB  HB2  sing N N 206 
MET CB  HB3  sing N N 207 
MET CG  SD   sing N N 208 
MET CG  HG2  sing N N 209 
MET CG  HG3  sing N N 210 
MET SD  CE   sing N N 211 
MET CE  HE1  sing N N 212 
MET CE  HE2  sing N N 213 
MET CE  HE3  sing N N 214 
MET OXT HXT  sing N N 215 
PHE N   CA   sing N N 216 
PHE N   H    sing N N 217 
PHE N   H2   sing N N 218 
PHE CA  C    sing N N 219 
PHE CA  CB   sing N N 220 
PHE CA  HA   sing N N 221 
PHE C   O    doub N N 222 
PHE C   OXT  sing N N 223 
PHE CB  CG   sing N N 224 
PHE CB  HB2  sing N N 225 
PHE CB  HB3  sing N N 226 
PHE CG  CD1  doub Y N 227 
PHE CG  CD2  sing Y N 228 
PHE CD1 CE1  sing Y N 229 
PHE CD1 HD1  sing N N 230 
PHE CD2 CE2  doub Y N 231 
PHE CD2 HD2  sing N N 232 
PHE CE1 CZ   doub Y N 233 
PHE CE1 HE1  sing N N 234 
PHE CE2 CZ   sing Y N 235 
PHE CE2 HE2  sing N N 236 
PHE CZ  HZ   sing N N 237 
PHE OXT HXT  sing N N 238 
PRO N   CA   sing N N 239 
PRO N   CD   sing N N 240 
PRO N   H    sing N N 241 
PRO CA  C    sing N N 242 
PRO CA  CB   sing N N 243 
PRO CA  HA   sing N N 244 
PRO C   O    doub N N 245 
PRO C   OXT  sing N N 246 
PRO CB  CG   sing N N 247 
PRO CB  HB2  sing N N 248 
PRO CB  HB3  sing N N 249 
PRO CG  CD   sing N N 250 
PRO CG  HG2  sing N N 251 
PRO CG  HG3  sing N N 252 
PRO CD  HD2  sing N N 253 
PRO CD  HD3  sing N N 254 
PRO OXT HXT  sing N N 255 
SER N   CA   sing N N 256 
SER N   H    sing N N 257 
SER N   H2   sing N N 258 
SER CA  C    sing N N 259 
SER CA  CB   sing N N 260 
SER CA  HA   sing N N 261 
SER C   O    doub N N 262 
SER C   OXT  sing N N 263 
SER CB  OG   sing N N 264 
SER CB  HB2  sing N N 265 
SER CB  HB3  sing N N 266 
SER OG  HG   sing N N 267 
SER OXT HXT  sing N N 268 
THR N   CA   sing N N 269 
THR N   H    sing N N 270 
THR N   H2   sing N N 271 
THR CA  C    sing N N 272 
THR CA  CB   sing N N 273 
THR CA  HA   sing N N 274 
THR C   O    doub N N 275 
THR C   OXT  sing N N 276 
THR CB  OG1  sing N N 277 
THR CB  CG2  sing N N 278 
THR CB  HB   sing N N 279 
THR OG1 HG1  sing N N 280 
THR CG2 HG21 sing N N 281 
THR CG2 HG22 sing N N 282 
THR CG2 HG23 sing N N 283 
THR OXT HXT  sing N N 284 
TYR N   CA   sing N N 285 
TYR N   H    sing N N 286 
TYR N   H2   sing N N 287 
TYR CA  C    sing N N 288 
TYR CA  CB   sing N N 289 
TYR CA  HA   sing N N 290 
TYR C   O    doub N N 291 
TYR C   OXT  sing N N 292 
TYR CB  CG   sing N N 293 
TYR CB  HB2  sing N N 294 
TYR CB  HB3  sing N N 295 
TYR CG  CD1  doub Y N 296 
TYR CG  CD2  sing Y N 297 
TYR CD1 CE1  sing Y N 298 
TYR CD1 HD1  sing N N 299 
TYR CD2 CE2  doub Y N 300 
TYR CD2 HD2  sing N N 301 
TYR CE1 CZ   doub Y N 302 
TYR CE1 HE1  sing N N 303 
TYR CE2 CZ   sing Y N 304 
TYR CE2 HE2  sing N N 305 
TYR CZ  OH   sing N N 306 
TYR OH  HH   sing N N 307 
TYR OXT HXT  sing N N 308 
VAL N   CA   sing N N 309 
VAL N   H    sing N N 310 
VAL N   H2   sing N N 311 
VAL CA  C    sing N N 312 
VAL CA  CB   sing N N 313 
VAL CA  HA   sing N N 314 
VAL C   O    doub N N 315 
VAL C   OXT  sing N N 316 
VAL CB  CG1  sing N N 317 
VAL CB  CG2  sing N N 318 
VAL CB  HB   sing N N 319 
VAL CG1 HG11 sing N N 320 
VAL CG1 HG12 sing N N 321 
VAL CG1 HG13 sing N N 322 
VAL CG2 HG21 sing N N 323 
VAL CG2 HG22 sing N N 324 
VAL CG2 HG23 sing N N 325 
VAL OXT HXT  sing N N 326 
# 
_atom_sites.entry_id                    1WU9 
_atom_sites.fract_transf_matrix[1][1]   -0.00893456 
_atom_sites.fract_transf_matrix[1][2]   -0.01354356 
_atom_sites.fract_transf_matrix[1][3]   0.02811273 
_atom_sites.fract_transf_matrix[2][1]   0.02273396 
_atom_sites.fract_transf_matrix[2][2]   0.00852093 
_atom_sites.fract_transf_matrix[2][3]   0.01133015 
_atom_sites.fract_transf_matrix[3][1]   -0.00934927 
_atom_sites.fract_transf_matrix[3][2]   0.01304341 
_atom_sites.fract_transf_matrix[3][3]   0.00894993 
_atom_sites.fract_transf_vector[1]      0.033721 
_atom_sites.fract_transf_vector[2]      0.178420 
_atom_sites.fract_transf_vector[3]      0.017583 
# 
loop_
_atom_type.symbol 
C 
N 
O 
S 
# 
loop_
_atom_site.group_PDB 
_atom_site.id 
_atom_site.type_symbol 
_atom_site.label_atom_id 
_atom_site.label_alt_id 
_atom_site.label_comp_id 
_atom_site.label_asym_id 
_atom_site.label_entity_id 
_atom_site.label_seq_id 
_atom_site.pdbx_PDB_ins_code 
_atom_site.Cartn_x 
_atom_site.Cartn_y 
_atom_site.Cartn_z 
_atom_site.occupancy 
_atom_site.B_iso_or_equiv 
_atom_site.pdbx_formal_charge 
_atom_site.auth_seq_id 
_atom_site.auth_comp_id 
_atom_site.auth_asym_id 
_atom_site.auth_atom_id 
_atom_site.pdbx_PDB_model_num 
ATOM   1    N N   . ASP A 1 3  ? -12.935 29.577  19.030  1.00 20.63 ? 191 ASP A N   1 
ATOM   2    C CA  . ASP A 1 3  ? -14.203 28.974  18.532  1.00 18.11 ? 191 ASP A CA  1 
ATOM   3    C C   . ASP A 1 3  ? -13.996 27.494  18.257  1.00 15.13 ? 191 ASP A C   1 
ATOM   4    O O   . ASP A 1 3  ? -13.428 27.115  17.240  1.00 14.87 ? 191 ASP A O   1 
ATOM   5    C CB  . ASP A 1 3  ? -14.671 29.711  17.273  1.00 18.01 ? 191 ASP A CB  1 
ATOM   6    C CG  . ASP A 1 3  ? -16.029 29.259  16.796  1.00 18.58 ? 191 ASP A CG  1 
ATOM   7    O OD1 . ASP A 1 3  ? -16.353 28.070  16.906  1.00 18.54 ? 191 ASP A OD1 1 
ATOM   8    O OD2 . ASP A 1 3  ? -16.839 30.026  16.265  1.00 15.01 ? 191 ASP A OD2 1 
ATOM   9    N N   . GLU A 1 4  ? -14.479 26.655  19.163  1.00 16.27 ? 192 GLU A N   1 
ATOM   10   C CA  . GLU A 1 4  ? -14.273 25.208  19.065  1.00 16.94 ? 192 GLU A CA  1 
ATOM   11   C C   . GLU A 1 4  ? -14.858 24.624  17.774  1.00 15.29 ? 192 GLU A C   1 
ATOM   12   O O   . GLU A 1 4  ? -14.204 23.839  17.100  1.00 17.32 ? 192 GLU A O   1 
ATOM   13   C CB  . GLU A 1 4  ? -14.870 24.520  20.292  1.00 19.77 ? 192 GLU A CB  1 
ATOM   14   C CG  . GLU A 1 4  ? -14.696 23.011  20.387  1.00 21.50 ? 192 GLU A CG  1 
ATOM   15   C CD  . GLU A 1 4  ? -13.253 22.564  20.463  1.00 30.73 ? 192 GLU A CD  1 
ATOM   16   O OE1 . GLU A 1 4  ? -12.393 23.382  20.841  1.00 32.94 ? 192 GLU A OE1 1 
ATOM   17   O OE2 . GLU A 1 4  ? -12.983 21.382  20.148  1.00 37.03 ? 192 GLU A OE2 1 
ATOM   18   N N   . ALA A 1 5  ? -16.076 25.026  17.408  1.00 16.84 ? 193 ALA A N   1 
ATOM   19   C CA  . ALA A 1 5  ? -16.711 24.502  16.190  1.00 15.89 ? 193 ALA A CA  1 
ATOM   20   C C   . ALA A 1 5  ? -15.894 24.779  14.943  1.00 15.86 ? 193 ALA A C   1 
ATOM   21   O O   . ALA A 1 5  ? -15.723 23.903  14.098  1.00 17.41 ? 193 ALA A O   1 
ATOM   22   C CB  . ALA A 1 5  ? -18.118 25.043  16.031  1.00 15.43 ? 193 ALA A CB  1 
ATOM   23   N N   . ALA A 1 6  ? -15.368 25.996  14.819  1.00 14.27 ? 194 ALA A N   1 
ATOM   24   C CA  . ALA A 1 6  ? -14.553 26.360  13.661  1.00 14.83 ? 194 ALA A CA  1 
ATOM   25   C C   . ALA A 1 6  ? -13.244 25.574  13.643  1.00 17.47 ? 194 ALA A C   1 
ATOM   26   O O   . ALA A 1 6  ? -12.774 25.174  12.581  1.00 15.58 ? 194 ALA A O   1 
ATOM   27   C CB  . ALA A 1 6  ? -14.264 27.848  13.649  1.00 14.98 ? 194 ALA A CB  1 
ATOM   28   N N   . GLU A 1 7  ? -12.641 25.401  14.821  1.00 17.41 ? 195 GLU A N   1 
ATOM   29   C CA  . GLU A 1 7  ? -11.401 24.656  14.935  1.00 18.85 ? 195 GLU A CA  1 
ATOM   30   C C   . GLU A 1 7  ? -11.626 23.210  14.498  1.00 18.40 ? 195 GLU A C   1 
ATOM   31   O O   . GLU A 1 7  ? -10.864 22.658  13.694  1.00 17.07 ? 195 GLU A O   1 
ATOM   32   C CB  . GLU A 1 7  ? -10.864 24.737  16.370  1.00 18.40 ? 195 GLU A CB  1 
ATOM   33   C CG  . GLU A 1 7  ? -10.257 26.095  16.702  1.00 24.88 ? 195 GLU A CG  1 
ATOM   34   C CD  . GLU A 1 7  ? -9.539  26.136  18.051  1.00 31.18 ? 195 GLU A CD  1 
ATOM   35   O OE1 . GLU A 1 7  ? -9.120  25.065  18.559  1.00 42.75 ? 195 GLU A OE1 1 
ATOM   36   O OE2 . GLU A 1 7  ? -9.374  27.254  18.595  1.00 37.55 ? 195 GLU A OE2 1 
ATOM   37   N N   . LEU A 1 8  ? -12.701 22.620  15.000  1.00 17.92 ? 196 LEU A N   1 
ATOM   38   C CA  . LEU A 1 8  ? -13.037 21.250  14.686  1.00 18.23 ? 196 LEU A CA  1 
ATOM   39   C C   . LEU A 1 8  ? -13.384 21.087  13.223  1.00 19.28 ? 196 LEU A C   1 
ATOM   40   O O   . LEU A 1 8  ? -13.048 20.071  12.637  1.00 19.11 ? 196 LEU A O   1 
ATOM   41   C CB  . LEU A 1 8  ? -14.177 20.760  15.566  1.00 17.74 ? 196 LEU A CB  1 
ATOM   42   C CG  . LEU A 1 8  ? -13.811 20.516  17.026  1.00 19.78 ? 196 LEU A CG  1 
ATOM   43   C CD1 . LEU A 1 8  ? -15.080 20.339  17.878  1.00 20.36 ? 196 LEU A CD1 1 
ATOM   44   C CD2 . LEU A 1 8  ? -12.869 19.303  17.186  1.00 21.99 ? 196 LEU A CD2 1 
ATOM   45   N N   . MET A 1 9  ? -14.053 22.077  12.630  1.00 17.45 ? 197 MET A N   1 
ATOM   46   C CA  . MET A 1 9  ? -14.381 22.040  11.210  1.00 17.71 ? 197 MET A CA  1 
ATOM   47   C C   . MET A 1 9  ? -13.127 21.990  10.339  1.00 18.03 ? 197 MET A C   1 
ATOM   48   O O   . MET A 1 9  ? -13.075 21.236  9.359   1.00 16.96 ? 197 MET A O   1 
ATOM   49   C CB  . MET A 1 9  ? -15.255 23.230  10.794  1.00 15.14 ? 197 MET A CB  1 
ATOM   50   C CG  . MET A 1 9  ? -15.775 23.107  9.400   1.00 18.11 ? 197 MET A CG  1 
ATOM   51   S SD  . MET A 1 9  ? -16.962 24.379  8.985   1.00 19.52 ? 197 MET A SD  1 
ATOM   52   C CE  . MET A 1 9  ? -18.344 23.832  9.954   1.00 16.56 ? 197 MET A CE  1 
ATOM   53   N N   . GLN A 1 10 ? -12.116 22.784  10.685  1.00 16.58 ? 198 GLN A N   1 
ATOM   54   C CA  . GLN A 1 10 ? -10.856 22.746  9.960   1.00 19.05 ? 198 GLN A CA  1 
ATOM   55   C C   . GLN A 1 10 ? -10.225 21.360  10.124  1.00 17.84 ? 198 GLN A C   1 
ATOM   56   O O   . GLN A 1 10 ? -9.703  20.813  9.164   1.00 18.24 ? 198 GLN A O   1 
ATOM   57   C CB  . GLN A 1 10 ? -9.887  23.834  10.435  1.00 20.72 ? 198 GLN A CB  1 
ATOM   58   C CG  . GLN A 1 10 ? -8.617  23.941  9.582   1.00 20.28 ? 198 GLN A CG  1 
ATOM   59   C CD  . GLN A 1 10 ? -7.773  25.146  9.923   1.00 28.48 ? 198 GLN A CD  1 
ATOM   60   O OE1 . GLN A 1 10 ? -7.232  25.796  9.030   1.00 46.73 ? 198 GLN A OE1 1 
ATOM   61   N NE2 . GLN A 1 10 ? -7.668  25.465  11.212  1.00 44.22 ? 198 GLN A NE2 1 
ATOM   62   N N   . GLN A 1 11 ? -10.311 20.805  11.327  1.00 18.49 ? 199 GLN A N   1 
ATOM   63   C CA  . GLN A 1 11 ? -9.766  19.481  11.595  1.00 19.90 ? 199 GLN A CA  1 
ATOM   64   C C   . GLN A 1 11 ? -10.468 18.402  10.787  1.00 21.72 ? 199 GLN A C   1 
ATOM   65   O O   . GLN A 1 11 ? -9.815  17.527  10.230  1.00 20.50 ? 199 GLN A O   1 
ATOM   66   C CB  . GLN A 1 11 ? -9.804  19.163  13.085  1.00 19.72 ? 199 GLN A CB  1 
ATOM   67   C CG  . GLN A 1 11 ? -9.042  17.907  13.434  1.00 23.87 ? 199 GLN A CG  1 
ATOM   68   C CD  . GLN A 1 11 ? -8.883  17.686  14.917  1.00 28.81 ? 199 GLN A CD  1 
ATOM   69   O OE1 . GLN A 1 11 ? -9.519  18.371  15.743  1.00 28.87 ? 199 GLN A OE1 1 
ATOM   70   N NE2 . GLN A 1 11 ? -8.027  16.717  15.273  1.00 34.97 ? 199 GLN A NE2 1 
ATOM   71   N N   . VAL A 1 12 ? -11.785 18.444  10.712  1.00 20.52 ? 200 VAL A N   1 
ATOM   72   C CA  . VAL A 1 12 ? -12.513 17.539  9.819   1.00 21.38 ? 200 VAL A CA  1 
ATOM   73   C C   . VAL A 1 12 ? -12.019 17.640  8.362   1.00 21.35 ? 200 VAL A C   1 
ATOM   74   O O   . VAL A 1 12 ? -11.779 16.608  7.723   1.00 21.41 ? 200 VAL A O   1 
ATOM   75   C CB  . VAL A 1 12 ? -14.059 17.754  9.899   1.00 21.77 ? 200 VAL A CB  1 
ATOM   76   C CG1 . VAL A 1 12 ? -14.760 17.031  8.764   1.00 22.78 ? 200 VAL A CG1 1 
ATOM   77   C CG2 . VAL A 1 12 ? -14.593 17.301  11.217  1.00 24.76 ? 200 VAL A CG2 1 
ATOM   78   N N   . ASN A 1 13 ? -11.874 18.855  7.831   1.00 17.40 ? 201 ASN A N   1 
ATOM   79   C CA  . ASN A 1 13 ? -11.454 19.086  6.461   1.00 21.07 ? 201 ASN A CA  1 
ATOM   80   C C   . ASN A 1 13 ? -10.084 18.454  6.237   1.00 21.93 ? 201 ASN A C   1 
ATOM   81   O O   . ASN A 1 13 ? -9.875  17.793  5.232   1.00 20.72 ? 201 ASN A O   1 
ATOM   82   C CB  . ASN A 1 13 ? -11.414 20.572  6.126   1.00 21.95 ? 201 ASN A CB  1 
ATOM   83   C CG  . ASN A 1 13 ? -12.806 21.198  6.056   1.00 23.90 ? 201 ASN A CG  1 
ATOM   84   O OD1 . ASN A 1 13 ? -13.807 20.493  5.977   1.00 22.71 ? 201 ASN A OD1 1 
ATOM   85   N ND2 . ASN A 1 13 ? -12.866 22.527  6.095   1.00 18.55 ? 201 ASN A ND2 1 
ATOM   86   N N   . VAL A 1 14 ? -9.179  18.629  7.192   1.00 20.31 ? 202 VAL A N   1 
ATOM   87   C CA  . VAL A 1 14 ? -7.819  18.093  7.048   1.00 20.28 ? 202 VAL A CA  1 
ATOM   88   C C   . VAL A 1 14 ? -7.863  16.577  7.114   1.00 21.22 ? 202 VAL A C   1 
ATOM   89   O O   . VAL A 1 14 ? -7.190  15.914  6.317   1.00 22.05 ? 202 VAL A O   1 
ATOM   90   C CB  . VAL A 1 14 ? -6.874  18.679  8.110   1.00 20.26 ? 202 VAL A CB  1 
ATOM   91   C CG1 . VAL A 1 14 ? -5.547  17.907  8.166   1.00 21.96 ? 202 VAL A CG1 1 
ATOM   92   C CG2 . VAL A 1 14 ? -6.639  20.141  7.824   1.00 23.06 ? 202 VAL A CG2 1 
ATOM   93   N N   . LEU A 1 15 ? -8.672  16.037  8.021   1.00 20.18 ? 203 LEU A N   1 
ATOM   94   C CA  . LEU A 1 15 ? -8.761  14.589  8.175   1.00 21.90 ? 203 LEU A CA  1 
ATOM   95   C C   . LEU A 1 15 ? -9.448  13.947  6.985   1.00 23.86 ? 203 LEU A C   1 
ATOM   96   O O   . LEU A 1 15 ? -9.067  12.855  6.604   1.00 23.01 ? 203 LEU A O   1 
ATOM   97   C CB  . LEU A 1 15 ? -9.402  14.179  9.491   1.00 22.18 ? 203 LEU A CB  1 
ATOM   98   C CG  . LEU A 1 15 ? -8.610  14.476  10.761  1.00 21.55 ? 203 LEU A CG  1 
ATOM   99   C CD1 . LEU A 1 15 ? -9.508  14.321  11.990  1.00 27.89 ? 203 LEU A CD1 1 
ATOM   100  C CD2 . LEU A 1 15 ? -7.368  13.597  10.894  1.00 31.24 ? 203 LEU A CD2 1 
ATOM   101  N N   . LYS A 1 16 ? -10.405 14.616  6.347   1.00 22.56 ? 204 LYS A N   1 
ATOM   102  C CA  . LYS A 1 16 ? -11.001 14.080  5.131   1.00 23.37 ? 204 LYS A CA  1 
ATOM   103  C C   . LYS A 1 16 ? -9.966  13.985  4.002   1.00 25.85 ? 204 LYS A C   1 
ATOM   104  O O   . LYS A 1 16 ? -9.979  13.051  3.200   1.00 25.14 ? 204 LYS A O   1 
ATOM   105  C CB  . LYS A 1 16 ? -12.188 14.927  4.664   1.00 23.76 ? 204 LYS A CB  1 
ATOM   106  C CG  . LYS A 1 16 ? -13.447 14.762  5.513   1.00 28.80 ? 204 LYS A CG  1 
ATOM   107  C CD  . LYS A 1 16 ? -14.583 15.562  4.911   1.00 29.75 ? 204 LYS A CD  1 
ATOM   108  C CE  . LYS A 1 16 ? -15.893 15.329  5.612   1.00 37.57 ? 204 LYS A CE  1 
ATOM   109  N NZ  . LYS A 1 16 ? -16.973 15.912  4.764   1.00 44.95 ? 204 LYS A NZ  1 
ATOM   110  N N   . LEU A 1 17 ? -9.090  14.978  3.919   1.00 21.19 ? 205 LEU A N   1 
ATOM   111  C CA  . LEU A 1 17 ? -8.073  15.004  2.887   1.00 21.64 ? 205 LEU A CA  1 
ATOM   112  C C   . LEU A 1 17 ? -7.073  13.891  3.190   1.00 22.80 ? 205 LEU A C   1 
ATOM   113  O O   . LEU A 1 17 ? -6.560  13.258  2.276   1.00 22.19 ? 205 LEU A O   1 
ATOM   114  C CB  . LEU A 1 17 ? -7.387  16.370  2.811   1.00 18.96 ? 205 LEU A CB  1 
ATOM   115  C CG  . LEU A 1 17 ? -8.167  17.517  2.146   1.00 29.12 ? 205 LEU A CG  1 
ATOM   116  C CD1 . LEU A 1 17 ? -7.436  18.816  2.391   1.00 38.08 ? 205 LEU A CD1 1 
ATOM   117  C CD2 . LEU A 1 17 ? -8.378  17.280  0.641   1.00 36.09 ? 205 LEU A CD2 1 
ATOM   118  N N   . THR A 1 18 ? -6.805  13.666  4.472   1.00 19.63 ? 206 THR A N   1 
ATOM   119  C CA  . THR A 1 18 ? -5.866  12.646  4.910   1.00 23.72 ? 206 THR A CA  1 
ATOM   120  C C   . THR A 1 18 ? -6.397  11.262  4.594   1.00 25.97 ? 206 THR A C   1 
ATOM   121  O O   . THR A 1 18 ? -5.676  10.440  4.039   1.00 23.08 ? 206 THR A O   1 
ATOM   122  C CB  . THR A 1 18 ? -5.587  12.786  6.405   1.00 24.59 ? 206 THR A CB  1 
ATOM   123  O OG1 . THR A 1 18 ? -5.020  14.080  6.642   1.00 21.51 ? 206 THR A OG1 1 
ATOM   124  C CG2 . THR A 1 18 ? -4.500  11.809  6.855   1.00 22.45 ? 206 THR A CG2 1 
ATOM   125  N N   . VAL A 1 19 ? -7.668  11.028  4.894   1.00 22.89 ? 207 VAL A N   1 
ATOM   126  C CA  . VAL A 1 19 ? -8.373  9.788   4.490   1.00 25.59 ? 207 VAL A CA  1 
ATOM   127  C C   . VAL A 1 19 ? -8.263  9.535   2.997   1.00 26.29 ? 207 VAL A C   1 
ATOM   128  O O   . VAL A 1 19 ? -7.919  8.423   2.567   1.00 22.64 ? 207 VAL A O   1 
ATOM   129  C CB  . VAL A 1 19 ? -9.870  9.862   4.878   1.00 25.96 ? 207 VAL A CB  1 
ATOM   130  C CG1 . VAL A 1 19 ? -10.708 8.818   4.150   1.00 27.99 ? 207 VAL A CG1 1 
ATOM   131  C CG2 . VAL A 1 19 ? -10.014 9.721   6.361   1.00 22.90 ? 207 VAL A CG2 1 
ATOM   132  N N   . GLU A 1 20 ? -8.524  10.568  2.205   1.00 24.67 ? 208 GLU A N   1 
ATOM   133  C CA  . GLU A 1 20 ? -8.499  10.478  0.757   1.00 26.90 ? 208 GLU A CA  1 
ATOM   134  C C   . GLU A 1 20 ? -7.112  10.057  0.276   1.00 25.50 ? 208 GLU A C   1 
ATOM   135  O O   . GLU A 1 20 ? -6.967  9.173   -0.572  1.00 25.64 ? 208 GLU A O   1 
ATOM   136  C CB  . GLU A 1 20 ? -8.897  11.807  0.127   1.00 23.93 ? 208 GLU A CB  1 
ATOM   137  C CG  . GLU A 1 20 ? -8.839  11.813  -1.386  1.00 29.47 ? 208 GLU A CG  1 
ATOM   138  C CD  . GLU A 1 20 ? -9.510  13.019  -1.995  1.00 33.68 ? 208 GLU A CD  1 
ATOM   139  O OE1 . GLU A 1 20 ? -10.010 13.883  -1.241  1.00 39.22 ? 208 GLU A OE1 1 
ATOM   140  O OE2 . GLU A 1 20 ? -9.545  13.090  -3.234  1.00 36.45 ? 208 GLU A OE2 1 
ATOM   141  N N   . ASP A 1 21 ? -6.094  10.645  0.884   1.00 21.35 ? 209 ASP A N   1 
ATOM   142  C CA  . ASP A 1 21 ? -4.741  10.417  0.436   1.00 23.86 ? 209 ASP A CA  1 
ATOM   143  C C   . ASP A 1 21 ? -4.338  8.992   0.807   1.00 21.19 ? 209 ASP A C   1 
ATOM   144  O O   . ASP A 1 21 ? -3.790  8.285   -0.038  1.00 22.55 ? 209 ASP A O   1 
ATOM   145  C CB  . ASP A 1 21 ? -3.790  11.448  1.044   1.00 22.40 ? 209 ASP A CB  1 
ATOM   146  C CG  . ASP A 1 21 ? -3.893  12.811  0.382   1.00 27.07 ? 209 ASP A CG  1 
ATOM   147  O OD1 . ASP A 1 21 ? -4.581  12.955  -0.659  1.00 32.08 ? 209 ASP A OD1 1 
ATOM   148  O OD2 . ASP A 1 21 ? -3.309  13.802  0.858   1.00 28.61 ? 209 ASP A OD2 1 
ATOM   149  N N   . LEU A 1 22 ? -4.600  8.579   2.043   1.00 20.72 ? 210 LEU A N   1 
ATOM   150  C CA  . LEU A 1 22 ? -4.213  7.268   2.553   1.00 21.71 ? 210 LEU A CA  1 
ATOM   151  C C   . LEU A 1 22 ? -4.973  6.187   1.848   1.00 22.35 ? 210 LEU A C   1 
ATOM   152  O O   . LEU A 1 22 ? -4.405  5.134   1.519   1.00 22.32 ? 210 LEU A O   1 
ATOM   153  C CB  . LEU A 1 22 ? -4.471  7.139   4.023   1.00 23.70 ? 210 LEU A CB  1 
ATOM   154  C CG  . LEU A 1 22 ? -3.572  7.919   4.978   1.00 22.15 ? 210 LEU A CG  1 
ATOM   155  C CD1 . LEU A 1 22 ? -4.034  7.680   6.385   1.00 25.75 ? 210 LEU A CD1 1 
ATOM   156  C CD2 . LEU A 1 22 ? -2.130  7.512   4.817   1.00 28.02 ? 210 LEU A CD2 1 
ATOM   157  N N   . GLU A 1 23 ? -6.242  6.452   1.573   1.00 20.48 ? 211 GLU A N   1 
ATOM   158  C CA  . GLU A 1 23 ? -7.063  5.428   0.943   1.00 22.62 ? 211 GLU A CA  1 
ATOM   159  C C   . GLU A 1 23 ? -6.645  5.207   -0.484  1.00 19.21 ? 211 GLU A C   1 
ATOM   160  O O   . GLU A 1 23 ? -6.542  4.073   -0.919  1.00 23.31 ? 211 GLU A O   1 
ATOM   161  C CB  . GLU A 1 23 ? -8.538  5.762   1.031   1.00 20.40 ? 211 GLU A CB  1 
ATOM   162  C CG  . GLU A 1 23 ? -9.417  4.608   0.568   1.00 22.24 ? 211 GLU A CG  1 
ATOM   163  C CD  . GLU A 1 23 ? -10.775 4.618   1.210   1.00 22.68 ? 211 GLU A CD  1 
ATOM   164  O OE1 . GLU A 1 23 ? -10.962 5.288   2.264   1.00 25.35 ? 211 GLU A OE1 1 
ATOM   165  O OE2 . GLU A 1 23 ? -11.699 3.932   0.680   1.00 21.71 ? 211 GLU A OE2 1 
ATOM   166  N N   . LYS A 1 24 ? -6.411  6.272   -1.242  1.00 16.85 ? 212 LYS A N   1 
ATOM   167  C CA  . LYS A 1 24 ? -5.907  6.185   -2.597  1.00 22.20 ? 212 LYS A CA  1 
ATOM   168  C C   . LYS A 1 24 ? -4.573  5.471   -2.654  1.00 22.78 ? 212 LYS A C   1 
ATOM   169  O O   . LYS A 1 24 ? -4.348  4.665   -3.561  1.00 21.03 ? 212 LYS A O   1 
ATOM   170  C CB  . LYS A 1 24 ? -5.778  7.566   -3.166  1.00 23.59 ? 212 LYS A CB  1 
ATOM   171  C CG  . LYS A 1 24 ? -7.116  8.177   -3.624  1.00 22.34 ? 212 LYS A CG  1 
ATOM   172  C CD  . LYS A 1 24 ? -6.921  9.541   -4.241  1.00 26.18 ? 212 LYS A CD  1 
ATOM   173  C CE  . LYS A 1 24 ? -8.278  10.136  -4.589  1.00 32.80 ? 212 LYS A CE  1 
ATOM   174  N NZ  . LYS A 1 24 ? -8.117  11.444  -5.316  1.00 34.67 ? 212 LYS A NZ  1 
ATOM   175  N N   . GLU A 1 25 ? -3.674  5.804   -1.727  1.00 22.15 ? 213 GLU A N   1 
ATOM   176  C CA  . GLU A 1 25 ? -2.361  5.130   -1.658  1.00 24.33 ? 213 GLU A CA  1 
ATOM   177  C C   . GLU A 1 25 ? -2.542  3.642   -1.376  1.00 21.47 ? 213 GLU A C   1 
ATOM   178  O O   . GLU A 1 25 ? -2.023  2.819   -2.117  1.00 21.82 ? 213 GLU A O   1 
ATOM   179  C CB  . GLU A 1 25 ? -1.440  5.816   -0.611  1.00 20.12 ? 213 GLU A CB  1 
ATOM   180  C CG  . GLU A 1 25 ? -0.941  7.186   -1.058  1.00 24.01 ? 213 GLU A CG  1 
ATOM   181  C CD  . GLU A 1 25 ? -0.671  8.151   0.093   1.00 29.64 ? 213 GLU A CD  1 
ATOM   182  O OE1 . GLU A 1 25 ? -0.671  7.713   1.249   1.00 29.32 ? 213 GLU A OE1 1 
ATOM   183  O OE2 . GLU A 1 25 ? -0.494  9.372   -0.162  1.00 31.24 ? 213 GLU A OE2 1 
ATOM   184  N N   . ARG A 1 26 ? -3.304  3.284   -0.343  1.00 19.66 ? 214 ARG A N   1 
ATOM   185  C CA  . ARG A 1 26 ? -3.617  1.898   -0.006  1.00 22.08 ? 214 ARG A CA  1 
ATOM   186  C C   . ARG A 1 26 ? -4.136  1.153   -1.246  1.00 25.85 ? 214 ARG A C   1 
ATOM   187  O O   . ARG A 1 26 ? -3.724  0.030   -1.523  1.00 20.30 ? 214 ARG A O   1 
ATOM   188  C CB  . ARG A 1 26 ? -4.700  1.890   1.042   1.00 21.16 ? 214 ARG A CB  1 
ATOM   189  C CG  . ARG A 1 26 ? -5.111  0.504   1.483   1.00 22.21 ? 214 ARG A CG  1 
ATOM   190  C CD  . ARG A 1 26 ? -6.436  0.458   2.159   1.00 23.53 ? 214 ARG A CD  1 
ATOM   191  N NE  . ARG A 1 26 ? -7.511  0.793   1.234   1.00 20.18 ? 214 ARG A NE  1 
ATOM   192  C CZ  . ARG A 1 26 ? -8.800  0.728   1.548   1.00 19.45 ? 214 ARG A CZ  1 
ATOM   193  N NH1 . ARG A 1 26 ? -9.165  0.386   2.761   1.00 24.24 ? 214 ARG A NH1 1 
ATOM   194  N NH2 . ARG A 1 26 ? -9.728  1.020   0.644   1.00 21.24 ? 214 ARG A NH2 1 
ATOM   195  N N   . ASP A 1 27 ? -5.069  1.764   -1.961  1.00 20.70 ? 215 ASP A N   1 
ATOM   196  C CA  . ASP A 1 27 ? -5.692  1.131   -3.131  1.00 19.36 ? 215 ASP A CA  1 
ATOM   197  C C   . ASP A 1 27 ? -4.701  0.904   -4.251  1.00 20.11 ? 215 ASP A C   1 
ATOM   198  O O   . ASP A 1 27 ? -4.748  -0.110  -4.949  1.00 22.15 ? 215 ASP A O   1 
ATOM   199  C CB  . ASP A 1 27 ? -6.858  1.997   -3.664  1.00 20.26 ? 215 ASP A CB  1 
ATOM   200  C CG  . ASP A 1 27 ? -8.018  2.056   -2.714  1.00 19.99 ? 215 ASP A CG  1 
ATOM   201  O OD1 . ASP A 1 27 ? -8.108  1.207   -1.794  1.00 19.23 ? 215 ASP A OD1 1 
ATOM   202  O OD2 . ASP A 1 27 ? -8.961  2.874   -2.833  1.00 20.37 ? 215 ASP A OD2 1 
ATOM   203  N N   . PHE A 1 28 ? -3.833  1.875   -4.467  1.00 18.96 ? 216 PHE A N   1 
ATOM   204  C CA  . PHE A 1 28 ? -2.798  1.786   -5.482  1.00 20.28 ? 216 PHE A CA  1 
ATOM   205  C C   . PHE A 1 28 ? -1.854  0.622   -5.133  1.00 17.97 ? 216 PHE A C   1 
ATOM   206  O O   . PHE A 1 28 ? -1.553  -0.212  -5.978  1.00 17.96 ? 216 PHE A O   1 
ATOM   207  C CB  . PHE A 1 28 ? -2.053  3.114   -5.525  1.00 21.15 ? 216 PHE A CB  1 
ATOM   208  C CG  . PHE A 1 28 ? -0.876  3.144   -6.436  1.00 20.69 ? 216 PHE A CG  1 
ATOM   209  C CD1 . PHE A 1 28 ? -1.014  3.031   -7.816  1.00 22.78 ? 216 PHE A CD1 1 
ATOM   210  C CD2 . PHE A 1 28 ? 0.387   3.342   -5.907  1.00 26.47 ? 216 PHE A CD2 1 
ATOM   211  C CE1 . PHE A 1 28 ? 0.114   3.109   -8.653  1.00 27.99 ? 216 PHE A CE1 1 
ATOM   212  C CE2 . PHE A 1 28 ? 1.494   3.407   -6.718  1.00 21.27 ? 216 PHE A CE2 1 
ATOM   213  C CZ  . PHE A 1 28 ? 1.366   3.303   -8.090  1.00 20.45 ? 216 PHE A CZ  1 
ATOM   214  N N   . TYR A 1 29 ? -1.408  0.551   -3.885  1.00 18.49 ? 217 TYR A N   1 
ATOM   215  C CA  . TYR A 1 29 ? -0.515  -0.545  -3.468  1.00 23.05 ? 217 TYR A CA  1 
ATOM   216  C C   . TYR A 1 29 ? -1.209  -1.911  -3.534  1.00 23.09 ? 217 TYR A C   1 
ATOM   217  O O   . TYR A 1 29 ? -0.621  -2.880  -4.043  1.00 20.18 ? 217 TYR A O   1 
ATOM   218  C CB  . TYR A 1 29 ? 0.039   -0.305  -2.083  1.00 23.02 ? 217 TYR A CB  1 
ATOM   219  C CG  . TYR A 1 29 ? 0.771   1.008   -1.949  1.00 20.72 ? 217 TYR A CG  1 
ATOM   220  C CD1 . TYR A 1 29 ? 1.536   1.511   -2.979  1.00 21.02 ? 217 TYR A CD1 1 
ATOM   221  C CD2 . TYR A 1 29 ? 0.727   1.737   -0.746  1.00 22.72 ? 217 TYR A CD2 1 
ATOM   222  C CE1 . TYR A 1 29 ? 2.215   2.736   -2.856  1.00 21.64 ? 217 TYR A CE1 1 
ATOM   223  C CE2 . TYR A 1 29 ? 1.391   2.952   -0.624  1.00 21.81 ? 217 TYR A CE2 1 
ATOM   224  C CZ  . TYR A 1 29 ? 2.118   3.450   -1.667  1.00 23.52 ? 217 TYR A CZ  1 
ATOM   225  O OH  . TYR A 1 29 ? 2.789   4.643   -1.571  1.00 25.26 ? 217 TYR A OH  1 
ATOM   226  N N   . PHE A 1 30 ? -2.444  -1.994  -3.072  1.00 20.55 ? 218 PHE A N   1 
ATOM   227  C CA  . PHE A 1 30 ? -3.250  -3.185  -3.268  1.00 19.59 ? 218 PHE A CA  1 
ATOM   228  C C   . PHE A 1 30 ? -3.282  -3.600  -4.736  1.00 19.94 ? 218 PHE A C   1 
ATOM   229  O O   . PHE A 1 30 ? -3.109  -4.797  -5.034  1.00 20.20 ? 218 PHE A O   1 
ATOM   230  C CB  . PHE A 1 30 ? -4.690  -2.986  -2.812  1.00 18.85 ? 218 PHE A CB  1 
ATOM   231  C CG  . PHE A 1 30 ? -5.550  -4.185  -3.057  1.00 19.88 ? 218 PHE A CG  1 
ATOM   232  C CD1 . PHE A 1 30 ? -5.533  -5.252  -2.193  1.00 25.46 ? 218 PHE A CD1 1 
ATOM   233  C CD2 . PHE A 1 30 ? -6.362  -4.266  -4.186  1.00 21.48 ? 218 PHE A CD2 1 
ATOM   234  C CE1 . PHE A 1 30 ? -6.341  -6.388  -2.434  1.00 22.19 ? 218 PHE A CE1 1 
ATOM   235  C CE2 . PHE A 1 30 ? -7.129  -5.387  -4.429  1.00 20.37 ? 218 PHE A CE2 1 
ATOM   236  C CZ  . PHE A 1 30 ? -7.129  -6.445  -3.542  1.00 21.67 ? 218 PHE A CZ  1 
ATOM   237  N N   . GLY A 1 31 ? -3.575  -2.675  -5.648  1.00 20.47 ? 219 GLY A N   1 
ATOM   238  C CA  . GLY A 1 31 ? -3.710  -3.019  -7.064  1.00 19.18 ? 219 GLY A CA  1 
ATOM   239  C C   . GLY A 1 31 ? -2.420  -3.585  -7.632  1.00 19.31 ? 219 GLY A C   1 
ATOM   240  O O   . GLY A 1 31 ? -2.438  -4.499  -8.447  1.00 19.48 ? 219 GLY A O   1 
ATOM   241  N N   . LYS A 1 32 ? -1.304  -3.028  -7.196  1.00 19.09 ? 220 LYS A N   1 
ATOM   242  C CA  . LYS A 1 32 ? -0.006  -3.489  -7.617  1.00 20.75 ? 220 LYS A CA  1 
ATOM   243  C C   . LYS A 1 32 ? 0.255   -4.900  -7.080  1.00 18.02 ? 220 LYS A C   1 
ATOM   244  O O   . LYS A 1 32 ? 0.729   -5.751  -7.839  1.00 19.65 ? 220 LYS A O   1 
ATOM   245  C CB  . LYS A 1 32 ? 1.074   -2.484  -7.200  1.00 19.13 ? 220 LYS A CB  1 
ATOM   246  C CG  . LYS A 1 32 ? 1.040   -1.167  -7.980  1.00 19.49 ? 220 LYS A CG  1 
ATOM   247  C CD  . LYS A 1 32 ? 1.539   -1.336  -9.379  1.00 24.91 ? 220 LYS A CD  1 
ATOM   248  C CE  . LYS A 1 32 ? 1.644   -0.029  -10.126 1.00 22.16 ? 220 LYS A CE  1 
ATOM   249  N NZ  . LYS A 1 32 ? 2.375   -0.221  -11.389 1.00 21.10 ? 220 LYS A NZ  1 
ATOM   250  N N   . LEU A 1 33 ? -0.072  -5.162  -5.821  1.00 19.58 ? 221 LEU A N   1 
ATOM   251  C CA  . LEU A 1 33 ? 0.039   -6.494  -5.261  1.00 20.78 ? 221 LEU A CA  1 
ATOM   252  C C   . LEU A 1 33 ? -0.831  -7.479  -6.026  1.00 19.65 ? 221 LEU A C   1 
ATOM   253  O O   . LEU A 1 33 ? -0.416  -8.595  -6.287  1.00 20.61 ? 221 LEU A O   1 
ATOM   254  C CB  . LEU A 1 33 ? -0.353  -6.505  -3.808  1.00 17.75 ? 221 LEU A CB  1 
ATOM   255  C CG  . LEU A 1 33 ? 0.653   -5.779  -2.918  1.00 18.51 ? 221 LEU A CG  1 
ATOM   256  C CD1 . LEU A 1 33 ? 0.096   -5.495  -1.524  1.00 19.90 ? 221 LEU A CD1 1 
ATOM   257  C CD2 . LEU A 1 33 ? 2.023   -6.529  -2.831  1.00 21.30 ? 221 LEU A CD2 1 
ATOM   258  N N   . ARG A 1 34 ? -2.039  -7.071  -6.374  1.00 16.64 ? 222 ARG A N   1 
ATOM   259  C CA  . ARG A 1 34 ? -2.930  -7.932  -7.098  1.00 16.88 ? 222 ARG A CA  1 
ATOM   260  C C   . ARG A 1 34 ? -2.382  -8.235  -8.505  1.00 18.31 ? 222 ARG A C   1 
ATOM   261  O O   . ARG A 1 34 ? -2.524  -9.353  -8.986  1.00 18.65 ? 222 ARG A O   1 
ATOM   262  C CB  . ARG A 1 34 ? -4.301  -7.308  -7.167  1.00 19.22 ? 222 ARG A CB  1 
ATOM   263  C CG  . ARG A 1 34 ? -5.335  -8.336  -7.267  1.00 25.50 ? 222 ARG A CG  1 
ATOM   264  C CD  . ARG A 1 34 ? -6.699  -7.821  -7.158  1.00 24.84 ? 222 ARG A CD  1 
ATOM   265  N NE  . ARG A 1 34 ? -7.612  -8.930  -7.036  1.00 28.35 ? 222 ARG A NE  1 
ATOM   266  C CZ  . ARG A 1 34 ? -8.913  -8.783  -6.848  1.00 29.50 ? 222 ARG A CZ  1 
ATOM   267  N NH1 . ARG A 1 34 ? -9.446  -7.553  -6.728  1.00 22.33 ? 222 ARG A NH1 1 
ATOM   268  N NH2 . ARG A 1 34 ? -9.653  -9.868  -6.746  1.00 30.06 ? 222 ARG A NH2 1 
ATOM   269  N N   . ASN A 1 35 ? -1.794  -7.242  -9.180  1.00 18.79 ? 223 ASN A N   1 
ATOM   270  C CA  . ASN A 1 35 ? -1.124  -7.483  -10.453 1.00 18.28 ? 223 ASN A CA  1 
ATOM   271  C C   . ASN A 1 35 ? -0.048  -8.564  -10.264 1.00 17.36 ? 223 ASN A C   1 
ATOM   272  O O   . ASN A 1 35 ? 0.098   -9.442  -11.117 1.00 16.40 ? 223 ASN A O   1 
ATOM   273  C CB  . ASN A 1 35 ? -0.439  -6.228  -11.005 1.00 17.59 ? 223 ASN A CB  1 
ATOM   274  C CG  . ASN A 1 35 ? -1.382  -5.051  -11.294 1.00 26.75 ? 223 ASN A CG  1 
ATOM   275  O OD1 . ASN A 1 35 ? -2.594  -5.191  -11.536 1.00 26.66 ? 223 ASN A OD1 1 
ATOM   276  N ND2 . ASN A 1 35 ? -0.787  -3.866  -11.331 1.00 24.14 ? 223 ASN A ND2 1 
ATOM   277  N N   . ILE A 1 36 ? 0.722   -8.483  -9.184  1.00 18.57 ? 224 ILE A N   1 
ATOM   278  C CA  . ILE A 1 36 ? 1.836   -9.425  -8.931  1.00 17.10 ? 224 ILE A CA  1 
ATOM   279  C C   . ILE A 1 36 ? 1.270   -10.795 -8.630  1.00 19.14 ? 224 ILE A C   1 
ATOM   280  O O   . ILE A 1 36 ? 1.758   -11.795 -9.137  1.00 16.06 ? 224 ILE A O   1 
ATOM   281  C CB  . ILE A 1 36 ? 2.730   -8.918  -7.806  1.00 15.56 ? 224 ILE A CB  1 
ATOM   282  C CG1 . ILE A 1 36 ? 3.476   -7.681  -8.255  1.00 19.37 ? 224 ILE A CG1 1 
ATOM   283  C CG2 . ILE A 1 36 ? 3.730   -9.967  -7.399  1.00 17.90 ? 224 ILE A CG2 1 
ATOM   284  C CD1 . ILE A 1 36 ? 4.130   -6.926  -7.127  1.00 20.18 ? 224 ILE A CD1 1 
ATOM   285  N N   . GLU A 1 37 ? 0.194   -10.828 -7.847  1.00 17.88 ? 225 GLU A N   1 
ATOM   286  C CA  . GLU A 1 37 ? -0.510  -12.061 -7.570  1.00 18.36 ? 225 GLU A CA  1 
ATOM   287  C C   . GLU A 1 37 ? -0.869  -12.801 -8.858  1.00 17.90 ? 225 GLU A C   1 
ATOM   288  O O   . GLU A 1 37 ? -0.691  -14.018 -8.955  1.00 16.27 ? 225 GLU A O   1 
ATOM   289  C CB  . GLU A 1 37 ? -1.791  -11.770 -6.780  1.00 17.31 ? 225 GLU A CB  1 
ATOM   290  C CG  . GLU A 1 37 ? -2.454  -13.007 -6.225  1.00 22.70 ? 225 GLU A CG  1 
ATOM   291  C CD  . GLU A 1 37 ? -3.812  -12.712 -5.600  1.00 28.09 ? 225 GLU A CD  1 
ATOM   292  O OE1 . GLU A 1 37 ? -4.369  -11.615 -5.833  1.00 33.29 ? 225 GLU A OE1 1 
ATOM   293  O OE2 . GLU A 1 37 ? -4.335  -13.600 -4.890  1.00 39.07 ? 225 GLU A OE2 1 
ATOM   294  N N   . LEU A 1 38 ? -1.423  -12.082 -9.830  1.00 16.10 ? 226 LEU A N   1 
ATOM   295  C CA  . LEU A 1 38 ? -1.874  -12.705 -11.070 1.00 15.34 ? 226 LEU A CA  1 
ATOM   296  C C   . LEU A 1 38 ? -0.694  -13.316 -11.815 1.00 15.58 ? 226 LEU A C   1 
ATOM   297  O O   . LEU A 1 38 ? -0.793  -14.404 -12.374 1.00 15.96 ? 226 LEU A O   1 
ATOM   298  C CB  . LEU A 1 38 ? -2.591  -11.682 -11.971 1.00 17.46 ? 226 LEU A CB  1 
ATOM   299  C CG  . LEU A 1 38 ? -3.075  -12.190 -13.330 1.00 17.85 ? 226 LEU A CG  1 
ATOM   300  C CD1 . LEU A 1 38 ? -3.922  -13.447 -13.199 1.00 18.57 ? 226 LEU A CD1 1 
ATOM   301  C CD2 . LEU A 1 38 ? -3.851  -11.119 -14.064 1.00 19.25 ? 226 LEU A CD2 1 
ATOM   302  N N   . ILE A 1 39 ? 0.433   -12.609 -11.799 1.00 17.12 ? 227 ILE A N   1 
ATOM   303  C CA  . ILE A 1 39 ? 1.642   -13.089 -12.485 1.00 17.04 ? 227 ILE A CA  1 
ATOM   304  C C   . ILE A 1 39 ? 2.085   -14.388 -11.840 1.00 17.90 ? 227 ILE A C   1 
ATOM   305  O O   . ILE A 1 39 ? 2.416   -15.360 -12.531 1.00 17.59 ? 227 ILE A O   1 
ATOM   306  C CB  . ILE A 1 39 ? 2.736   -12.024 -12.467 1.00 16.23 ? 227 ILE A CB  1 
ATOM   307  C CG1 . ILE A 1 39 ? 2.362   -10.917 -13.457 1.00 21.04 ? 227 ILE A CG1 1 
ATOM   308  C CG2 . ILE A 1 39 ? 4.098   -12.623 -12.836 1.00 20.95 ? 227 ILE A CG2 1 
ATOM   309  C CD1 . ILE A 1 39 ? 3.069   -9.693  -13.196 1.00 27.94 ? 227 ILE A CD1 1 
ATOM   310  N N   . CYS A 1 40 ? 2.078   -14.409 -10.516 1.00 19.00 ? 228 CYS A N   1 
ATOM   311  C CA  . CYS A 1 40 ? 2.390   -15.625 -9.790  1.00 18.96 ? 228 CYS A CA  1 
ATOM   312  C C   . CYS A 1 40 ? 1.420   -16.762 -10.114 1.00 19.40 ? 228 CYS A C   1 
ATOM   313  O O   . CYS A 1 40 ? 1.859   -17.889 -10.372 1.00 19.49 ? 228 CYS A O   1 
ATOM   314  C CB  . CYS A 1 40 ? 2.397   -15.360 -8.295  1.00 20.18 ? 228 CYS A CB  1 
ATOM   315  S SG  . CYS A 1 40 ? 3.762   -14.301 -7.775  1.00 21.90 ? 228 CYS A SG  1 
ATOM   316  N N   . GLN A 1 41 ? 0.118   -16.481 -10.110 1.00 18.75 ? 229 GLN A N   1 
ATOM   317  C CA  . GLN A 1 41 ? -0.875  -17.499 -10.439 1.00 19.92 ? 229 GLN A CA  1 
ATOM   318  C C   . GLN A 1 41 ? -0.642  -18.047 -11.845 1.00 18.13 ? 229 GLN A C   1 
ATOM   319  O O   . GLN A 1 41 ? -0.698  -19.246 -12.050 1.00 20.50 ? 229 GLN A O   1 
ATOM   320  C CB  . GLN A 1 41 ? -2.303  -16.968 -10.314 1.00 19.49 ? 229 GLN A CB  1 
ATOM   321  C CG  . GLN A 1 41 ? -3.348  -18.033 -10.639 1.00 23.45 ? 229 GLN A CG  1 
ATOM   322  C CD  . GLN A 1 41 ? -4.789  -17.588 -10.427 1.00 26.58 ? 229 GLN A CD  1 
ATOM   323  O OE1 . GLN A 1 41 ? -5.091  -16.391 -10.394 1.00 33.37 ? 229 GLN A OE1 1 
ATOM   324  N NE2 . GLN A 1 41 ? -5.683  -18.558 -10.292 1.00 35.82 ? 229 GLN A NE2 1 
ATOM   325  N N   . GLU A 1 42 ? -0.383  -17.169 -12.807 1.00 16.64 ? 230 GLU A N   1 
ATOM   326  C CA  . GLU A 1 42 ? -0.212  -17.571 -14.206 1.00 19.97 ? 230 GLU A CA  1 
ATOM   327  C C   . GLU A 1 42 ? 0.994   -18.481 -14.429 1.00 20.97 ? 230 GLU A C   1 
ATOM   328  O O   . GLU A 1 42 ? 1.057   -19.220 -15.418 1.00 19.01 ? 230 GLU A O   1 
ATOM   329  C CB  . GLU A 1 42 ? -0.022  -16.338 -15.080 1.00 20.79 ? 230 GLU A CB  1 
ATOM   330  C CG  . GLU A 1 42 ? -1.292  -15.610 -15.388 1.00 18.33 ? 230 GLU A CG  1 
ATOM   331  C CD  . GLU A 1 42 ? -1.053  -14.259 -16.027 1.00 26.57 ? 230 GLU A CD  1 
ATOM   332  O OE1 . GLU A 1 42 ? 0.095   -13.772 -16.004 1.00 31.28 ? 230 GLU A OE1 1 
ATOM   333  O OE2 . GLU A 1 42 ? -2.016  -13.662 -16.531 1.00 34.04 ? 230 GLU A OE2 1 
ATOM   334  N N   . ASN A 1 43 ? 1.957   -18.392 -13.529 1.00 20.41 ? 231 ASN A N   1 
ATOM   335  C CA  . ASN A 1 43 ? 3.236   -19.049 -13.682 1.00 22.79 ? 231 ASN A CA  1 
ATOM   336  C C   . ASN A 1 43 ? 3.388   -20.143 -12.646 1.00 23.51 ? 231 ASN A C   1 
ATOM   337  O O   . ASN A 1 43 ? 4.499   -20.616 -12.397 1.00 28.74 ? 231 ASN A O   1 
ATOM   338  C CB  . ASN A 1 43 ? 4.368   -18.009 -13.585 1.00 23.23 ? 231 ASN A CB  1 
ATOM   339  C CG  . ASN A 1 43 ? 4.486   -17.166 -14.850 1.00 32.43 ? 231 ASN A CG  1 
ATOM   340  O OD1 . ASN A 1 43 ? 5.068   -17.606 -15.851 1.00 32.56 ? 231 ASN A OD1 1 
ATOM   341  N ND2 . ASN A 1 43 ? 3.912   -15.967 -14.828 1.00 23.01 ? 231 ASN A ND2 1 
ATOM   342  N N   . GLU A 1 44 ? 2.271   -20.558 -12.054 1.00 23.23 ? 232 GLU A N   1 
ATOM   343  C CA  . GLU A 1 44 ? 2.292   -21.622 -11.063 1.00 27.55 ? 232 GLU A CA  1 
ATOM   344  C C   . GLU A 1 44 ? 2.446   -22.974 -11.741 1.00 28.48 ? 232 GLU A C   1 
ATOM   345  O O   . GLU A 1 44 ? 2.016   -23.179 -12.879 1.00 30.29 ? 232 GLU A O   1 
ATOM   346  C CB  . GLU A 1 44 ? 1.048   -21.576 -10.167 1.00 28.94 ? 232 GLU A CB  1 
ATOM   347  C CG  . GLU A 1 44 ? -0.235  -22.095 -10.802 1.00 31.87 ? 232 GLU A CG  1 
ATOM   348  C CD  . GLU A 1 44 ? -1.497  -21.667 -10.059 1.00 34.39 ? 232 GLU A CD  1 
ATOM   349  O OE1 . GLU A 1 44 ? -1.399  -20.898 -9.068  1.00 42.91 ? 232 GLU A OE1 1 
ATOM   350  O OE2 . GLU A 1 44 ? -2.598  -22.114 -10.469 1.00 37.74 ? 232 GLU A OE2 1 
ATOM   351  N N   . GLY A 1 45 ? 3.105   -23.892 -11.051 1.00 30.25 ? 233 GLY A N   1 
ATOM   352  C CA  . GLY A 1 45 ? 3.444   -25.183 -11.646 1.00 29.30 ? 233 GLY A CA  1 
ATOM   353  C C   . GLY A 1 45 ? 4.700   -25.112 -12.499 1.00 29.19 ? 233 GLY A C   1 
ATOM   354  O O   . GLY A 1 45 ? 5.067   -26.103 -13.123 1.00 26.92 ? 233 GLY A O   1 
ATOM   355  N N   . GLU A 1 46 ? 5.352   -23.944 -12.536 1.00 26.69 ? 234 GLU A N   1 
ATOM   356  C CA  . GLU A 1 46 ? 6.708   -23.834 -13.061 1.00 27.68 ? 234 GLU A CA  1 
ATOM   357  C C   . GLU A 1 46 ? 7.720   -24.157 -11.972 1.00 24.37 ? 234 GLU A C   1 
ATOM   358  O O   . GLU A 1 46 ? 8.913   -24.295 -12.262 1.00 23.94 ? 234 GLU A O   1 
ATOM   359  C CB  . GLU A 1 46 ? 7.000   -22.441 -13.584 1.00 26.83 ? 234 GLU A CB  1 
ATOM   360  C CG  . GLU A 1 46 ? 6.151   -22.004 -14.762 1.00 33.95 ? 234 GLU A CG  1 
ATOM   361  C CD  . GLU A 1 46 ? 6.432   -20.560 -15.163 1.00 36.75 ? 234 GLU A CD  1 
ATOM   362  O OE1 . GLU A 1 46 ? 7.370   -19.943 -14.586 1.00 45.69 ? 234 GLU A OE1 1 
ATOM   363  O OE2 . GLU A 1 46 ? 5.720   -20.044 -16.060 1.00 43.47 ? 234 GLU A OE2 1 
ATOM   364  N N   . ASN A 1 47 ? 7.245   -24.269 -10.730 1.00 22.41 ? 235 ASN A N   1 
ATOM   365  C CA  . ASN A 1 47 ? 8.091   -24.564 -9.589  1.00 22.59 ? 235 ASN A CA  1 
ATOM   366  C C   . ASN A 1 47 ? 9.251   -23.576 -9.525  1.00 20.94 ? 235 ASN A C   1 
ATOM   367  O O   . ASN A 1 47 ? 10.390  -23.944 -9.318  1.00 18.89 ? 235 ASN A O   1 
ATOM   368  C CB  . ASN A 1 47 ? 8.569   -26.030 -9.612  1.00 22.61 ? 235 ASN A CB  1 
ATOM   369  C CG  . ASN A 1 47 ? 7.843   -26.908 -8.592  1.00 30.51 ? 235 ASN A CG  1 
ATOM   370  O OD1 . ASN A 1 47 ? 6.611   -26.916 -8.527  1.00 35.43 ? 235 ASN A OD1 1 
ATOM   371  N ND2 . ASN A 1 47 ? 8.611   -27.650 -7.785  1.00 32.28 ? 235 ASN A ND2 1 
ATOM   372  N N   . ASP A 1 48 ? 8.940   -22.303 -9.726  1.00 19.58 ? 236 ASP A N   1 
ATOM   373  C CA  . ASP A 1 48 ? 9.923   -21.242 -9.614  1.00 18.77 ? 236 ASP A CA  1 
ATOM   374  C C   . ASP A 1 48 ? 10.018  -20.865 -8.134  1.00 17.13 ? 236 ASP A C   1 
ATOM   375  O O   . ASP A 1 48 ? 9.075   -20.303 -7.580  1.00 15.96 ? 236 ASP A O   1 
ATOM   376  C CB  . ASP A 1 48 ? 9.498   -20.050 -10.481 1.00 19.33 ? 236 ASP A CB  1 
ATOM   377  C CG  . ASP A 1 48 ? 10.577  -18.982 -10.594 1.00 23.47 ? 236 ASP A CG  1 
ATOM   378  O OD1 . ASP A 1 48 ? 11.495  -18.963 -9.739  1.00 28.18 ? 236 ASP A OD1 1 
ATOM   379  O OD2 . ASP A 1 48 ? 10.576  -18.097 -11.489 1.00 27.53 ? 236 ASP A OD2 1 
ATOM   380  N N   . PRO A 1 49 ? 11.135  -21.156 -7.473  1.00 16.21 ? 237 PRO A N   1 
ATOM   381  C CA  . PRO A 1 49 ? 11.228  -20.866 -6.049  1.00 15.78 ? 237 PRO A CA  1 
ATOM   382  C C   . PRO A 1 49 ? 11.121  -19.379 -5.697  1.00 16.32 ? 237 PRO A C   1 
ATOM   383  O O   . PRO A 1 49 ? 10.625  -19.051 -4.626  1.00 15.46 ? 237 PRO A O   1 
ATOM   384  C CB  . PRO A 1 49 ? 12.602  -21.416 -5.669  1.00 17.48 ? 237 PRO A CB  1 
ATOM   385  C CG  . PRO A 1 49 ? 12.893  -22.381 -6.688  1.00 19.02 ? 237 PRO A CG  1 
ATOM   386  C CD  . PRO A 1 49 ? 12.371  -21.805 -7.949  1.00 16.79 ? 237 PRO A CD  1 
ATOM   387  N N   . VAL A 1 50 ? 11.571  -18.504 -6.586  1.00 17.99 ? 238 VAL A N   1 
ATOM   388  C CA  . VAL A 1 50 ? 11.441  -17.070 -6.318  1.00 17.21 ? 238 VAL A CA  1 
ATOM   389  C C   . VAL A 1 50 ? 9.981   -16.652 -6.266  1.00 19.72 ? 238 VAL A C   1 
ATOM   390  O O   . VAL A 1 50 ? 9.597   -15.868 -5.397  1.00 18.38 ? 238 VAL A O   1 
ATOM   391  C CB  . VAL A 1 50 ? 12.273  -16.206 -7.296  1.00 20.87 ? 238 VAL A CB  1 
ATOM   392  C CG1 . VAL A 1 50 ? 11.679  -16.174 -8.686  1.00 27.49 ? 238 VAL A CG1 1 
ATOM   393  C CG2 . VAL A 1 50 ? 12.408  -14.798 -6.761  1.00 22.51 ? 238 VAL A CG2 1 
ATOM   394  N N   . LEU A 1 51 ? 9.156   -17.203 -7.153  1.00 18.53 ? 239 LEU A N   1 
ATOM   395  C CA  . LEU A 1 51 ? 7.739   -16.912 -7.144  1.00 18.12 ? 239 LEU A CA  1 
ATOM   396  C C   . LEU A 1 51 ? 7.077   -17.486 -5.906  1.00 19.34 ? 239 LEU A C   1 
ATOM   397  O O   . LEU A 1 51 ? 6.109   -16.926 -5.399  1.00 19.56 ? 239 LEU A O   1 
ATOM   398  C CB  . LEU A 1 51 ? 7.063   -17.437 -8.394  1.00 18.24 ? 239 LEU A CB  1 
ATOM   399  C CG  . LEU A 1 51 ? 7.572   -16.853 -9.704  1.00 26.33 ? 239 LEU A CG  1 
ATOM   400  C CD1 . LEU A 1 51 ? 6.754   -17.412 -10.862 1.00 23.24 ? 239 LEU A CD1 1 
ATOM   401  C CD2 . LEU A 1 51 ? 7.511   -15.327 -9.684  1.00 29.27 ? 239 LEU A CD2 1 
ATOM   402  N N   . GLN A 1 52 ? 7.602   -18.595 -5.395  1.00 16.13 ? 240 GLN A N   1 
ATOM   403  C CA  . GLN A 1 52 ? 7.091   -19.120 -4.141  1.00 15.86 ? 240 GLN A CA  1 
ATOM   404  C C   . GLN A 1 52 ? 7.342   -18.109 -3.028  1.00 15.19 ? 240 GLN A C   1 
ATOM   405  O O   . GLN A 1 52 ? 6.455   -17.831 -2.225  1.00 16.61 ? 240 GLN A O   1 
ATOM   406  C CB  . GLN A 1 52 ? 7.715   -20.470 -3.788  1.00 14.87 ? 240 GLN A CB  1 
ATOM   407  C CG  . GLN A 1 52 ? 7.126   -21.114 -2.537  1.00 17.56 ? 240 GLN A CG  1 
ATOM   408  C CD  . GLN A 1 52 ? 5.642   -21.344 -2.664  1.00 17.19 ? 240 GLN A CD  1 
ATOM   409  O OE1 . GLN A 1 52 ? 5.174   -21.744 -3.720  1.00 23.14 ? 240 GLN A OE1 1 
ATOM   410  N NE2 . GLN A 1 52 ? 4.897   -21.081 -1.596  1.00 18.24 ? 240 GLN A NE2 1 
ATOM   411  N N   . ARG A 1 53 ? 8.546   -17.548 -2.988  1.00 16.41 ? 241 ARG A N   1 
ATOM   412  C CA  . ARG A 1 53 ? 8.856   -16.495 -1.996  1.00 19.35 ? 241 ARG A CA  1 
ATOM   413  C C   . ARG A 1 53 ? 7.859   -15.339 -2.081  1.00 16.90 ? 241 ARG A C   1 
ATOM   414  O O   . ARG A 1 53 ? 7.366   -14.863 -1.056  1.00 18.66 ? 241 ARG A O   1 
ATOM   415  C CB  . ARG A 1 53 ? 10.273  -15.937 -2.179  1.00 21.00 ? 241 ARG A CB  1 
ATOM   416  C CG  . ARG A 1 53 ? 11.374  -16.876 -1.851  1.00 23.63 ? 241 ARG A CG  1 
ATOM   417  C CD  . ARG A 1 53 ? 12.727  -16.187 -1.792  1.00 28.57 ? 241 ARG A CD  1 
ATOM   418  N NE  . ARG A 1 53 ? 13.836  -17.136 -1.755  1.00 33.33 ? 241 ARG A NE  1 
ATOM   419  C CZ  . ARG A 1 53 ? 14.272  -17.756 -0.654  1.00 39.26 ? 241 ARG A CZ  1 
ATOM   420  N NH1 . ARG A 1 53 ? 13.721  -17.530 0.534   1.00 43.36 ? 241 ARG A NH1 1 
ATOM   421  N NH2 . ARG A 1 53 ? 15.281  -18.609 -0.743  1.00 38.73 ? 241 ARG A NH2 1 
ATOM   422  N N   . ILE A 1 54 ? 7.566   -14.912 -3.302  1.00 17.46 ? 242 ILE A N   1 
ATOM   423  C CA  . ILE A 1 54 ? 6.692   -13.780 -3.527  1.00 15.56 ? 242 ILE A CA  1 
ATOM   424  C C   . ILE A 1 54 ? 5.253   -14.096 -3.129  1.00 17.41 ? 242 ILE A C   1 
ATOM   425  O O   . ILE A 1 54 ? 4.595   -13.287 -2.479  1.00 18.61 ? 242 ILE A O   1 
ATOM   426  C CB  . ILE A 1 54 ? 6.818   -13.331 -4.992  1.00 15.60 ? 242 ILE A CB  1 
ATOM   427  C CG1 . ILE A 1 54 ? 8.220   -12.770 -5.208  1.00 16.51 ? 242 ILE A CG1 1 
ATOM   428  C CG2 . ILE A 1 54 ? 5.742   -12.303 -5.373  1.00 17.15 ? 242 ILE A CG2 1 
ATOM   429  C CD1 . ILE A 1 54 ? 8.476   -12.355 -6.635  1.00 19.57 ? 242 ILE A CD1 1 
ATOM   430  N N   . VAL A 1 55 ? 4.764   -15.260 -3.525  1.00 18.60 ? 243 VAL A N   1 
ATOM   431  C CA  . VAL A 1 55 ? 3.461   -15.746 -3.080  1.00 18.82 ? 243 VAL A CA  1 
ATOM   432  C C   . VAL A 1 55 ? 3.358   -15.746 -1.563  1.00 16.91 ? 243 VAL A C   1 
ATOM   433  O O   . VAL A 1 55 ? 2.338   -15.356 -1.010  1.00 17.24 ? 243 VAL A O   1 
ATOM   434  C CB  . VAL A 1 55 ? 3.199   -17.163 -3.652  1.00 21.43 ? 243 VAL A CB  1 
ATOM   435  C CG1 . VAL A 1 55 ? 2.117   -17.908 -2.880  1.00 26.90 ? 243 VAL A CG1 1 
ATOM   436  C CG2 . VAL A 1 55 ? 2.827   -17.051 -5.122  1.00 28.43 ? 243 VAL A CG2 1 
ATOM   437  N N   . ASP A 1 56 ? 4.410   -16.204 -0.880  1.00 15.55 ? 244 ASP A N   1 
ATOM   438  C CA  . ASP A 1 56 ? 4.414   -16.261 0.565   1.00 18.37 ? 244 ASP A CA  1 
ATOM   439  C C   . ASP A 1 56 ? 4.321   -14.866 1.192   1.00 16.69 ? 244 ASP A C   1 
ATOM   440  O O   . ASP A 1 56 ? 3.682   -14.687 2.222   1.00 16.78 ? 244 ASP A O   1 
ATOM   441  C CB  . ASP A 1 56 ? 5.662   -17.005 1.042   1.00 15.99 ? 244 ASP A CB  1 
ATOM   442  C CG  . ASP A 1 56 ? 5.594   -18.494 0.759   1.00 18.62 ? 244 ASP A CG  1 
ATOM   443  O OD1 . ASP A 1 56 ? 4.466   -19.013 0.650   1.00 21.23 ? 244 ASP A OD1 1 
ATOM   444  O OD2 . ASP A 1 56 ? 6.600   -19.216 0.619   1.00 15.92 ? 244 ASP A OD2 1 
ATOM   445  N N   . ILE A 1 57 ? 4.945   -13.874 0.575   1.00 16.24 ? 245 ILE A N   1 
ATOM   446  C CA  . ILE A 1 57 ? 4.839   -12.497 1.053   1.00 17.12 ? 245 ILE A CA  1 
ATOM   447  C C   . ILE A 1 57 ? 3.408   -12.008 0.866   1.00 20.44 ? 245 ILE A C   1 
ATOM   448  O O   . ILE A 1 57 ? 2.796   -11.446 1.786   1.00 18.39 ? 245 ILE A O   1 
ATOM   449  C CB  . ILE A 1 57 ? 5.822   -11.575 0.279   1.00 17.38 ? 245 ILE A CB  1 
ATOM   450  C CG1 . ILE A 1 57 ? 7.282   -11.927 0.600   1.00 18.48 ? 245 ILE A CG1 1 
ATOM   451  C CG2 . ILE A 1 57 ? 5.524   -10.091 0.569   1.00 20.18 ? 245 ILE A CG2 1 
ATOM   452  C CD1 . ILE A 1 57 ? 7.668   -11.775 2.026   1.00 25.87 ? 245 ILE A CD1 1 
ATOM   453  N N   . LEU A 1 58 ? 2.876   -12.251 -0.323  1.00 17.40 ? 246 LEU A N   1 
ATOM   454  C CA  . LEU A 1 58 ? 1.547   -11.749 -0.678  1.00 19.12 ? 246 LEU A CA  1 
ATOM   455  C C   . LEU A 1 58 ? 0.486   -12.168 0.350   1.00 21.85 ? 246 LEU A C   1 
ATOM   456  O O   . LEU A 1 58 ? -0.335  -11.365 0.755   1.00 22.75 ? 246 LEU A O   1 
ATOM   457  C CB  . LEU A 1 58 ? 1.141   -12.211 -2.086  1.00 17.40 ? 246 LEU A CB  1 
ATOM   458  C CG  . LEU A 1 58 ? 1.792   -11.532 -3.285  1.00 18.87 ? 246 LEU A CG  1 
ATOM   459  C CD1 . LEU A 1 58 ? 1.424   -12.324 -4.526  1.00 23.63 ? 246 LEU A CD1 1 
ATOM   460  C CD2 . LEU A 1 58 ? 1.344   -10.103 -3.433  1.00 26.60 ? 246 LEU A CD2 1 
ATOM   461  N N   . TYR A 1 59 ? 0.533   -13.420 0.789   1.00 20.11 ? 247 TYR A N   1 
ATOM   462  C CA  . TYR A 1 59 ? -0.476  -13.973 1.706   1.00 23.75 ? 247 TYR A CA  1 
ATOM   463  C C   . TYR A 1 59 ? -0.108  -13.968 3.185   1.00 22.82 ? 247 TYR A C   1 
ATOM   464  O O   . TYR A 1 59 ? -0.869  -14.457 4.018   1.00 27.21 ? 247 TYR A O   1 
ATOM   465  C CB  . TYR A 1 59 ? -0.848  -15.376 1.236   1.00 27.32 ? 247 TYR A CB  1 
ATOM   466  C CG  . TYR A 1 59 ? -1.377  -15.358 -0.176  1.00 30.29 ? 247 TYR A CG  1 
ATOM   467  C CD1 . TYR A 1 59 ? -2.493  -14.591 -0.513  1.00 39.01 ? 247 TYR A CD1 1 
ATOM   468  C CD2 . TYR A 1 59 ? -0.747  -16.066 -1.176  1.00 31.52 ? 247 TYR A CD2 1 
ATOM   469  C CE1 . TYR A 1 59 ? -2.966  -14.556 -1.807  1.00 35.12 ? 247 TYR A CE1 1 
ATOM   470  C CE2 . TYR A 1 59 ? -1.208  -16.040 -2.461  1.00 34.81 ? 247 TYR A CE2 1 
ATOM   471  C CZ  . TYR A 1 59 ? -2.316  -15.288 -2.774  1.00 36.53 ? 247 TYR A CZ  1 
ATOM   472  O OH  . TYR A 1 59 ? -2.765  -15.289 -4.069  1.00 40.01 ? 247 TYR A OH  1 
ATOM   473  N N   . ALA A 1 60 ? 1.054   -13.419 3.515   1.00 24.16 ? 248 ALA A N   1 
ATOM   474  C CA  . ALA A 1 60 ? 1.467   -13.255 4.910   1.00 25.46 ? 248 ALA A CA  1 
ATOM   475  C C   . ALA A 1 60 ? 0.498   -12.322 5.658   1.00 25.58 ? 248 ALA A C   1 
ATOM   476  O O   . ALA A 1 60 ? 0.028   -11.341 5.102   1.00 22.03 ? 248 ALA A O   1 
ATOM   477  C CB  . ALA A 1 60 ? 2.894   -12.701 4.977   1.00 25.39 ? 248 ALA A CB  1 
ATOM   478  N N   . THR A 1 61 ? 0.205   -12.631 6.919   1.00 28.15 ? 249 THR A N   1 
ATOM   479  C CA  . THR A 1 61 ? -0.716  -11.817 7.722   1.00 30.36 ? 249 THR A CA  1 
ATOM   480  C C   . THR A 1 61 ? 0.004   -11.018 8.808   1.00 33.47 ? 249 THR A C   1 
ATOM   481  O O   . THR A 1 61 ? 1.096   -11.384 9.243   1.00 37.21 ? 249 THR A O   1 
ATOM   482  C CB  . THR A 1 61 ? -1.799  -12.706 8.358   1.00 31.45 ? 249 THR A CB  1 
ATOM   483  O OG1 . THR A 1 61 ? -1.192  -13.770 9.102   1.00 34.74 ? 249 THR A OG1 1 
ATOM   484  C CG2 . THR A 1 61 ? -2.606  -13.426 7.285   1.00 34.27 ? 249 THR A CG2 1 
ATOM   485  N N   . ASP B 1 3  ? -26.006 21.362  18.230  1.00 28.12 ? 191 ASP B N   1 
ATOM   486  C CA  . ASP B 1 3  ? -24.642 21.746  18.679  1.00 25.43 ? 191 ASP B CA  1 
ATOM   487  C C   . ASP B 1 3  ? -23.613 21.299  17.658  1.00 24.05 ? 191 ASP B C   1 
ATOM   488  O O   . ASP B 1 3  ? -23.231 20.124  17.615  1.00 25.67 ? 191 ASP B O   1 
ATOM   489  C CB  . ASP B 1 3  ? -24.314 21.133  20.032  1.00 25.42 ? 191 ASP B CB  1 
ATOM   490  C CG  . ASP B 1 3  ? -23.073 21.729  20.644  1.00 28.17 ? 191 ASP B CG  1 
ATOM   491  O OD1 . ASP B 1 3  ? -22.134 22.080  19.907  1.00 27.20 ? 191 ASP B OD1 1 
ATOM   492  O OD2 . ASP B 1 3  ? -22.944 21.904  21.861  1.00 29.49 ? 191 ASP B OD2 1 
ATOM   493  N N   . GLU B 1 4  ? -23.161 22.257  16.864  1.00 25.01 ? 192 GLU B N   1 
ATOM   494  C CA  . GLU B 1 4  ? -22.246 21.996  15.758  1.00 24.59 ? 192 GLU B CA  1 
ATOM   495  C C   . GLU B 1 4  ? -20.893 21.496  16.266  1.00 24.84 ? 192 GLU B C   1 
ATOM   496  O O   . GLU B 1 4  ? -20.295 20.594  15.664  1.00 24.27 ? 192 GLU B O   1 
ATOM   497  C CB  . GLU B 1 4  ? -22.097 23.275  14.931  1.00 25.12 ? 192 GLU B CB  1 
ATOM   498  C CG  . GLU B 1 4  ? -21.162 23.211  13.727  1.00 28.90 ? 192 GLU B CG  1 
ATOM   499  C CD  . GLU B 1 4  ? -21.637 22.295  12.623  1.00 38.93 ? 192 GLU B CD  1 
ATOM   500  O OE1 . GLU B 1 4  ? -22.782 21.799  12.694  1.00 37.50 ? 192 GLU B OE1 1 
ATOM   501  O OE2 . GLU B 1 4  ? -20.846 22.072  11.675  1.00 39.20 ? 192 GLU B OE2 1 
ATOM   502  N N   . ALA B 1 5  ? -20.408 22.069  17.369  1.00 22.95 ? 193 ALA B N   1 
ATOM   503  C CA  . ALA B 1 5  ? -19.124 21.669  17.920  1.00 22.68 ? 193 ALA B CA  1 
ATOM   504  C C   . ALA B 1 5  ? -19.156 20.204  18.334  1.00 24.57 ? 193 ALA B C   1 
ATOM   505  O O   . ALA B 1 5  ? -18.214 19.460  18.046  1.00 24.81 ? 193 ALA B O   1 
ATOM   506  C CB  . ALA B 1 5  ? -18.726 22.553  19.081  1.00 22.98 ? 193 ALA B CB  1 
ATOM   507  N N   . ALA B 1 6  ? -20.227 19.780  19.002  1.00 22.44 ? 194 ALA B N   1 
ATOM   508  C CA  . ALA B 1 6  ? -20.354 18.388  19.437  1.00 24.82 ? 194 ALA B CA  1 
ATOM   509  C C   . ALA B 1 6  ? -20.417 17.428  18.247  1.00 26.93 ? 194 ALA B C   1 
ATOM   510  O O   . ALA B 1 6  ? -19.775 16.365  18.252  1.00 26.20 ? 194 ALA B O   1 
ATOM   511  C CB  . ALA B 1 6  ? -21.577 18.219  20.298  1.00 25.84 ? 194 ALA B CB  1 
ATOM   512  N N   . GLU B 1 7  ? -21.204 17.799  17.244  1.00 25.94 ? 195 GLU B N   1 
ATOM   513  C CA  . GLU B 1 7  ? -21.332 17.004  16.037  1.00 27.40 ? 195 GLU B CA  1 
ATOM   514  C C   . GLU B 1 7  ? -19.991 16.873  15.314  1.00 26.30 ? 195 GLU B C   1 
ATOM   515  O O   . GLU B 1 7  ? -19.630 15.775  14.881  1.00 27.40 ? 195 GLU B O   1 
ATOM   516  C CB  . GLU B 1 7  ? -22.379 17.609  15.106  1.00 28.35 ? 195 GLU B CB  1 
ATOM   517  C CG  . GLU B 1 7  ? -23.802 17.246  15.514  1.00 36.36 ? 195 GLU B CG  1 
ATOM   518  C CD  . GLU B 1 7  ? -24.842 18.304  15.156  1.00 42.22 ? 195 GLU B CD  1 
ATOM   519  O OE1 . GLU B 1 7  ? -24.626 19.084  14.191  1.00 53.81 ? 195 GLU B OE1 1 
ATOM   520  O OE2 . GLU B 1 7  ? -25.893 18.343  15.854  1.00 58.81 ? 195 GLU B OE2 1 
ATOM   521  N N   . LEU B 1 8  ? -19.247 17.973  15.220  1.00 22.64 ? 196 LEU B N   1 
ATOM   522  C CA  . LEU B 1 8  ? -17.942 17.948  14.559  1.00 22.16 ? 196 LEU B CA  1 
ATOM   523  C C   . LEU B 1 8  ? -16.900 17.173  15.367  1.00 24.91 ? 196 LEU B C   1 
ATOM   524  O O   . LEU B 1 8  ? -15.988 16.573  14.795  1.00 24.00 ? 196 LEU B O   1 
ATOM   525  C CB  . LEU B 1 8  ? -17.455 19.361  14.290  1.00 21.79 ? 196 LEU B CB  1 
ATOM   526  C CG  . LEU B 1 8  ? -18.266 20.166  13.286  1.00 22.59 ? 196 LEU B CG  1 
ATOM   527  C CD1 . LEU B 1 8  ? -17.862 21.612  13.369  1.00 22.03 ? 196 LEU B CD1 1 
ATOM   528  C CD2 . LEU B 1 8  ? -18.066 19.636  11.883  1.00 26.36 ? 196 LEU B CD2 1 
ATOM   529  N N   . MET B 1 9  ? -17.025 17.167  16.689  1.00 24.50 ? 197 MET B N   1 
ATOM   530  C CA  . MET B 1 9  ? -16.079 16.441  17.526  1.00 25.35 ? 197 MET B CA  1 
ATOM   531  C C   . MET B 1 9  ? -16.266 14.940  17.331  1.00 26.81 ? 197 MET B C   1 
ATOM   532  O O   . MET B 1 9  ? -15.295 14.190  17.291  1.00 26.50 ? 197 MET B O   1 
ATOM   533  C CB  . MET B 1 9  ? -16.244 16.811  19.005  1.00 26.85 ? 197 MET B CB  1 
ATOM   534  C CG  . MET B 1 9  ? -15.247 16.132  19.928  1.00 27.68 ? 197 MET B CG  1 
ATOM   535  S SD  . MET B 1 9  ? -15.298 16.711  21.631  1.00 26.98 ? 197 MET B SD  1 
ATOM   536  C CE  . MET B 1 9  ? -14.774 18.400  21.438  1.00 26.20 ? 197 MET B CE  1 
ATOM   537  N N   . GLN B 1 10 ? -17.510 14.504  17.208  1.00 27.11 ? 198 GLN B N   1 
ATOM   538  C CA  . GLN B 1 10 ? -17.794 13.106  16.912  1.00 27.45 ? 198 GLN B CA  1 
ATOM   539  C C   . GLN B 1 10 ? -17.232 12.729  15.537  1.00 27.54 ? 198 GLN B C   1 
ATOM   540  O O   . GLN B 1 10 ? -16.669 11.652  15.363  1.00 27.07 ? 198 GLN B O   1 
ATOM   541  C CB  . GLN B 1 10 ? -19.298 12.850  16.938  1.00 27.76 ? 198 GLN B CB  1 
ATOM   542  C CG  . GLN B 1 10 ? -19.720 11.420  16.569  1.00 33.07 ? 198 GLN B CG  1 
ATOM   543  C CD  . GLN B 1 10 ? -19.125 10.352  17.481  1.00 38.75 ? 198 GLN B CD  1 
ATOM   544  O OE1 . GLN B 1 10 ? -18.817 10.615  18.638  1.00 44.25 ? 198 GLN B OE1 1 
ATOM   545  N NE2 . GLN B 1 10 ? -18.977 9.138   16.956  1.00 43.78 ? 198 GLN B NE2 1 
ATOM   546  N N   . GLN B 1 11 ? -17.414 13.610  14.563  1.00 25.76 ? 199 GLN B N   1 
ATOM   547  C CA  . GLN B 1 11 ? -16.923 13.370  13.211  1.00 27.88 ? 199 GLN B CA  1 
ATOM   548  C C   . GLN B 1 11 ? -15.397 13.281  13.206  1.00 27.14 ? 199 GLN B C   1 
ATOM   549  O O   . GLN B 1 11 ? -14.825 12.406  12.542  1.00 26.26 ? 199 GLN B O   1 
ATOM   550  C CB  . GLN B 1 11 ? -17.417 14.466  12.262  1.00 28.15 ? 199 GLN B CB  1 
ATOM   551  C CG  . GLN B 1 11 ? -17.545 14.016  10.830  1.00 31.00 ? 199 GLN B CG  1 
ATOM   552  C CD  . GLN B 1 11 ? -17.877 15.143  9.892   1.00 30.84 ? 199 GLN B CD  1 
ATOM   553  O OE1 . GLN B 1 11 ? -18.161 16.257  10.326  1.00 31.31 ? 199 GLN B OE1 1 
ATOM   554  N NE2 . GLN B 1 11 ? -17.855 14.855  8.592   1.00 34.01 ? 199 GLN B NE2 1 
ATOM   555  N N   . VAL B 1 12 ? -14.744 14.150  13.973  1.00 24.89 ? 200 VAL B N   1 
ATOM   556  C CA  . VAL B 1 12 ? -13.286 14.118  14.110  1.00 25.14 ? 200 VAL B CA  1 
ATOM   557  C C   . VAL B 1 12 ? -12.808 12.789  14.690  1.00 26.16 ? 200 VAL B C   1 
ATOM   558  O O   . VAL B 1 12 ? -11.854 12.197  14.170  1.00 25.97 ? 200 VAL B O   1 
ATOM   559  C CB  . VAL B 1 12 ? -12.754 15.304  14.948  1.00 23.68 ? 200 VAL B CB  1 
ATOM   560  C CG1 . VAL B 1 12 ? -11.301 15.110  15.354  1.00 27.50 ? 200 VAL B CG1 1 
ATOM   561  C CG2 . VAL B 1 12 ? -12.890 16.586  14.150  1.00 25.18 ? 200 VAL B CG2 1 
ATOM   562  N N   . ASN B 1 13 ? -13.477 12.311  15.738  1.00 26.39 ? 201 ASN B N   1 
ATOM   563  C CA  . ASN B 1 13 ? -13.083 11.064  16.411  1.00 26.16 ? 201 ASN B CA  1 
ATOM   564  C C   . ASN B 1 13 ? -13.179 9.863   15.483  1.00 26.44 ? 201 ASN B C   1 
ATOM   565  O O   . ASN B 1 13 ? -12.323 8.990   15.485  1.00 25.29 ? 201 ASN B O   1 
ATOM   566  C CB  . ASN B 1 13 ? -13.955 10.831  17.655  1.00 27.55 ? 201 ASN B CB  1 
ATOM   567  C CG  . ASN B 1 13 ? -13.661 11.817  18.774  1.00 27.85 ? 201 ASN B CG  1 
ATOM   568  O OD1 . ASN B 1 13 ? -12.630 12.476  18.788  1.00 25.18 ? 201 ASN B OD1 1 
ATOM   569  N ND2 . ASN B 1 13 ? -14.585 11.914  19.728  1.00 28.10 ? 201 ASN B ND2 1 
ATOM   570  N N   . VAL B 1 14 ? -14.242 9.832   14.700  1.00 24.21 ? 202 VAL B N   1 
ATOM   571  C CA  . VAL B 1 14 ? -14.475 8.773   13.745  1.00 25.77 ? 202 VAL B CA  1 
ATOM   572  C C   . VAL B 1 14 ? -13.429 8.826   12.608  1.00 26.89 ? 202 VAL B C   1 
ATOM   573  O O   . VAL B 1 14 ? -12.816 7.814   12.264  1.00 27.39 ? 202 VAL B O   1 
ATOM   574  C CB  . VAL B 1 14 ? -15.902 8.881   13.199  1.00 27.94 ? 202 VAL B CB  1 
ATOM   575  C CG1 . VAL B 1 14 ? -16.082 8.051   11.934  1.00 33.13 ? 202 VAL B CG1 1 
ATOM   576  C CG2 . VAL B 1 14 ? -16.889 8.457   14.287  1.00 31.64 ? 202 VAL B CG2 1 
ATOM   577  N N   . LEU B 1 15 ? -13.227 10.005  12.035  1.00 24.97 ? 203 LEU B N   1 
ATOM   578  C CA  . LEU B 1 15 ? -12.225 10.165  10.980  1.00 23.75 ? 203 LEU B CA  1 
ATOM   579  C C   . LEU B 1 15 ? -10.808 9.812   11.459  1.00 25.50 ? 203 LEU B C   1 
ATOM   580  O O   . LEU B 1 15 ? -9.996  9.279   10.695  1.00 23.17 ? 203 LEU B O   1 
ATOM   581  C CB  . LEU B 1 15 ? -12.264 11.591  10.402  1.00 22.97 ? 203 LEU B CB  1 
ATOM   582  C CG  . LEU B 1 15 ? -13.417 11.888  9.462   1.00 22.46 ? 203 LEU B CG  1 
ATOM   583  C CD1 . LEU B 1 15 ? -13.565 13.416  9.230   1.00 19.63 ? 203 LEU B CD1 1 
ATOM   584  C CD2 . LEU B 1 15 ? -13.226 11.186  8.129   1.00 19.01 ? 203 LEU B CD2 1 
ATOM   585  N N   . LYS B 1 16 ? -10.501 10.096  12.719  1.00 23.13 ? 204 LYS B N   1 
ATOM   586  C CA  . LYS B 1 16 ? -9.177  9.787   13.266  1.00 25.55 ? 204 LYS B CA  1 
ATOM   587  C C   . LYS B 1 16 ? -8.938  8.281   13.288  1.00 25.13 ? 204 LYS B C   1 
ATOM   588  O O   . LYS B 1 16 ? -7.855  7.818   12.965  1.00 24.39 ? 204 LYS B O   1 
ATOM   589  C CB  . LYS B 1 16 ? -9.031  10.301  14.688  1.00 26.54 ? 204 LYS B CB  1 
ATOM   590  C CG  . LYS B 1 16 ? -8.644  11.758  14.815  1.00 29.77 ? 204 LYS B CG  1 
ATOM   591  C CD  . LYS B 1 16 ? -8.833  12.188  16.258  1.00 31.94 ? 204 LYS B CD  1 
ATOM   592  C CE  . LYS B 1 16 ? -7.748  13.090  16.748  1.00 37.84 ? 204 LYS B CE  1 
ATOM   593  N NZ  . LYS B 1 16 ? -7.925  13.311  18.215  1.00 38.07 ? 204 LYS B NZ  1 
ATOM   594  N N   . LEU B 1 17 ? -9.946  7.532   13.704  1.00 24.92 ? 205 LEU B N   1 
ATOM   595  C CA  . LEU B 1 17 ? -9.856  6.074   13.720  1.00 25.42 ? 205 LEU B CA  1 
ATOM   596  C C   . LEU B 1 17 ? -9.675  5.556   12.304  1.00 23.91 ? 205 LEU B C   1 
ATOM   597  O O   . LEU B 1 17 ? -8.891  4.644   12.076  1.00 23.31 ? 205 LEU B O   1 
ATOM   598  C CB  . LEU B 1 17 ? -11.115 5.449   14.310  1.00 27.41 ? 205 LEU B CB  1 
ATOM   599  C CG  . LEU B 1 17 ? -11.327 5.589   15.812  1.00 34.27 ? 205 LEU B CG  1 
ATOM   600  C CD1 . LEU B 1 17 ? -12.747 5.167   16.167  1.00 42.16 ? 205 LEU B CD1 1 
ATOM   601  C CD2 . LEU B 1 17 ? -10.309 4.769   16.577  1.00 38.50 ? 205 LEU B CD2 1 
ATOM   602  N N   . THR B 1 18 ? -10.415 6.142   11.371  1.00 21.00 ? 206 THR B N   1 
ATOM   603  C CA  . THR B 1 18 ? -10.347 5.780   9.971   1.00 20.63 ? 206 THR B CA  1 
ATOM   604  C C   . THR B 1 18 ? -8.940  6.018   9.444   1.00 19.82 ? 206 THR B C   1 
ATOM   605  O O   . THR B 1 18 ? -8.383  5.153   8.763   1.00 18.77 ? 206 THR B O   1 
ATOM   606  C CB  . THR B 1 18 ? -11.396 6.570   9.167   1.00 21.82 ? 206 THR B CB  1 
ATOM   607  O OG1 . THR B 1 18 ? -12.711 6.157   9.576   1.00 23.84 ? 206 THR B OG1 1 
ATOM   608  C CG2 . THR B 1 18 ? -11.332 6.252   7.692   1.00 22.24 ? 206 THR B CG2 1 
ATOM   609  N N   . VAL B 1 19 ? -8.351  7.164   9.781   1.00 19.29 ? 207 VAL B N   1 
ATOM   610  C CA  . VAL B 1 19 ? -6.972  7.490   9.408   1.00 20.15 ? 207 VAL B CA  1 
ATOM   611  C C   . VAL B 1 19 ? -5.972  6.457   9.957   1.00 21.80 ? 207 VAL B C   1 
ATOM   612  O O   . VAL B 1 19 ? -5.097  5.996   9.226   1.00 19.65 ? 207 VAL B O   1 
ATOM   613  C CB  . VAL B 1 19 ? -6.611  8.941   9.838   1.00 18.74 ? 207 VAL B CB  1 
ATOM   614  C CG1 . VAL B 1 19 ? -5.098  9.172   9.851   1.00 23.80 ? 207 VAL B CG1 1 
ATOM   615  C CG2 . VAL B 1 19 ? -7.305  9.958   8.920   1.00 24.94 ? 207 VAL B CG2 1 
ATOM   616  N N   . GLU B 1 20 ? -6.110  6.092   11.227  1.00 22.45 ? 208 GLU B N   1 
ATOM   617  C CA  . GLU B 1 20 ? -5.226  5.130   11.876  1.00 23.99 ? 208 GLU B CA  1 
ATOM   618  C C   . GLU B 1 20 ? -5.307  3.774   11.154  1.00 19.86 ? 208 GLU B C   1 
ATOM   619  O O   . GLU B 1 20 ? -4.278  3.163   10.848  1.00 19.54 ? 208 GLU B O   1 
ATOM   620  C CB  . GLU B 1 20 ? -5.602  4.973   13.353  1.00 24.80 ? 208 GLU B CB  1 
ATOM   621  C CG  . GLU B 1 20 ? -4.651  4.089   14.149  1.00 32.33 ? 208 GLU B CG  1 
ATOM   622  C CD  . GLU B 1 20 ? -5.098  3.841   15.592  1.00 38.85 ? 208 GLU B CD  1 
ATOM   623  O OE1 . GLU B 1 20 ? -6.329  3.755   15.854  1.00 52.37 ? 208 GLU B OE1 1 
ATOM   624  O OE2 . GLU B 1 20 ? -4.204  3.719   16.468  1.00 56.08 ? 208 GLU B OE2 1 
ATOM   625  N N   . ASP B 1 21 ? -6.529  3.341   10.854  1.00 18.38 ? 209 ASP B N   1 
ATOM   626  C CA  . ASP B 1 21 ? -6.770  2.088   10.145  1.00 19.36 ? 209 ASP B CA  1 
ATOM   627  C C   . ASP B 1 21 ? -6.167  2.128   8.737   1.00 17.51 ? 209 ASP B C   1 
ATOM   628  O O   . ASP B 1 21 ? -5.507  1.183   8.329   1.00 18.48 ? 209 ASP B O   1 
ATOM   629  C CB  . ASP B 1 21 ? -8.258  1.796   10.022  1.00 18.12 ? 209 ASP B CB  1 
ATOM   630  C CG  . ASP B 1 21 ? -8.907  1.395   11.341  1.00 27.40 ? 209 ASP B CG  1 
ATOM   631  O OD1 . ASP B 1 21 ? -8.201  1.188   12.354  1.00 35.35 ? 209 ASP B OD1 1 
ATOM   632  O OD2 . ASP B 1 21 ? -10.148 1.268   11.421  1.00 37.11 ? 209 ASP B OD2 1 
ATOM   633  N N   . LEU B 1 22 ? -6.399  3.205   7.990   1.00 15.07 ? 210 LEU B N   1 
ATOM   634  C CA  . LEU B 1 22 ? -5.903  3.330   6.626   1.00 14.10 ? 210 LEU B CA  1 
ATOM   635  C C   . LEU B 1 22 ? -4.392  3.427   6.592   1.00 14.10 ? 210 LEU B C   1 
ATOM   636  O O   . LEU B 1 22 ? -3.747  2.882   5.691   1.00 11.82 ? 210 LEU B O   1 
ATOM   637  C CB  . LEU B 1 22 ? -6.515  4.537   5.947   1.00 14.47 ? 210 LEU B CB  1 
ATOM   638  C CG  . LEU B 1 22 ? -7.990  4.440   5.585   1.00 12.83 ? 210 LEU B CG  1 
ATOM   639  C CD1 . LEU B 1 22 ? -8.403  5.807   5.064   1.00 12.42 ? 210 LEU B CD1 1 
ATOM   640  C CD2 . LEU B 1 22 ? -8.205  3.361   4.538   1.00 15.39 ? 210 LEU B CD2 1 
ATOM   641  N N   . GLU B 1 23 ? -3.812  4.102   7.579   1.00 13.84 ? 211 GLU B N   1 
ATOM   642  C CA  . GLU B 1 23 ? -2.355  4.176   7.644   1.00 13.59 ? 211 GLU B CA  1 
ATOM   643  C C   . GLU B 1 23 ? -1.782  2.762   7.765   1.00 13.81 ? 211 GLU B C   1 
ATOM   644  O O   . GLU B 1 23 ? -0.823  2.407   7.075   1.00 14.40 ? 211 GLU B O   1 
ATOM   645  C CB  . GLU B 1 23 ? -1.912  5.055   8.806   1.00 14.17 ? 211 GLU B CB  1 
ATOM   646  C CG  . GLU B 1 23 ? -0.404  5.103   8.950   1.00 17.12 ? 211 GLU B CG  1 
ATOM   647  C CD  . GLU B 1 23 ? 0.078   5.851   10.182  1.00 19.73 ? 211 GLU B CD  1 
ATOM   648  O OE1 . GLU B 1 23 ? -0.684  5.974   11.167  1.00 21.89 ? 211 GLU B OE1 1 
ATOM   649  O OE2 . GLU B 1 23 ? 1.232   6.330   10.131  1.00 22.48 ? 211 GLU B OE2 1 
ATOM   650  N N   . LYS B 1 24 ? -2.342  1.977   8.672   1.00 14.05 ? 212 LYS B N   1 
ATOM   651  C CA  . LYS B 1 24 ? -1.871  0.610   8.882   1.00 17.33 ? 212 LYS B CA  1 
ATOM   652  C C   . LYS B 1 24 ? -2.006  -0.228  7.613   1.00 17.42 ? 212 LYS B C   1 
ATOM   653  O O   . LYS B 1 24 ? -1.076  -0.949  7.220   1.00 16.69 ? 212 LYS B O   1 
ATOM   654  C CB  . LYS B 1 24 ? -2.650  -0.062  9.984   1.00 18.49 ? 212 LYS B CB  1 
ATOM   655  C CG  . LYS B 1 24 ? -2.298  0.423   11.364  1.00 29.91 ? 212 LYS B CG  1 
ATOM   656  C CD  . LYS B 1 24 ? -3.082  -0.327  12.430  1.00 31.01 ? 212 LYS B CD  1 
ATOM   657  C CE  . LYS B 1 24 ? -2.988  0.386   13.771  1.00 39.84 ? 212 LYS B CE  1 
ATOM   658  N NZ  . LYS B 1 24 ? -3.804  -0.298  14.821  1.00 43.83 ? 212 LYS B NZ  1 
ATOM   659  N N   . GLU B 1 25 ? -3.174  -0.145  6.989   1.00 14.56 ? 213 GLU B N   1 
ATOM   660  C CA  . GLU B 1 25 ? -3.454  -0.883  5.749   1.00 16.92 ? 213 GLU B CA  1 
ATOM   661  C C   . GLU B 1 25 ? -2.495  -0.478  4.644   1.00 15.40 ? 213 GLU B C   1 
ATOM   662  O O   . GLU B 1 25 ? -1.915  -1.331  3.981   1.00 13.84 ? 213 GLU B O   1 
ATOM   663  C CB  . GLU B 1 25 ? -4.899  -0.644  5.298   1.00 13.88 ? 213 GLU B CB  1 
ATOM   664  C CG  . GLU B 1 25 ? -5.899  -1.265  6.265   1.00 14.76 ? 213 GLU B CG  1 
ATOM   665  C CD  . GLU B 1 25 ? -7.341  -0.864  6.010   1.00 20.08 ? 213 GLU B CD  1 
ATOM   666  O OE1 . GLU B 1 25 ? -7.599  -0.033  5.135   1.00 19.94 ? 213 GLU B OE1 1 
ATOM   667  O OE2 . GLU B 1 25 ? -8.215  -1.379  6.733   1.00 28.54 ? 213 GLU B OE2 1 
ATOM   668  N N   . ARG B 1 26 ? -2.327  0.821   4.421   1.00 13.67 ? 214 ARG B N   1 
ATOM   669  C CA  . ARG B 1 26 ? -1.424  1.310   3.413   1.00 15.48 ? 214 ARG B CA  1 
ATOM   670  C C   . ARG B 1 26 ? -0.013  0.784   3.665   1.00 15.50 ? 214 ARG B C   1 
ATOM   671  O O   . ARG B 1 26 ? 0.647   0.268   2.761   1.00 12.79 ? 214 ARG B O   1 
ATOM   672  C CB  . ARG B 1 26 ? -1.404  2.827   3.437   1.00 15.28 ? 214 ARG B CB  1 
ATOM   673  C CG  . ARG B 1 26 ? -0.511  3.434   2.400   1.00 17.33 ? 214 ARG B CG  1 
ATOM   674  C CD  . ARG B 1 26 ? -0.161  4.865   2.662   1.00 18.24 ? 214 ARG B CD  1 
ATOM   675  N NE  . ARG B 1 26 ? 0.578   5.068   3.918   1.00 17.96 ? 214 ARG B NE  1 
ATOM   676  C CZ  . ARG B 1 26 ? 1.026   6.236   4.337   1.00 16.98 ? 214 ARG B CZ  1 
ATOM   677  N NH1 . ARG B 1 26 ? 0.821   7.324   3.621   1.00 19.41 ? 214 ARG B NH1 1 
ATOM   678  N NH2 . ARG B 1 26 ? 1.665   6.320   5.495   1.00 21.40 ? 214 ARG B NH2 1 
ATOM   679  N N   . ASP B 1 27 ? 0.433   0.931   4.905   1.00 15.26 ? 215 ASP B N   1 
ATOM   680  C CA  . ASP B 1 27 ? 1.802   0.590   5.267   1.00 13.81 ? 215 ASP B CA  1 
ATOM   681  C C   . ASP B 1 27 ? 2.031   -0.918  5.159   1.00 14.35 ? 215 ASP B C   1 
ATOM   682  O O   . ASP B 1 27 ? 3.115   -1.348  4.734   1.00 13.50 ? 215 ASP B O   1 
ATOM   683  C CB  . ASP B 1 27 ? 2.088   1.086   6.676   1.00 13.92 ? 215 ASP B CB  1 
ATOM   684  C CG  . ASP B 1 27 ? 2.256   2.586   6.743   1.00 15.64 ? 215 ASP B CG  1 
ATOM   685  O OD1 . ASP B 1 27 ? 2.187   3.242   5.680   1.00 15.87 ? 215 ASP B OD1 1 
ATOM   686  O OD2 . ASP B 1 27 ? 2.476   3.172   7.819   1.00 22.51 ? 215 ASP B OD2 1 
ATOM   687  N N   . PHE B 1 28 ? 1.022   -1.711  5.495   1.00 12.53 ? 216 PHE B N   1 
ATOM   688  C CA  . PHE B 1 28 ? 1.126   -3.171  5.367   1.00 14.96 ? 216 PHE B CA  1 
ATOM   689  C C   . PHE B 1 28 ? 1.271   -3.597  3.909   1.00 15.41 ? 216 PHE B C   1 
ATOM   690  O O   . PHE B 1 28 ? 2.123   -4.420  3.550   1.00 12.95 ? 216 PHE B O   1 
ATOM   691  C CB  . PHE B 1 28 ? -0.093  -3.846  5.967   1.00 17.44 ? 216 PHE B CB  1 
ATOM   692  C CG  . PHE B 1 28 ? 0.115   -5.289  6.284   1.00 18.38 ? 216 PHE B CG  1 
ATOM   693  C CD1 . PHE B 1 28 ? 0.929   -5.666  7.331   1.00 32.20 ? 216 PHE B CD1 1 
ATOM   694  C CD2 . PHE B 1 28 ? -0.527  -6.265  5.569   1.00 23.27 ? 216 PHE B CD2 1 
ATOM   695  C CE1 . PHE B 1 28 ? 1.096   -7.010  7.642   1.00 29.64 ? 216 PHE B CE1 1 
ATOM   696  C CE2 . PHE B 1 28 ? -0.369  -7.602  5.887   1.00 22.41 ? 216 PHE B CE2 1 
ATOM   697  C CZ  . PHE B 1 28 ? 0.445   -7.968  6.905   1.00 23.08 ? 216 PHE B CZ  1 
ATOM   698  N N   . TYR B 1 29 ? 0.453   -3.042  3.037   1.00 14.24 ? 217 TYR B N   1 
ATOM   699  C CA  . TYR B 1 29 ? 0.610   -3.317  1.614   1.00 12.50 ? 217 TYR B CA  1 
ATOM   700  C C   . TYR B 1 29 ? 1.912   -2.777  1.036   1.00 14.46 ? 217 TYR B C   1 
ATOM   701  O O   . TYR B 1 29 ? 2.582   -3.410  0.216   1.00 11.16 ? 217 TYR B O   1 
ATOM   702  C CB  . TYR B 1 29 ? -0.572  -2.747  0.842   1.00 13.40 ? 217 TYR B CB  1 
ATOM   703  C CG  . TYR B 1 29 ? -1.890  -3.469  1.043   1.00 14.91 ? 217 TYR B CG  1 
ATOM   704  C CD1 . TYR B 1 29 ? -1.946  -4.825  1.384   1.00 13.21 ? 217 TYR B CD1 1 
ATOM   705  C CD2 . TYR B 1 29 ? -3.093  -2.817  0.780   1.00 18.01 ? 217 TYR B CD2 1 
ATOM   706  C CE1 . TYR B 1 29 ? -3.168  -5.491  1.517   1.00 15.30 ? 217 TYR B CE1 1 
ATOM   707  C CE2 . TYR B 1 29 ? -4.310  -3.466  0.909   1.00 18.84 ? 217 TYR B CE2 1 
ATOM   708  C CZ  . TYR B 1 29 ? -4.345  -4.802  1.271   1.00 19.10 ? 217 TYR B CZ  1 
ATOM   709  O OH  . TYR B 1 29 ? -5.549  -5.467  1.372   1.00 20.52 ? 217 TYR B OH  1 
ATOM   710  N N   . PHE B 1 30 ? 2.312   -1.595  1.461   1.00 13.04 ? 218 PHE B N   1 
ATOM   711  C CA  . PHE B 1 30 ? 3.588   -1.090  1.045   1.00 12.36 ? 218 PHE B CA  1 
ATOM   712  C C   . PHE B 1 30 ? 4.740   -2.003  1.476   1.00 12.26 ? 218 PHE B C   1 
ATOM   713  O O   . PHE B 1 30 ? 5.671   -2.250  0.701   1.00 13.93 ? 218 PHE B O   1 
ATOM   714  C CB  . PHE B 1 30 ? 3.799   0.323   1.575   1.00 12.77 ? 218 PHE B CB  1 
ATOM   715  C CG  . PHE B 1 30 ? 4.850   1.068   0.845   1.00 11.20 ? 218 PHE B CG  1 
ATOM   716  C CD1 . PHE B 1 30 ? 4.626   1.585   -0.417  1.00 13.42 ? 218 PHE B CD1 1 
ATOM   717  C CD2 . PHE B 1 30 ? 6.106   1.275   1.422   1.00 13.27 ? 218 PHE B CD2 1 
ATOM   718  C CE1 . PHE B 1 30 ? 5.608   2.300   -1.095  1.00 16.05 ? 218 PHE B CE1 1 
ATOM   719  C CE2 . PHE B 1 30 ? 7.068   1.968   0.739   1.00 12.01 ? 218 PHE B CE2 1 
ATOM   720  C CZ  . PHE B 1 30 ? 6.821   2.501   -0.503  1.00 13.47 ? 218 PHE B CZ  1 
ATOM   721  N N   . GLY B 1 31 ? 4.644   -2.520  2.689   1.00 12.28 ? 219 GLY B N   1 
ATOM   722  C CA  . GLY B 1 31 ? 5.645   -3.420  3.227   1.00 12.48 ? 219 GLY B CA  1 
ATOM   723  C C   . GLY B 1 31 ? 5.765   -4.683  2.399   1.00 13.16 ? 219 GLY B C   1 
ATOM   724  O O   . GLY B 1 31 ? 6.870   -5.178  2.162   1.00 13.80 ? 219 GLY B O   1 
ATOM   725  N N   . LYS B 1 32 ? 4.632   -5.214  1.957   1.00 12.27 ? 220 LYS B N   1 
ATOM   726  C CA  . LYS B 1 32 ? 4.627   -6.361  1.022   1.00 12.14 ? 220 LYS B CA  1 
ATOM   727  C C   . LYS B 1 32 ? 5.330   -6.026  -0.302  1.00 12.97 ? 220 LYS B C   1 
ATOM   728  O O   . LYS B 1 32 ? 6.167   -6.805  -0.777  1.00 12.24 ? 220 LYS B O   1 
ATOM   729  C CB  . LYS B 1 32 ? 3.204   -6.899  0.804   1.00 10.45 ? 220 LYS B CB  1 
ATOM   730  C CG  . LYS B 1 32 ? 2.610   -7.568  2.010   1.00 13.23 ? 220 LYS B CG  1 
ATOM   731  C CD  . LYS B 1 32 ? 1.281   -8.237  1.753   1.00 17.16 ? 220 LYS B CD  1 
ATOM   732  C CE  . LYS B 1 32 ? 0.960   -9.150  2.972   1.00 18.35 ? 220 LYS B CE  1 
ATOM   733  N NZ  . LYS B 1 32 ? -0.264  -9.905  2.774   1.00 32.84 ? 220 LYS B NZ  1 
ATOM   734  N N   . LEU B 1 33 ? 5.032   -4.864  -0.892  1.00 10.11 ? 221 LEU B N   1 
ATOM   735  C CA  . LEU B 1 33 ? 5.694   -4.411  -2.090  1.00 12.24 ? 221 LEU B CA  1 
ATOM   736  C C   . LEU B 1 33 ? 7.204   -4.286  -1.888  1.00 12.83 ? 221 LEU B C   1 
ATOM   737  O O   . LEU B 1 33 ? 7.975   -4.679  -2.745  1.00 11.83 ? 221 LEU B O   1 
ATOM   738  C CB  . LEU B 1 33 ? 5.108   -3.091  -2.492  1.00 13.54 ? 221 LEU B CB  1 
ATOM   739  C CG  . LEU B 1 33 ? 3.695   -3.156  -3.039  1.00 11.40 ? 221 LEU B CG  1 
ATOM   740  C CD1 . LEU B 1 33 ? 3.199   -1.722  -3.169  1.00 10.84 ? 221 LEU B CD1 1 
ATOM   741  C CD2 . LEU B 1 33 ? 3.626   -3.861  -4.386  1.00 13.20 ? 221 LEU B CD2 1 
ATOM   742  N N   . ARG B 1 34 ? 7.611   -3.795  -0.725  1.00 12.11 ? 222 ARG B N   1 
ATOM   743  C CA  . ARG B 1 34 ? 9.023   -3.632  -0.442  1.00 11.87 ? 222 ARG B CA  1 
ATOM   744  C C   . ARG B 1 34 ? 9.683   -4.971  -0.248  1.00 11.00 ? 222 ARG B C   1 
ATOM   745  O O   . ARG B 1 34 ? 10.812  -5.143  -0.691  1.00 12.52 ? 222 ARG B O   1 
ATOM   746  C CB  . ARG B 1 34 ? 9.229   -2.697  0.729   1.00 11.60 ? 222 ARG B CB  1 
ATOM   747  C CG  . ARG B 1 34 ? 8.850   -1.221  0.383   1.00 13.55 ? 222 ARG B CG  1 
ATOM   748  C CD  . ARG B 1 34 ? 9.683   -0.487  -0.639  1.00 16.58 ? 222 ARG B CD  1 
ATOM   749  N NE  . ARG B 1 34 ? 9.559   -0.869  -2.054  1.00 16.61 ? 222 ARG B NE  1 
ATOM   750  C CZ  . ARG B 1 34 ? 8.547   -0.558  -2.860  1.00 19.30 ? 222 ARG B CZ  1 
ATOM   751  N NH1 . ARG B 1 34 ? 7.457   0.053   -2.397  1.00 17.59 ? 222 ARG B NH1 1 
ATOM   752  N NH2 . ARG B 1 34 ? 8.624   -0.870  -4.146  1.00 19.53 ? 222 ARG B NH2 1 
ATOM   753  N N   . ASN B 1 35 ? 8.996   -5.898  0.393   1.00 11.24 ? 223 ASN B N   1 
ATOM   754  C CA  . ASN B 1 35 ? 9.561   -7.239  0.590   1.00 13.94 ? 223 ASN B CA  1 
ATOM   755  C C   . ASN B 1 35 ? 9.700   -7.938  -0.756  1.00 12.36 ? 223 ASN B C   1 
ATOM   756  O O   . ASN B 1 35 ? 10.682  -8.627  -1.026  1.00 12.03 ? 223 ASN B O   1 
ATOM   757  C CB  . ASN B 1 35 ? 8.715   -8.073  1.524   1.00 13.52 ? 223 ASN B CB  1 
ATOM   758  C CG  . ASN B 1 35 ? 8.925   -7.725  3.001   1.00 28.71 ? 223 ASN B CG  1 
ATOM   759  O OD1 . ASN B 1 35 ? 9.955   -7.173  3.378   1.00 45.80 ? 223 ASN B OD1 1 
ATOM   760  N ND2 . ASN B 1 35 ? 7.945   -8.056  3.835   1.00 37.60 ? 223 ASN B ND2 1 
ATOM   761  N N   . ILE B 1 36 ? 8.730   -7.748  -1.620  1.00 12.26 ? 224 ILE B N   1 
ATOM   762  C CA  . ILE B 1 36 ? 8.837   -8.300  -2.988  1.00 11.49 ? 224 ILE B CA  1 
ATOM   763  C C   . ILE B 1 36 ? 9.962   -7.598  -3.779  1.00 14.70 ? 224 ILE B C   1 
ATOM   764  O O   . ILE B 1 36 ? 10.716  -8.252  -4.490  1.00 13.07 ? 224 ILE B O   1 
ATOM   765  C CB  . ILE B 1 36 ? 7.475   -8.242  -3.688  1.00 10.16 ? 224 ILE B CB  1 
ATOM   766  C CG1 . ILE B 1 36 ? 6.479   -9.147  -2.968  1.00 14.20 ? 224 ILE B CG1 1 
ATOM   767  C CG2 . ILE B 1 36 ? 7.609   -8.605  -5.179  1.00 11.92 ? 224 ILE B CG2 1 
ATOM   768  C CD1 . ILE B 1 36 ? 5.025   -8.869  -3.414  1.00 12.91 ? 224 ILE B CD1 1 
ATOM   769  N N   . GLU B 1 37 ? 10.125  -6.280  -3.640  1.00 14.10 ? 225 GLU B N   1 
ATOM   770  C CA  . GLU B 1 37 ? 11.242  -5.594  -4.272  1.00 14.19 ? 225 GLU B CA  1 
ATOM   771  C C   . GLU B 1 37 ? 12.571  -6.212  -3.818  1.00 13.08 ? 225 GLU B C   1 
ATOM   772  O O   . GLU B 1 37 ? 13.454  -6.464  -4.632  1.00 13.17 ? 225 GLU B O   1 
ATOM   773  C CB  . GLU B 1 37 ? 11.231  -4.088  -3.952  1.00 12.95 ? 225 GLU B CB  1 
ATOM   774  C CG  . GLU B 1 37 ? 12.360  -3.340  -4.669  1.00 14.82 ? 225 GLU B CG  1 
ATOM   775  C CD  . GLU B 1 37 ? 12.518  -1.889  -4.227  1.00 19.83 ? 225 GLU B CD  1 
ATOM   776  O OE1 . GLU B 1 37 ? 11.616  -1.348  -3.574  1.00 20.48 ? 225 GLU B OE1 1 
ATOM   777  O OE2 . GLU B 1 37 ? 13.569  -1.286  -4.546  1.00 27.25 ? 225 GLU B OE2 1 
ATOM   778  N N   . LEU B 1 38 ? 12.672  -6.516  -2.544  1.00 12.74 ? 226 LEU B N   1 
ATOM   779  C CA  . LEU B 1 38 ? 13.903  -7.100  -1.996  1.00 17.51 ? 226 LEU B CA  1 
ATOM   780  C C   . LEU B 1 38 ? 14.184  -8.462  -2.628  1.00 17.17 ? 226 LEU B C   1 
ATOM   781  O O   . LEU B 1 38 ? 15.311  -8.712  -3.073  1.00 16.64 ? 226 LEU B O   1 
ATOM   782  C CB  . LEU B 1 38 ? 13.846  -7.243  -0.486  1.00 19.79 ? 226 LEU B CB  1 
ATOM   783  C CG  . LEU B 1 38 ? 15.062  -7.916  0.170   1.00 18.42 ? 226 LEU B CG  1 
ATOM   784  C CD1 . LEU B 1 38 ? 16.310  -7.164  -0.169  1.00 24.43 ? 226 LEU B CD1 1 
ATOM   785  C CD2 . LEU B 1 38 ? 14.852  -7.965  1.662   1.00 24.64 ? 226 LEU B CD2 1 
ATOM   786  N N   . ILE B 1 39 ? 13.164  -9.319  -2.672  1.00 14.54 ? 227 ILE B N   1 
ATOM   787  C CA  . ILE B 1 39 ? 13.295  -10.625 -3.326  1.00 16.59 ? 227 ILE B CA  1 
ATOM   788  C C   . ILE B 1 39 ? 13.801  -10.434 -4.772  1.00 18.37 ? 227 ILE B C   1 
ATOM   789  O O   . ILE B 1 39 ? 14.724  -11.149 -5.211  1.00 18.63 ? 227 ILE B O   1 
ATOM   790  C CB  . ILE B 1 39 ? 11.957  -11.414 -3.236  1.00 15.07 ? 227 ILE B CB  1 
ATOM   791  C CG1 . ILE B 1 39 ? 11.685  -11.840 -1.790  1.00 20.60 ? 227 ILE B CG1 1 
ATOM   792  C CG2 . ILE B 1 39 ? 11.995  -12.658 -4.129  1.00 18.69 ? 227 ILE B CG2 1 
ATOM   793  C CD1 . ILE B 1 39 ? 10.243  -12.104 -1.491  1.00 25.78 ? 227 ILE B CD1 1 
ATOM   794  N N   . CYS B 1 40 ? 13.240  -9.475  -5.512  1.00 17.54 ? 228 CYS B N   1 
ATOM   795  C CA  . CYS B 1 40 ? 13.680  -9.218  -6.873  1.00 19.38 ? 228 CYS B CA  1 
ATOM   796  C C   . CYS B 1 40 ? 15.118  -8.748  -6.933  1.00 23.02 ? 228 CYS B C   1 
ATOM   797  O O   . CYS B 1 40 ? 15.881  -9.195  -7.786  1.00 23.47 ? 228 CYS B O   1 
ATOM   798  C CB  . CYS B 1 40 ? 12.781  -8.193  -7.566  1.00 21.47 ? 228 CYS B CB  1 
ATOM   799  S SG  . CYS B 1 40 ? 11.113  -8.828  -7.822  1.00 19.06 ? 228 CYS B SG  1 
ATOM   800  N N   . GLN B 1 41 ? 15.481  -7.841  -6.037  1.00 19.91 ? 229 GLN B N   1 
ATOM   801  C CA  . GLN B 1 41 ? 16.830  -7.250  -6.020  1.00 23.71 ? 229 GLN B CA  1 
ATOM   802  C C   . GLN B 1 41 ? 17.876  -8.299  -5.698  1.00 26.43 ? 229 GLN B C   1 
ATOM   803  O O   . GLN B 1 41 ? 18.982  -8.261  -6.250  1.00 29.77 ? 229 GLN B O   1 
ATOM   804  C CB  . GLN B 1 41 ? 16.928  -6.117  -4.994  1.00 24.16 ? 229 GLN B CB  1 
ATOM   805  C CG  . GLN B 1 41 ? 16.076  -4.904  -5.310  1.00 32.12 ? 229 GLN B CG  1 
ATOM   806  C CD  . GLN B 1 41 ? 16.847  -3.738  -5.890  1.00 38.38 ? 229 GLN B CD  1 
ATOM   807  O OE1 . GLN B 1 41 ? 17.308  -3.794  -7.026  1.00 37.79 ? 229 GLN B OE1 1 
ATOM   808  N NE2 . GLN B 1 41 ? 16.958  -2.668  -5.118  1.00 38.65 ? 229 GLN B NE2 1 
ATOM   809  N N   . GLU B 1 42 ? 17.533  -9.224  -4.807  1.00 27.57 ? 230 GLU B N   1 
ATOM   810  C CA  . GLU B 1 42 ? 18.459  -10.292 -4.415  1.00 27.59 ? 230 GLU B CA  1 
ATOM   811  C C   . GLU B 1 42 ? 18.728  -11.210 -5.601  1.00 32.49 ? 230 GLU B C   1 
ATOM   812  O O   . GLU B 1 42 ? 19.873  -11.632 -5.800  1.00 34.14 ? 230 GLU B O   1 
ATOM   813  C CB  . GLU B 1 42 ? 17.913  -11.108 -3.237  1.00 25.11 ? 230 GLU B CB  1 
ATOM   814  C CG  . GLU B 1 42 ? 17.935  -10.368 -1.915  1.00 25.81 ? 230 GLU B CG  1 
ATOM   815  C CD  . GLU B 1 42 ? 17.123  -11.045 -0.821  1.00 34.22 ? 230 GLU B CD  1 
ATOM   816  O OE1 . GLU B 1 42 ? 16.279  -11.932 -1.112  1.00 45.70 ? 230 GLU B OE1 1 
ATOM   817  O OE2 . GLU B 1 42 ? 17.328  -10.675 0.355   1.00 46.68 ? 230 GLU B OE2 1 
ATOM   818  N N   . ASN B 1 43 ? 17.686  -11.475 -6.398  1.00 29.63 ? 231 ASN B N   1 
ATOM   819  C CA  . ASN B 1 43 ? 17.724  -12.439 -7.520  1.00 31.54 ? 231 ASN B CA  1 
ATOM   820  C C   . ASN B 1 43 ? 17.958  -11.757 -8.856  1.00 32.38 ? 231 ASN B C   1 
ATOM   821  O O   . ASN B 1 43 ? 17.654  -12.284 -9.926  1.00 32.57 ? 231 ASN B O   1 
ATOM   822  C CB  . ASN B 1 43 ? 16.434  -13.244 -7.537  1.00 32.37 ? 231 ASN B CB  1 
ATOM   823  C CG  . ASN B 1 43 ? 16.369  -14.223 -6.401  1.00 38.09 ? 231 ASN B CG  1 
ATOM   824  O OD1 . ASN B 1 43 ? 16.986  -15.280 -6.467  1.00 44.86 ? 231 ASN B OD1 1 
ATOM   825  N ND2 . ASN B 1 43 ? 15.645  -13.879 -5.338  1.00 28.62 ? 231 ASN B ND2 1 
ATOM   826  N N   . GLU B 1 44 ? 18.535  -10.575 -8.756  1.00 35.04 ? 232 GLU B N   1 
ATOM   827  C CA  . GLU B 1 44 ? 18.835  -9.704  -9.859  1.00 38.02 ? 232 GLU B CA  1 
ATOM   828  C C   . GLU B 1 44 ? 19.926  -10.339 -10.710 1.00 40.70 ? 232 GLU B C   1 
ATOM   829  O O   . GLU B 1 44 ? 20.804  -11.031 -10.185 1.00 42.58 ? 232 GLU B O   1 
ATOM   830  C CB  . GLU B 1 44 ? 19.325  -8.401  -9.239  1.00 39.25 ? 232 GLU B CB  1 
ATOM   831  C CG  . GLU B 1 44 ? 19.663  -7.242  -10.136 1.00 41.50 ? 232 GLU B CG  1 
ATOM   832  C CD  . GLU B 1 44 ? 20.125  -6.046  -9.312  1.00 42.74 ? 232 GLU B CD  1 
ATOM   833  O OE1 . GLU B 1 44 ? 20.908  -6.243  -8.346  1.00 41.98 ? 232 GLU B OE1 1 
ATOM   834  O OE2 . GLU B 1 44 ? 19.702  -4.912  -9.627  1.00 56.95 ? 232 GLU B OE2 1 
ATOM   835  N N   . GLY B 1 45 ? 19.862  -10.120 -12.016 1.00 40.39 ? 233 GLY B N   1 
ATOM   836  C CA  . GLY B 1 45 ? 20.893  -10.619 -12.925 1.00 41.95 ? 233 GLY B CA  1 
ATOM   837  C C   . GLY B 1 45 ? 20.908  -12.132 -13.106 1.00 42.90 ? 233 GLY B C   1 
ATOM   838  O O   . GLY B 1 45 ? 21.968  -12.716 -13.335 1.00 45.99 ? 233 GLY B O   1 
ATOM   839  N N   . GLU B 1 46 ? 19.743  -12.766 -12.985 1.00 41.44 ? 234 GLU B N   1 
ATOM   840  C CA  . GLU B 1 46 ? 19.604  -14.192 -13.263 1.00 40.37 ? 234 GLU B CA  1 
ATOM   841  C C   . GLU B 1 46 ? 18.644  -14.409 -14.446 1.00 36.99 ? 234 GLU B C   1 
ATOM   842  O O   . GLU B 1 46 ? 18.244  -15.538 -14.738 1.00 35.83 ? 234 GLU B O   1 
ATOM   843  C CB  . GLU B 1 46 ? 19.163  -14.947 -11.996 1.00 39.87 ? 234 GLU B CB  1 
ATOM   844  C CG  . GLU B 1 46 ? 17.675  -15.278 -11.872 1.00 45.48 ? 234 GLU B CG  1 
ATOM   845  C CD  . GLU B 1 46 ? 17.272  -15.795 -10.490 1.00 48.04 ? 234 GLU B CD  1 
ATOM   846  O OE1 . GLU B 1 46 ? 18.043  -15.600 -9.507  1.00 50.76 ? 234 GLU B OE1 1 
ATOM   847  O OE2 . GLU B 1 46 ? 16.169  -16.401 -10.393 1.00 55.23 ? 234 GLU B OE2 1 
ATOM   848  N N   . ASN B 1 47 ? 18.304  -13.315 -15.130 1.00 36.35 ? 235 ASN B N   1 
ATOM   849  C CA  . ASN B 1 47 ? 17.465  -13.331 -16.336 1.00 34.07 ? 235 ASN B CA  1 
ATOM   850  C C   . ASN B 1 47 ? 16.146  -14.135 -16.259 1.00 32.30 ? 235 ASN B C   1 
ATOM   851  O O   . ASN B 1 47 ? 15.750  -14.812 -17.208 1.00 30.53 ? 235 ASN B O   1 
ATOM   852  C CB  . ASN B 1 47 ? 18.306  -13.748 -17.552 1.00 38.25 ? 235 ASN B CB  1 
ATOM   853  C CG  . ASN B 1 47 ? 19.041  -12.570 -18.191 1.00 43.54 ? 235 ASN B CG  1 
ATOM   854  O OD1 . ASN B 1 47 ? 20.038  -12.085 -17.650 1.00 50.79 ? 235 ASN B OD1 1 
ATOM   855  N ND2 . ASN B 1 47 ? 18.553  -12.115 -19.358 1.00 46.94 ? 235 ASN B ND2 1 
ATOM   856  N N   . ASP B 1 48 ? 15.449  -14.018 -15.130 1.00 28.87 ? 236 ASP B N   1 
ATOM   857  C CA  . ASP B 1 48 ? 14.135  -14.623 -14.955 1.00 28.02 ? 236 ASP B CA  1 
ATOM   858  C C   . ASP B 1 48 ? 13.111  -13.616 -15.492 1.00 28.22 ? 236 ASP B C   1 
ATOM   859  O O   . ASP B 1 48 ? 12.955  -12.541 -14.912 1.00 25.68 ? 236 ASP B O   1 
ATOM   860  C CB  . ASP B 1 48 ? 13.908  -14.899 -13.473 1.00 27.08 ? 236 ASP B CB  1 
ATOM   861  C CG  . ASP B 1 48 ? 12.657  -15.708 -13.190 1.00 29.18 ? 236 ASP B CG  1 
ATOM   862  O OD1 . ASP B 1 48 ? 11.676  -15.643 -13.976 1.00 30.95 ? 236 ASP B OD1 1 
ATOM   863  O OD2 . ASP B 1 48 ? 12.562  -16.436 -12.162 1.00 31.34 ? 236 ASP B OD2 1 
ATOM   864  N N   . PRO B 1 49 ? 12.441  -13.925 -16.600 1.00 26.46 ? 237 PRO B N   1 
ATOM   865  C CA  . PRO B 1 49 ? 11.537  -12.961 -17.214 1.00 26.09 ? 237 PRO B CA  1 
ATOM   866  C C   . PRO B 1 49 ? 10.322  -12.654 -16.348 1.00 25.14 ? 237 PRO B C   1 
ATOM   867  O O   . PRO B 1 49 ? 9.766   -11.557 -16.441 1.00 23.57 ? 237 PRO B O   1 
ATOM   868  C CB  . PRO B 1 49 ? 11.099  -13.648 -18.516 1.00 25.73 ? 237 PRO B CB  1 
ATOM   869  C CG  . PRO B 1 49 ? 12.048  -14.749 -18.712 1.00 27.71 ? 237 PRO B CG  1 
ATOM   870  C CD  . PRO B 1 49 ? 12.462  -15.194 -17.355 1.00 29.58 ? 237 PRO B CD  1 
ATOM   871  N N   . VAL B 1 50 ? 9.895   -13.608 -15.531 1.00 25.64 ? 238 VAL B N   1 
ATOM   872  C CA  . VAL B 1 50 ? 8.751   -13.352 -14.637 1.00 23.38 ? 238 VAL B CA  1 
ATOM   873  C C   . VAL B 1 50 ? 9.143   -12.312 -13.586 1.00 23.95 ? 238 VAL B C   1 
ATOM   874  O O   . VAL B 1 50 ? 8.348   -11.429 -13.275 1.00 22.09 ? 238 VAL B O   1 
ATOM   875  C CB  . VAL B 1 50 ? 8.202   -14.642 -14.004 1.00 25.85 ? 238 VAL B CB  1 
ATOM   876  C CG1 . VAL B 1 50 ? 6.946   -14.357 -13.207 1.00 23.37 ? 238 VAL B CG1 1 
ATOM   877  C CG2 . VAL B 1 50 ? 7.888   -15.660 -15.078 1.00 30.36 ? 238 VAL B CG2 1 
ATOM   878  N N   . LEU B 1 51 ? 10.364  -12.379 -13.065 1.00 20.47 ? 239 LEU B N   1 
ATOM   879  C CA  . LEU B 1 51 ? 10.849  -11.342 -12.144 1.00 21.70 ? 239 LEU B CA  1 
ATOM   880  C C   . LEU B 1 51 ? 10.923  -9.985  -12.825 1.00 21.70 ? 239 LEU B C   1 
ATOM   881  O O   . LEU B 1 51 ? 10.696  -8.960  -12.185 1.00 21.62 ? 239 LEU B O   1 
ATOM   882  C CB  . LEU B 1 51 ? 12.221  -11.676 -11.554 1.00 21.98 ? 239 LEU B CB  1 
ATOM   883  C CG  . LEU B 1 51 ? 12.286  -12.758 -10.488 1.00 28.91 ? 239 LEU B CG  1 
ATOM   884  C CD1 . LEU B 1 51 ? 13.722  -12.893 -9.994  1.00 25.92 ? 239 LEU B CD1 1 
ATOM   885  C CD2 . LEU B 1 51 ? 11.347  -12.439 -9.335  1.00 31.12 ? 239 LEU B CD2 1 
ATOM   886  N N   . GLN B 1 52 ? 11.280  -9.965  -14.104 1.00 20.48 ? 240 GLN B N   1 
ATOM   887  C CA  . GLN B 1 52 ? 11.307  -8.721  -14.855 1.00 20.75 ? 240 GLN B CA  1 
ATOM   888  C C   . GLN B 1 52 ? 9.903   -8.107  -14.915 1.00 19.27 ? 240 GLN B C   1 
ATOM   889  O O   . GLN B 1 52 ? 9.742   -6.892  -14.750 1.00 18.94 ? 240 GLN B O   1 
ATOM   890  C CB  . GLN B 1 52 ? 11.856  -8.962  -16.266 1.00 22.15 ? 240 GLN B CB  1 
ATOM   891  C CG  . GLN B 1 52 ? 11.940  -7.720  -17.132 1.00 23.31 ? 240 GLN B CG  1 
ATOM   892  C CD  . GLN B 1 52 ? 12.873  -6.670  -16.585 1.00 26.51 ? 240 GLN B CD  1 
ATOM   893  O OE1 . GLN B 1 52 ? 13.958  -6.984  -16.098 1.00 29.93 ? 240 GLN B OE1 1 
ATOM   894  N NE2 . GLN B 1 52 ? 12.461  -5.409  -16.678 1.00 30.89 ? 240 GLN B NE2 1 
ATOM   895  N N   . ARG B 1 53 ? 8.906   -8.934  -15.184 1.00 19.40 ? 241 ARG B N   1 
ATOM   896  C CA  . ARG B 1 53 ? 7.510   -8.495  -15.143 1.00 20.10 ? 241 ARG B CA  1 
ATOM   897  C C   . ARG B 1 53 ? 7.206   -7.829  -13.807 1.00 18.99 ? 241 ARG B C   1 
ATOM   898  O O   . ARG B 1 53 ? 6.661   -6.719  -13.761 1.00 19.74 ? 241 ARG B O   1 
ATOM   899  C CB  . ARG B 1 53 ? 6.523   -9.651  -15.347 1.00 20.24 ? 241 ARG B CB  1 
ATOM   900  C CG  . ARG B 1 53 ? 6.351   -10.096 -16.765 1.00 31.18 ? 241 ARG B CG  1 
ATOM   901  C CD  . ARG B 1 53 ? 5.171   -11.033 -16.995 1.00 33.31 ? 241 ARG B CD  1 
ATOM   902  N NE  . ARG B 1 53 ? 5.399   -11.860 -18.181 1.00 39.43 ? 241 ARG B NE  1 
ATOM   903  C CZ  . ARG B 1 53 ? 5.216   -11.463 -19.443 1.00 44.43 ? 241 ARG B CZ  1 
ATOM   904  N NH1 . ARG B 1 53 ? 4.771   -10.243 -19.728 1.00 45.88 ? 241 ARG B NH1 1 
ATOM   905  N NH2 . ARG B 1 53 ? 5.482   -12.305 -20.434 1.00 46.39 ? 241 ARG B NH2 1 
ATOM   906  N N   . ILE B 1 54 ? 7.590   -8.498  -12.733 1.00 16.28 ? 242 ILE B N   1 
ATOM   907  C CA  . ILE B 1 54 ? 7.260   -8.058  -11.374 1.00 14.95 ? 242 ILE B CA  1 
ATOM   908  C C   . ILE B 1 54 ? 8.006   -6.779  -11.037 1.00 16.21 ? 242 ILE B C   1 
ATOM   909  O O   . ILE B 1 54 ? 7.411   -5.870  -10.472 1.00 15.59 ? 242 ILE B O   1 
ATOM   910  C CB  . ILE B 1 54 ? 7.524   -9.190  -10.377 1.00 15.03 ? 242 ILE B CB  1 
ATOM   911  C CG1 . ILE B 1 54 ? 6.486   -10.284 -10.605 1.00 16.61 ? 242 ILE B CG1 1 
ATOM   912  C CG2 . ILE B 1 54 ? 7.482   -8.701  -8.901  1.00 16.35 ? 242 ILE B CG2 1 
ATOM   913  C CD1 . ILE B 1 54 ? 6.701   -11.516 -9.837  1.00 17.22 ? 242 ILE B CD1 1 
ATOM   914  N N   . VAL B 1 55 ? 9.291   -6.696  -11.380 1.00 14.86 ? 243 VAL B N   1 
ATOM   915  C CA  . VAL B 1 55 ? 10.056  -5.453  -11.236 1.00 18.03 ? 243 VAL B CA  1 
ATOM   916  C C   . VAL B 1 55 ? 9.391   -4.270  -11.942 1.00 19.12 ? 243 VAL B C   1 
ATOM   917  O O   . VAL B 1 55 ? 9.333   -3.166  -11.411 1.00 19.09 ? 243 VAL B O   1 
ATOM   918  C CB  . VAL B 1 55 ? 11.516  -5.657  -11.729 1.00 20.95 ? 243 VAL B CB  1 
ATOM   919  C CG1 . VAL B 1 55 ? 12.240  -4.344  -11.923 1.00 27.14 ? 243 VAL B CG1 1 
ATOM   920  C CG2 . VAL B 1 55 ? 12.262  -6.545  -10.730 1.00 26.82 ? 243 VAL B CG2 1 
ATOM   921  N N   . ASP B 1 56 ? 8.873   -4.518  -13.132 1.00 17.83 ? 244 ASP B N   1 
ATOM   922  C CA  . ASP B 1 56 ? 8.255   -3.476  -13.917 1.00 18.76 ? 244 ASP B CA  1 
ATOM   923  C C   . ASP B 1 56 ? 6.962   -3.007  -13.243 1.00 17.56 ? 244 ASP B C   1 
ATOM   924  O O   . ASP B 1 56 ? 6.680   -1.819  -13.232 1.00 19.91 ? 244 ASP B O   1 
ATOM   925  C CB  . ASP B 1 56 ? 8.025   -3.969  -15.335 1.00 19.45 ? 244 ASP B CB  1 
ATOM   926  C CG  . ASP B 1 56 ? 9.338   -4.115  -16.124 1.00 24.21 ? 244 ASP B CG  1 
ATOM   927  O OD1 . ASP B 1 56 ? 10.351  -3.487  -15.749 1.00 24.61 ? 244 ASP B OD1 1 
ATOM   928  O OD2 . ASP B 1 56 ? 9.435   -4.823  -17.140 1.00 23.68 ? 244 ASP B OD2 1 
ATOM   929  N N   . ILE B 1 57 ? 6.199   -3.926  -12.664 1.00 14.88 ? 245 ILE B N   1 
ATOM   930  C CA  . ILE B 1 57 ? 5.002   -3.550  -11.904 1.00 16.02 ? 245 ILE B CA  1 
ATOM   931  C C   . ILE B 1 57 ? 5.429   -2.716  -10.689 1.00 16.78 ? 245 ILE B C   1 
ATOM   932  O O   . ILE B 1 57 ? 4.818   -1.686  -10.398 1.00 14.84 ? 245 ILE B O   1 
ATOM   933  C CB  . ILE B 1 57 ? 4.219   -4.789  -11.464 1.00 17.78 ? 245 ILE B CB  1 
ATOM   934  C CG1 . ILE B 1 57 ? 3.552   -5.437  -12.671 1.00 17.30 ? 245 ILE B CG1 1 
ATOM   935  C CG2 . ILE B 1 57 ? 3.126   -4.454  -10.451 1.00 17.27 ? 245 ILE B CG2 1 
ATOM   936  C CD1 . ILE B 1 57 ? 3.315   -6.849  -12.449 1.00 24.04 ? 245 ILE B CD1 1 
ATOM   937  N N   . LEU B 1 58 ? 6.488   -3.151  -10.011 1.00 14.76 ? 246 LEU B N   1 
ATOM   938  C CA  . LEU B 1 58 ? 6.939   -2.505  -8.780  1.00 15.34 ? 246 LEU B CA  1 
ATOM   939  C C   . LEU B 1 58 ? 7.350   -1.060  -8.969  1.00 18.68 ? 246 LEU B C   1 
ATOM   940  O O   . LEU B 1 58 ? 7.173   -0.266  -8.047  1.00 17.01 ? 246 LEU B O   1 
ATOM   941  C CB  . LEU B 1 58 ? 8.084   -3.284  -8.139  1.00 16.13 ? 246 LEU B CB  1 
ATOM   942  C CG  . LEU B 1 58 ? 7.727   -4.566  -7.412  1.00 15.99 ? 246 LEU B CG  1 
ATOM   943  C CD1 . LEU B 1 58 ? 9.013   -5.219  -7.031  1.00 15.11 ? 246 LEU B CD1 1 
ATOM   944  C CD2 . LEU B 1 58 ? 6.851   -4.318  -6.186  1.00 19.22 ? 246 LEU B CD2 1 
ATOM   945  N N   . TYR B 1 59 ? 7.872   -0.732  -10.147 1.00 17.79 ? 247 TYR B N   1 
ATOM   946  C CA  . TYR B 1 59 ? 8.546   0.562   -10.417 1.00 19.88 ? 247 TYR B CA  1 
ATOM   947  C C   . TYR B 1 59 ? 7.812   1.791   -9.895  1.00 18.99 ? 247 TYR B C   1 
ATOM   948  O O   . TYR B 1 59 ? 8.381   2.597   -9.116  1.00 20.43 ? 247 TYR B O   1 
ATOM   949  C CB  . TYR B 1 59 ? 8.817   0.735   -11.907 1.00 24.40 ? 247 TYR B CB  1 
ATOM   950  C CG  . TYR B 1 59 ? 9.579   1.994   -12.239 1.00 26.08 ? 247 TYR B CG  1 
ATOM   951  C CD1 . TYR B 1 59 ? 10.946  2.093   -11.981 1.00 32.01 ? 247 TYR B CD1 1 
ATOM   952  C CD2 . TYR B 1 59 ? 8.941   3.085   -12.804 1.00 29.35 ? 247 TYR B CD2 1 
ATOM   953  C CE1 . TYR B 1 59 ? 11.653  3.252   -12.284 1.00 35.30 ? 247 TYR B CE1 1 
ATOM   954  C CE2 . TYR B 1 59 ? 9.637   4.242   -13.103 1.00 32.61 ? 247 TYR B CE2 1 
ATOM   955  C CZ  . TYR B 1 59 ? 10.986  4.320   -12.844 1.00 34.62 ? 247 TYR B CZ  1 
ATOM   956  O OH  . TYR B 1 59 ? 11.669  5.483   -13.144 1.00 39.62 ? 247 TYR B OH  1 
ATOM   957  N N   . ALA B 1 60 ? 6.540   1.918   -10.259 1.00 17.02 ? 248 ALA B N   1 
ATOM   958  C CA  . ALA B 1 60 ? 5.722   3.073   -9.823  1.00 17.58 ? 248 ALA B CA  1 
ATOM   959  C C   . ALA B 1 60 ? 5.491   3.168   -8.319  1.00 18.97 ? 248 ALA B C   1 
ATOM   960  O O   . ALA B 1 60 ? 5.063   4.221   -7.839  1.00 20.05 ? 248 ALA B O   1 
ATOM   961  C CB  . ALA B 1 60 ? 4.373   3.067   -10.535 1.00 18.34 ? 248 ALA B CB  1 
ATOM   962  N N   . THR B 1 61 ? 5.724   2.072   -7.585  1.00 16.65 ? 249 THR B N   1 
ATOM   963  C CA  . THR B 1 61 ? 5.549   2.032   -6.111  1.00 17.20 ? 249 THR B CA  1 
ATOM   964  C C   . THR B 1 61 ? 6.832   2.353   -5.356  1.00 17.10 ? 249 THR B C   1 
ATOM   965  O O   . THR B 1 61 ? 6.866   2.257   -4.126  1.00 18.23 ? 249 THR B O   1 
ATOM   966  C CB  . THR B 1 61 ? 5.064   0.657   -5.606  1.00 17.81 ? 249 THR B CB  1 
ATOM   967  O OG1 . THR B 1 61 ? 6.139   -0.314  -5.659  1.00 16.81 ? 249 THR B OG1 1 
ATOM   968  C CG2 . THR B 1 61 ? 3.917   0.079   -6.459  1.00 18.82 ? 249 THR B CG2 1 
ATOM   969  N N   . ASP B 1 62 ? 7.885   2.721   -6.087  1.00 18.31 ? 250 ASP B N   1 
ATOM   970  C CA  . ASP B 1 62 ? 9.164   2.968   -5.458  1.00 17.74 ? 250 ASP B CA  1 
ATOM   971  C C   . ASP B 1 62 ? 9.102   4.130   -4.468  1.00 16.74 ? 250 ASP B C   1 
ATOM   972  O O   . ASP B 1 62 ? 8.407   5.140   -4.679  1.00 17.67 ? 250 ASP B O   1 
ATOM   973  C CB  . ASP B 1 62 ? 10.227  3.218   -6.505  1.00 20.26 ? 250 ASP B CB  1 
ATOM   974  C CG  . ASP B 1 62 ? 10.695  1.936   -7.179  1.00 30.31 ? 250 ASP B CG  1 
ATOM   975  O OD1 . ASP B 1 62 ? 10.253  0.823   -6.782  1.00 31.29 ? 250 ASP B OD1 1 
ATOM   976  O OD2 . ASP B 1 62 ? 11.514  1.949   -8.119  1.00 39.03 ? 250 ASP B OD2 1 
ATOM   977  N N   . GLU B 1 63 ? 9.874   3.991   -3.404  1.00 17.16 ? 251 GLU B N   1 
ATOM   978  C CA  . GLU B 1 63 ? 9.952   4.984   -2.342  1.00 18.03 ? 251 GLU B CA  1 
ATOM   979  C C   . GLU B 1 63 ? 10.315  6.368   -2.847  1.00 20.03 ? 251 GLU B C   1 
ATOM   980  O O   . GLU B 1 63 ? 9.797   7.366   -2.339  1.00 18.78 ? 251 GLU B O   1 
ATOM   981  C CB  . GLU B 1 63 ? 10.974  4.512   -1.304  1.00 16.75 ? 251 GLU B CB  1 
ATOM   982  C CG  . GLU B 1 63 ? 10.403  3.396   -0.452  1.00 17.37 ? 251 GLU B CG  1 
ATOM   983  C CD  . GLU B 1 63 ? 11.441  2.657   0.331   1.00 15.23 ? 251 GLU B CD  1 
ATOM   984  O OE1 . GLU B 1 63 ? 12.635  3.046   0.288   1.00 18.79 ? 251 GLU B OE1 1 
ATOM   985  O OE2 . GLU B 1 63 ? 11.044  1.708   1.019   1.00 17.28 ? 251 GLU B OE2 1 
ATOM   986  N N   . GLY B 1 64 ? 11.213  6.437   -3.821  1.00 20.90 ? 252 GLY B N   1 
ATOM   987  C CA  . GLY B 1 64 ? 11.701  7.718   -4.328  1.00 20.35 ? 252 GLY B CA  1 
ATOM   988  C C   . GLY B 1 64 ? 10.628  8.641   -4.891  1.00 24.66 ? 252 GLY B C   1 
ATOM   989  O O   . GLY B 1 64 ? 10.828  9.853   -4.949  1.00 26.43 ? 252 GLY B O   1 
ATOM   990  N N   . PHE B 1 65 ? 9.494   8.075   -5.301  1.00 23.36 ? 253 PHE B N   1 
ATOM   991  C CA  . PHE B 1 65 ? 8.358   8.864   -5.793  1.00 23.06 ? 253 PHE B CA  1 
ATOM   992  C C   . PHE B 1 65 ? 7.467   9.405   -4.674  1.00 25.44 ? 253 PHE B C   1 
ATOM   993  O O   . PHE B 1 65 ? 6.570   10.213  -4.936  1.00 29.59 ? 253 PHE B O   1 
ATOM   994  C CB  . PHE B 1 65 ? 7.489   8.013   -6.734  1.00 25.43 ? 253 PHE B CB  1 
ATOM   995  C CG  . PHE B 1 65 ? 8.181   7.603   -8.005  1.00 28.88 ? 253 PHE B CG  1 
ATOM   996  C CD1 . PHE B 1 65 ? 8.658   8.564   -8.886  1.00 35.93 ? 253 PHE B CD1 1 
ATOM   997  C CD2 . PHE B 1 65 ? 8.334   6.249   -8.334  1.00 28.08 ? 253 PHE B CD2 1 
ATOM   998  C CE1 . PHE B 1 65 ? 9.290   8.194   -10.067 1.00 32.52 ? 253 PHE B CE1 1 
ATOM   999  C CE2 . PHE B 1 65 ? 8.963   5.870   -9.518  1.00 26.60 ? 253 PHE B CE2 1 
ATOM   1000 C CZ  . PHE B 1 65 ? 9.442   6.838   -10.382 1.00 35.55 ? 253 PHE B CZ  1 
ATOM   1001 N N   . VAL B 1 66 ? 7.669   8.938   -3.445  1.00 21.20 ? 254 VAL B N   1 
ATOM   1002 C CA  . VAL B 1 66 ? 6.897   9.381   -2.292  1.00 23.34 ? 254 VAL B CA  1 
ATOM   1003 C C   . VAL B 1 66 ? 7.721   10.396  -1.491  1.00 24.75 ? 254 VAL B C   1 
ATOM   1004 O O   . VAL B 1 66 ? 7.276   11.516  -1.243  1.00 25.36 ? 254 VAL B O   1 
ATOM   1005 C CB  . VAL B 1 66 ? 6.523   8.203   -1.379  1.00 22.37 ? 254 VAL B CB  1 
ATOM   1006 C CG1 . VAL B 1 66 ? 5.661   8.673   -0.221  1.00 26.00 ? 254 VAL B CG1 1 
ATOM   1007 C CG2 . VAL B 1 66 ? 5.811   7.108   -2.172  1.00 24.87 ? 254 VAL B CG2 1 
ATOM   1008 N N   . ILE B 1 67 ? 8.923   9.984   -1.084  1.00 24.23 ? 255 ILE B N   1 
ATOM   1009 C CA  . ILE B 1 67 ? 9.887   10.874  -0.438  1.00 24.31 ? 255 ILE B CA  1 
ATOM   1010 C C   . ILE B 1 67 ? 11.191  10.805  -1.244  1.00 25.40 ? 255 ILE B C   1 
ATOM   1011 O O   . ILE B 1 67 ? 11.733  9.708   -1.445  1.00 22.15 ? 255 ILE B O   1 
ATOM   1012 C CB  . ILE B 1 67 ? 10.116  10.445  1.020   1.00 25.39 ? 255 ILE B CB  1 
ATOM   1013 C CG1 . ILE B 1 67 ? 8.794   10.497  1.795   1.00 25.96 ? 255 ILE B CG1 1 
ATOM   1014 C CG2 . ILE B 1 67 ? 11.159  11.355  1.686   1.00 23.89 ? 255 ILE B CG2 1 
ATOM   1015 C CD1 . ILE B 1 67 ? 8.838   9.811   3.133   1.00 25.80 ? 255 ILE B CD1 1 
ATOM   1016 N N   . PRO B 1 68 ? 11.685  11.933  -1.753  1.00 27.07 ? 256 PRO B N   1 
ATOM   1017 C CA  . PRO B 1 68 ? 12.852  11.881  -2.644  1.00 28.10 ? 256 PRO B CA  1 
ATOM   1018 C C   . PRO B 1 68 ? 14.076  11.219  -1.980  1.00 30.56 ? 256 PRO B C   1 
ATOM   1019 O O   . PRO B 1 68 ? 14.360  11.488  -0.807  1.00 25.92 ? 256 PRO B O   1 
ATOM   1020 C CB  . PRO B 1 68 ? 13.113  13.352  -3.003  1.00 28.57 ? 256 PRO B CB  1 
ATOM   1021 C CG  . PRO B 1 68 ? 12.290  14.159  -2.064  1.00 33.54 ? 256 PRO B CG  1 
ATOM   1022 C CD  . PRO B 1 68 ? 11.188  13.307  -1.549  1.00 28.23 ? 256 PRO B CD  1 
ATOM   1023 N N   . ASP B 1 69 ? 14.753  10.326  -2.711  1.00 32.23 ? 257 ASP B N   1 
ATOM   1024 C CA  . ASP B 1 69 ? 15.946  9.626   -2.202  1.00 34.09 ? 257 ASP B CA  1 
ATOM   1025 C C   . ASP B 1 69 ? 17.168  9.825   -3.096  1.00 35.87 ? 257 ASP B C   1 
ATOM   1026 O O   . ASP B 1 69 ? 17.276  10.853  -3.771  1.00 41.26 ? 257 ASP B O   1 
ATOM   1027 C CB  . ASP B 1 69 ? 15.675  8.133   -1.953  1.00 33.47 ? 257 ASP B CB  1 
ATOM   1028 C CG  . ASP B 1 69 ? 15.384  7.338   -3.218  1.00 38.07 ? 257 ASP B CG  1 
ATOM   1029 O OD1 . ASP B 1 69 ? 15.388  7.907   -4.341  1.00 39.81 ? 257 ASP B OD1 1 
ATOM   1030 O OD2 . ASP B 1 69 ? 15.145  6.104   -3.160  1.00 40.46 ? 257 ASP B OD2 1 
HETATM 1031 O O   . HOH C 2 .  ? -11.219 2.817   -1.566  1.00 14.06 ? 1   HOH A O   1 
HETATM 1032 O O   . HOH C 2 .  ? -2.721  -0.137  -8.553  1.00 20.13 ? 3   HOH A O   1 
HETATM 1033 O O   . HOH C 2 .  ? 8.744   -15.189 1.340   1.00 21.38 ? 4   HOH A O   1 
HETATM 1034 O O   . HOH C 2 .  ? -0.674  -8.574  -13.669 1.00 23.93 ? 11  HOH A O   1 
HETATM 1035 O O   . HOH C 2 .  ? -4.987  -4.471  -9.675  1.00 24.87 ? 13  HOH A O   1 
HETATM 1036 O O   . HOH C 2 .  ? -5.669  4.814   -6.025  1.00 25.58 ? 14  HOH A O   1 
HETATM 1037 O O   . HOH C 2 .  ? -11.499 18.184  2.990   1.00 25.75 ? 15  HOH A O   1 
HETATM 1038 O O   . HOH C 2 .  ? 3.385   5.582   -3.948  1.00 25.95 ? 16  HOH A O   1 
HETATM 1039 O O   . HOH C 2 .  ? -8.713  0.158   -7.138  1.00 26.39 ? 18  HOH A O   1 
HETATM 1040 O O   . HOH C 2 .  ? -6.961  -1.218  -6.083  1.00 26.57 ? 19  HOH A O   1 
HETATM 1041 O O   . HOH C 2 .  ? -8.815  4.503   -5.121  1.00 28.76 ? 21  HOH A O   1 
HETATM 1042 O O   . HOH C 2 .  ? 1.031   -2.248  -12.731 1.00 30.17 ? 24  HOH A O   1 
HETATM 1043 O O   . HOH C 2 .  ? -10.336 24.018  5.981   1.00 30.58 ? 25  HOH A O   1 
HETATM 1044 O O   . HOH C 2 .  ? -7.131  -11.684 -6.377  1.00 30.70 ? 26  HOH A O   1 
HETATM 1045 O O   . HOH C 2 .  ? 1.907   2.147   -12.605 1.00 31.50 ? 27  HOH A O   1 
HETATM 1046 O O   . HOH C 2 .  ? -1.989  -1.456  -10.788 1.00 32.89 ? 30  HOH A O   1 
HETATM 1047 O O   . HOH C 2 .  ? 6.411   -21.069 -10.342 1.00 32.96 ? 31  HOH A O   1 
HETATM 1048 O O   . HOH C 2 .  ? 7.270   -29.503 -6.414  1.00 36.42 ? 38  HOH A O   1 
HETATM 1049 O O   . HOH C 2 .  ? -4.643  -14.292 -9.344  1.00 37.72 ? 40  HOH A O   1 
HETATM 1050 O O   . HOH C 2 .  ? -2.793  10.035  -2.896  1.00 38.38 ? 42  HOH A O   1 
HETATM 1051 O O   . HOH C 2 .  ? 2.215   -21.969 -15.328 1.00 38.77 ? 45  HOH A O   1 
HETATM 1052 O O   . HOH C 2 .  ? 11.447  -14.779 1.082   1.00 38.86 ? 47  HOH A O   1 
HETATM 1053 O O   . HOH C 2 .  ? -8.249  23.020  13.694  1.00 38.94 ? 48  HOH A O   1 
HETATM 1054 O O   . HOH C 2 .  ? 14.681  -18.662 -3.992  1.00 39.63 ? 50  HOH A O   1 
HETATM 1055 O O   . HOH C 2 .  ? -16.142 27.590  21.425  1.00 40.39 ? 53  HOH A O   1 
HETATM 1056 O O   . HOH C 2 .  ? 4.693   -24.189 -8.178  1.00 40.77 ? 54  HOH A O   1 
HETATM 1057 O O   . HOH C 2 .  ? -4.739  1.499   -9.054  1.00 41.11 ? 57  HOH A O   1 
HETATM 1058 O O   . HOH C 2 .  ? -6.442  -13.711 -3.238  1.00 41.64 ? 59  HOH A O   1 
HETATM 1059 O O   . HOH C 2 .  ? 3.481   -9.894  8.106   1.00 41.71 ? 61  HOH A O   1 
HETATM 1060 O O   . HOH C 2 .  ? 6.026   -21.197 -7.843  1.00 42.04 ? 63  HOH A O   1 
HETATM 1061 O O   . HOH C 2 .  ? 11.913  -12.059 2.429   1.00 42.51 ? 65  HOH A O   1 
HETATM 1062 O O   . HOH C 2 .  ? 3.736   -19.480 -8.752  1.00 43.29 ? 66  HOH A O   1 
HETATM 1063 O O   . HOH C 2 .  ? -8.199  -13.661 -5.068  1.00 43.33 ? 67  HOH A O   1 
HETATM 1064 O O   . HOH C 2 .  ? -15.014 19.038  4.076   1.00 43.49 ? 68  HOH A O   1 
HETATM 1065 O O   . HOH C 2 .  ? -12.098 16.671  0.965   1.00 43.50 ? 69  HOH A O   1 
HETATM 1066 O O   . HOH C 2 .  ? -4.990  13.475  14.297  1.00 43.69 ? 71  HOH A O   1 
HETATM 1067 O O   . HOH C 2 .  ? -5.843  16.129  13.549  1.00 43.84 ? 72  HOH A O   1 
HETATM 1068 O O   . HOH C 2 .  ? -9.489  20.891  16.520  1.00 44.16 ? 75  HOH A O   1 
HETATM 1069 O O   . HOH C 2 .  ? 1.779   -15.210 7.911   1.00 44.48 ? 76  HOH A O   1 
HETATM 1070 O O   . HOH C 2 .  ? -4.078  -2.827  -12.658 1.00 44.60 ? 77  HOH A O   1 
HETATM 1071 O O   . HOH C 2 .  ? 2.369   -16.796 3.813   1.00 44.90 ? 78  HOH A O   1 
HETATM 1072 O O   . HOH C 2 .  ? 4.210   -20.205 -6.544  1.00 45.37 ? 80  HOH A O   1 
HETATM 1073 O O   . HOH C 2 .  ? -6.185  2.378   -7.415  1.00 45.38 ? 81  HOH A O   1 
HETATM 1074 O O   . HOH C 2 .  ? 2.380   -1.421  -15.075 1.00 46.34 ? 86  HOH A O   1 
HETATM 1075 O O   . HOH C 2 .  ? -10.321 17.030  18.112  1.00 46.72 ? 88  HOH A O   1 
HETATM 1076 O O   . HOH C 2 .  ? -18.214 25.675  21.306  1.00 47.06 ? 89  HOH A O   1 
HETATM 1077 O O   . HOH C 2 .  ? -0.368  10.648  2.176   1.00 47.48 ? 94  HOH A O   1 
HETATM 1078 O O   . HOH C 2 .  ? 3.692   -11.941 10.825  1.00 48.28 ? 97  HOH A O   1 
HETATM 1079 O O   . HOH C 2 .  ? 14.990  -16.210 2.849   1.00 48.28 ? 98  HOH A O   1 
HETATM 1080 O O   . HOH C 2 .  ? -2.083  -11.351 -17.899 1.00 48.29 ? 99  HOH A O   1 
HETATM 1081 O O   . HOH C 2 .  ? -0.548  -15.971 -6.727  1.00 48.52 ? 100 HOH A O   1 
HETATM 1082 O O   . HOH C 2 .  ? -18.285 27.011  18.857  1.00 49.62 ? 104 HOH A O   1 
HETATM 1083 O O   . HOH C 2 .  ? 14.951  -20.801 -2.680  1.00 49.83 ? 105 HOH A O   1 
HETATM 1084 O O   . HOH C 2 .  ? 1.665   -18.780 1.544   1.00 50.74 ? 110 HOH A O   1 
HETATM 1085 O O   . HOH C 2 .  ? -0.390  -18.798 -6.642  1.00 50.97 ? 111 HOH A O   1 
HETATM 1086 O O   . HOH C 2 .  ? -9.257  27.182  7.123   1.00 51.65 ? 112 HOH A O   1 
HETATM 1087 O O   . HOH C 2 .  ? -0.630  11.907  -2.097  1.00 53.31 ? 115 HOH A O   1 
HETATM 1088 O O   . HOH C 2 .  ? -16.781 15.938  1.591   1.00 54.15 ? 116 HOH A O   1 
HETATM 1089 O O   . HOH C 2 .  ? 1.146   -15.812 10.374  1.00 55.51 ? 118 HOH A O   1 
HETATM 1090 O O   . HOH D 2 .  ? 11.520  1.471   -3.342  1.00 16.48 ? 2   HOH B O   1 
HETATM 1091 O O   . HOH D 2 .  ? 4.086   3.095   3.564   1.00 21.50 ? 5   HOH B O   1 
HETATM 1092 O O   . HOH D 2 .  ? 2.878   5.801   8.098   1.00 22.10 ? 6   HOH B O   1 
HETATM 1093 O O   . HOH D 2 .  ? 6.325   2.212   5.059   1.00 22.50 ? 7   HOH B O   1 
HETATM 1094 O O   . HOH D 2 .  ? 5.190   0.459   -12.405 1.00 22.58 ? 8   HOH B O   1 
HETATM 1095 O O   . HOH D 2 .  ? 5.661   5.408   -5.446  1.00 22.67 ? 9   HOH B O   1 
HETATM 1096 O O   . HOH D 2 .  ? 3.774   -5.995  5.235   1.00 22.98 ? 10  HOH B O   1 
HETATM 1097 O O   . HOH D 2 .  ? 5.523   -0.391  5.350   1.00 24.26 ? 12  HOH B O   1 
HETATM 1098 O O   . HOH D 2 .  ? 2.225   9.537   5.097   1.00 25.98 ? 17  HOH B O   1 
HETATM 1099 O O   . HOH D 2 .  ? -25.140 21.923  23.537  1.00 28.22 ? 20  HOH B O   1 
HETATM 1100 O O   . HOH D 2 .  ? 14.110  1.168   -5.287  1.00 29.05 ? 22  HOH B O   1 
HETATM 1101 O O   . HOH D 2 .  ? 0.881   -1.551  9.064   1.00 29.40 ? 23  HOH B O   1 
HETATM 1102 O O   . HOH D 2 .  ? -1.958  3.757   12.332  1.00 31.70 ? 28  HOH B O   1 
HETATM 1103 O O   . HOH D 2 .  ? 15.219  -10.675 -14.102 1.00 32.88 ? 29  HOH B O   1 
HETATM 1104 O O   . HOH D 2 .  ? 15.258  -8.379  -10.222 1.00 33.15 ? 32  HOH B O   1 
HETATM 1105 O O   . HOH D 2 .  ? -16.745 10.114  19.826  1.00 33.77 ? 33  HOH B O   1 
HETATM 1106 O O   . HOH D 2 .  ? -5.398  9.443   13.609  1.00 34.07 ? 34  HOH B O   1 
HETATM 1107 O O   . HOH D 2 .  ? 3.353   -8.830  5.075   1.00 34.18 ? 35  HOH B O   1 
HETATM 1108 O O   . HOH D 2 .  ? 8.957   -3.809  4.271   1.00 34.60 ? 36  HOH B O   1 
HETATM 1109 O O   . HOH D 2 .  ? 11.025  -1.577  -9.927  1.00 35.90 ? 37  HOH B O   1 
HETATM 1110 O O   . HOH D 2 .  ? -27.126 20.049  22.655  1.00 36.99 ? 39  HOH B O   1 
HETATM 1111 O O   . HOH D 2 .  ? -0.635  7.153   13.570  1.00 37.79 ? 41  HOH B O   1 
HETATM 1112 O O   . HOH D 2 .  ? -10.718 8.725   17.394  1.00 38.47 ? 43  HOH B O   1 
HETATM 1113 O O   . HOH D 2 .  ? 3.289   -2.739  8.287   1.00 38.53 ? 44  HOH B O   1 
HETATM 1114 O O   . HOH D 2 .  ? 1.704   2.013   10.166  1.00 38.80 ? 46  HOH B O   1 
HETATM 1115 O O   . HOH D 2 .  ? -21.298 13.789  13.830  1.00 39.24 ? 49  HOH B O   1 
HETATM 1116 O O   . HOH D 2 .  ? -14.062 5.048   12.218  1.00 39.71 ? 51  HOH B O   1 
HETATM 1117 O O   . HOH D 2 .  ? 16.551  -12.182 -12.398 1.00 39.82 ? 52  HOH B O   1 
HETATM 1118 O O   . HOH D 2 .  ? 13.788  10.353  -5.355  1.00 40.82 ? 55  HOH B O   1 
HETATM 1119 O O   . HOH D 2 .  ? 21.898  -11.442 -7.926  1.00 40.95 ? 56  HOH B O   1 
HETATM 1120 O O   . HOH D 2 .  ? -20.432 9.326   13.912  1.00 41.53 ? 58  HOH B O   1 
HETATM 1121 O O   . HOH D 2 .  ? 11.361  -1.033  -14.366 1.00 41.64 ? 60  HOH B O   1 
HETATM 1122 O O   . HOH D 2 .  ? -10.779 -0.249  6.215   1.00 42.04 ? 62  HOH B O   1 
HETATM 1123 O O   . HOH D 2 .  ? -13.570 3.456   8.894   1.00 42.44 ? 64  HOH B O   1 
HETATM 1124 O O   . HOH D 2 .  ? -8.164  7.866   17.835  1.00 43.63 ? 70  HOH B O   1 
HETATM 1125 O O   . HOH D 2 .  ? 14.609  -8.618  -13.168 1.00 43.88 ? 73  HOH B O   1 
HETATM 1126 O O   . HOH D 2 .  ? 6.687   -12.715 5.125   1.00 43.91 ? 74  HOH B O   1 
HETATM 1127 O O   . HOH D 2 .  ? -24.324 25.031  17.089  1.00 44.98 ? 79  HOH B O   1 
HETATM 1128 O O   . HOH D 2 .  ? -21.173 24.643  19.176  1.00 45.47 ? 82  HOH B O   1 
HETATM 1129 O O   . HOH D 2 .  ? 18.408  -10.337 -15.044 1.00 45.53 ? 83  HOH B O   1 
HETATM 1130 O O   . HOH D 2 .  ? 13.405  3.710   -4.418  1.00 45.61 ? 84  HOH B O   1 
HETATM 1131 O O   . HOH D 2 .  ? -25.974 24.824  23.503  1.00 46.11 ? 85  HOH B O   1 
HETATM 1132 O O   . HOH D 2 .  ? 5.500   -9.778  3.997   1.00 46.58 ? 87  HOH B O   1 
HETATM 1133 O O   . HOH D 2 .  ? 3.325   -13.843 -17.110 1.00 47.09 ? 90  HOH B O   1 
HETATM 1134 O O   . HOH D 2 .  ? 7.945   0.061   -15.277 1.00 47.18 ? 91  HOH B O   1 
HETATM 1135 O O   . HOH D 2 .  ? 7.610   -14.876 3.830   1.00 47.18 ? 92  HOH B O   1 
HETATM 1136 O O   . HOH D 2 .  ? 4.393   6.930   -8.873  1.00 47.28 ? 93  HOH B O   1 
HETATM 1137 O O   . HOH D 2 .  ? 15.945  -14.593 -2.164  1.00 47.50 ? 95  HOH B O   1 
HETATM 1138 O O   . HOH D 2 .  ? 7.833   -13.933 -20.728 1.00 47.85 ? 96  HOH B O   1 
HETATM 1139 O O   . HOH D 2 .  ? 14.434  -13.700 -0.078  1.00 48.72 ? 101 HOH B O   1 
HETATM 1140 O O   . HOH D 2 .  ? -8.113  15.873  18.065  1.00 48.89 ? 102 HOH B O   1 
HETATM 1141 O O   . HOH D 2 .  ? 12.502  -5.993  2.607   1.00 49.44 ? 103 HOH B O   1 
HETATM 1142 O O   . HOH D 2 .  ? -21.496 20.243  9.780   1.00 49.84 ? 106 HOH B O   1 
HETATM 1143 O O   . HOH D 2 .  ? 18.402  -0.226  -6.184  1.00 50.41 ? 107 HOH B O   1 
HETATM 1144 O O   . HOH D 2 .  ? 14.958  -3.612  -15.202 1.00 50.66 ? 108 HOH B O   1 
HETATM 1145 O O   . HOH D 2 .  ? -6.266  -1.701  9.913   1.00 50.73 ? 109 HOH B O   1 
HETATM 1146 O O   . HOH D 2 .  ? 13.362  3.595   -9.645  1.00 53.12 ? 113 HOH B O   1 
HETATM 1147 O O   . HOH D 2 .  ? 15.518  -12.188 1.721   1.00 53.27 ? 114 HOH B O   1 
HETATM 1148 O O   . HOH D 2 .  ? 2.804   4.000   12.664  1.00 54.18 ? 117 HOH B O   1 
HETATM 1149 O O   . HOH D 2 .  ? -7.713  3.062   18.862  1.00 56.96 ? 119 HOH B O   1 
# 
